data_1V76
# 
_entry.id   1V76 
# 
_audit_conform.dict_name       mmcif_pdbx.dic 
_audit_conform.dict_version    5.383 
_audit_conform.dict_location   http://mmcif.pdb.org/dictionaries/ascii/mmcif_pdbx.dic 
# 
loop_
_database_2.database_id 
_database_2.database_code 
_database_2.pdbx_database_accession 
_database_2.pdbx_DOI 
PDB   1V76         pdb_00001v76 10.2210/pdb1v76/pdb 
RCSB  RCSB006291   ?            ?                   
WWPDB D_1000006291 ?            ?                   
# 
loop_
_pdbx_audit_revision_history.ordinal 
_pdbx_audit_revision_history.data_content_type 
_pdbx_audit_revision_history.major_revision 
_pdbx_audit_revision_history.minor_revision 
_pdbx_audit_revision_history.revision_date 
1 'Structure model' 1 0 2004-10-05 
2 'Structure model' 1 1 2008-04-27 
3 'Structure model' 1 2 2011-07-13 
4 'Structure model' 1 3 2021-11-10 
5 'Structure model' 1 4 2023-12-27 
# 
_pdbx_audit_revision_details.ordinal             1 
_pdbx_audit_revision_details.revision_ordinal    1 
_pdbx_audit_revision_details.data_content_type   'Structure model' 
_pdbx_audit_revision_details.provider            repository 
_pdbx_audit_revision_details.type                'Initial release' 
_pdbx_audit_revision_details.description         ? 
_pdbx_audit_revision_details.details             ? 
# 
loop_
_pdbx_audit_revision_group.ordinal 
_pdbx_audit_revision_group.revision_ordinal 
_pdbx_audit_revision_group.data_content_type 
_pdbx_audit_revision_group.group 
1 2 'Structure model' 'Version format compliance' 
2 3 'Structure model' 'Version format compliance' 
3 4 'Structure model' 'Database references'       
4 4 'Structure model' 'Derived calculations'      
5 5 'Structure model' 'Data collection'           
# 
loop_
_pdbx_audit_revision_category.ordinal 
_pdbx_audit_revision_category.revision_ordinal 
_pdbx_audit_revision_category.data_content_type 
_pdbx_audit_revision_category.category 
1 4 'Structure model' database_2         
2 4 'Structure model' struct_ref_seq_dif 
3 4 'Structure model' struct_site        
4 5 'Structure model' chem_comp_atom     
5 5 'Structure model' chem_comp_bond     
# 
loop_
_pdbx_audit_revision_item.ordinal 
_pdbx_audit_revision_item.revision_ordinal 
_pdbx_audit_revision_item.data_content_type 
_pdbx_audit_revision_item.item 
1 4 'Structure model' '_database_2.pdbx_DOI'                
2 4 'Structure model' '_database_2.pdbx_database_accession' 
3 4 'Structure model' '_struct_ref_seq_dif.details'         
4 4 'Structure model' '_struct_site.pdbx_auth_asym_id'      
5 4 'Structure model' '_struct_site.pdbx_auth_comp_id'      
6 4 'Structure model' '_struct_site.pdbx_auth_seq_id'       
# 
_pdbx_database_status.status_code                     REL 
_pdbx_database_status.entry_id                        1V76 
_pdbx_database_status.recvd_initial_deposition_date   2003-12-12 
_pdbx_database_status.deposit_site                    PDBJ 
_pdbx_database_status.process_site                    PDBJ 
_pdbx_database_status.status_code_sf                  REL 
_pdbx_database_status.SG_entry                        . 
_pdbx_database_status.pdb_format_compatible           Y 
_pdbx_database_status.status_code_mr                  ? 
_pdbx_database_status.status_code_cs                  ? 
_pdbx_database_status.status_code_nmr_data            ? 
_pdbx_database_status.methods_development_category    ? 
# 
_pdbx_database_related.db_name        PDB 
_pdbx_database_related.db_id          1PC0 
_pdbx_database_related.details        'Archaeal Homologue Of RNase P Protein Rpp29' 
_pdbx_database_related.content_type   unspecified 
# 
loop_
_audit_author.name 
_audit_author.pdbx_ordinal 
'Numata, T.' 1 
'Kakuta, Y.' 2 
'Kimura, M.' 3 
# 
_citation.id                        primary 
_citation.title                     
;Crystal structure of archaeal ribonuclease P protein Ph1771p from Pyrococcus horikoshii OT3: an archaeal homolog of eukaryotic ribonuclease P protein Rpp29
;
_citation.journal_abbrev            Rna 
_citation.journal_volume            10 
_citation.page_first                1423 
_citation.page_last                 1432 
_citation.year                      2004 
_citation.journal_id_ASTM           RNARFU 
_citation.country                   UK 
_citation.journal_id_ISSN           1355-8382 
_citation.journal_id_CSD            2122 
_citation.book_publisher            ? 
_citation.pdbx_database_id_PubMed   15317976 
_citation.pdbx_database_id_DOI      10.1261/rna.7560904 
# 
loop_
_citation_author.citation_id 
_citation_author.name 
_citation_author.ordinal 
_citation_author.identifier_ORCID 
primary 'Numata, T.'    1 ? 
primary 'Ishimatsu, I.' 2 ? 
primary 'Kakuta, Y.'    3 ? 
primary 'Tanaka, I.'    4 ? 
primary 'Kimura, M.'    5 ? 
# 
loop_
_entity.id 
_entity.type 
_entity.src_method 
_entity.pdbx_description 
_entity.formula_weight 
_entity.pdbx_number_of_molecules 
_entity.pdbx_ec 
_entity.pdbx_mutation 
_entity.pdbx_fragment 
_entity.details 
1 polymer     man 'RNase P protein Ph1771p' 11196.147 2   3.1.26.5 C93S 'core region' ? 
2 non-polymer syn 'SULFATE ION'             96.063    2   ?        ?    ?             ? 
3 water       nat water                     18.015    144 ?        ?    ?             ? 
# 
_entity_poly.entity_id                      1 
_entity_poly.type                           'polypeptide(L)' 
_entity_poly.nstd_linkage                   no 
_entity_poly.nstd_monomer                   no 
_entity_poly.pdbx_seq_one_letter_code       
;GAHRGRVTRRNIIWHELIGLRVRIVGSTHPAFVGIEGYVIDETRNMLVIAGDRIWKVPKDVSIFEFEADDGTKIKIPGER
LVGRPEMRLKKRWKKW
;
_entity_poly.pdbx_seq_one_letter_code_can   
;GAHRGRVTRRNIIWHELIGLRVRIVGSTHPAFVGIEGYVIDETRNMLVIAGDRIWKVPKDVSIFEFEADDGTKIKIPGER
LVGRPEMRLKKRWKKW
;
_entity_poly.pdbx_strand_id                 A,B 
_entity_poly.pdbx_target_identifier         ? 
# 
loop_
_pdbx_entity_nonpoly.entity_id 
_pdbx_entity_nonpoly.name 
_pdbx_entity_nonpoly.comp_id 
2 'SULFATE ION' SO4 
3 water         HOH 
# 
loop_
_entity_poly_seq.entity_id 
_entity_poly_seq.num 
_entity_poly_seq.mon_id 
_entity_poly_seq.hetero 
1 1  GLY n 
1 2  ALA n 
1 3  HIS n 
1 4  ARG n 
1 5  GLY n 
1 6  ARG n 
1 7  VAL n 
1 8  THR n 
1 9  ARG n 
1 10 ARG n 
1 11 ASN n 
1 12 ILE n 
1 13 ILE n 
1 14 TRP n 
1 15 HIS n 
1 16 GLU n 
1 17 LEU n 
1 18 ILE n 
1 19 GLY n 
1 20 LEU n 
1 21 ARG n 
1 22 VAL n 
1 23 ARG n 
1 24 ILE n 
1 25 VAL n 
1 26 GLY n 
1 27 SER n 
1 28 THR n 
1 29 HIS n 
1 30 PRO n 
1 31 ALA n 
1 32 PHE n 
1 33 VAL n 
1 34 GLY n 
1 35 ILE n 
1 36 GLU n 
1 37 GLY n 
1 38 TYR n 
1 39 VAL n 
1 40 ILE n 
1 41 ASP n 
1 42 GLU n 
1 43 THR n 
1 44 ARG n 
1 45 ASN n 
1 46 MET n 
1 47 LEU n 
1 48 VAL n 
1 49 ILE n 
1 50 ALA n 
1 51 GLY n 
1 52 ASP n 
1 53 ARG n 
1 54 ILE n 
1 55 TRP n 
1 56 LYS n 
1 57 VAL n 
1 58 PRO n 
1 59 LYS n 
1 60 ASP n 
1 61 VAL n 
1 62 SER n 
1 63 ILE n 
1 64 PHE n 
1 65 GLU n 
1 66 PHE n 
1 67 GLU n 
1 68 ALA n 
1 69 ASP n 
1 70 ASP n 
1 71 GLY n 
1 72 THR n 
1 73 LYS n 
1 74 ILE n 
1 75 LYS n 
1 76 ILE n 
1 77 PRO n 
1 78 GLY n 
1 79 GLU n 
1 80 ARG n 
1 81 LEU n 
1 82 VAL n 
1 83 GLY n 
1 84 ARG n 
1 85 PRO n 
1 86 GLU n 
1 87 MET n 
1 88 ARG n 
1 89 LEU n 
1 90 LYS n 
1 91 LYS n 
1 92 ARG n 
1 93 TRP n 
1 94 LYS n 
1 95 LYS n 
1 96 TRP n 
# 
_entity_src_gen.entity_id                          1 
_entity_src_gen.pdbx_src_id                        1 
_entity_src_gen.pdbx_alt_source_flag               sample 
_entity_src_gen.pdbx_seq_type                      ? 
_entity_src_gen.pdbx_beg_seq_num                   ? 
_entity_src_gen.pdbx_end_seq_num                   ? 
_entity_src_gen.gene_src_common_name               ? 
_entity_src_gen.gene_src_genus                     Pyrococcus 
_entity_src_gen.pdbx_gene_src_gene                 PH1771 
_entity_src_gen.gene_src_species                   ? 
_entity_src_gen.gene_src_strain                    ? 
_entity_src_gen.gene_src_tissue                    ? 
_entity_src_gen.gene_src_tissue_fraction           ? 
_entity_src_gen.gene_src_details                   ? 
_entity_src_gen.pdbx_gene_src_fragment             ? 
_entity_src_gen.pdbx_gene_src_scientific_name      'Pyrococcus horikoshii' 
_entity_src_gen.pdbx_gene_src_ncbi_taxonomy_id     53953 
_entity_src_gen.pdbx_gene_src_variant              ? 
_entity_src_gen.pdbx_gene_src_cell_line            ? 
_entity_src_gen.pdbx_gene_src_atcc                 ? 
_entity_src_gen.pdbx_gene_src_organ                ? 
_entity_src_gen.pdbx_gene_src_organelle            ? 
_entity_src_gen.pdbx_gene_src_cell                 ? 
_entity_src_gen.pdbx_gene_src_cellular_location    ? 
_entity_src_gen.host_org_common_name               ? 
_entity_src_gen.pdbx_host_org_scientific_name      'Escherichia coli' 
_entity_src_gen.pdbx_host_org_ncbi_taxonomy_id     562 
_entity_src_gen.host_org_genus                     Escherichia 
_entity_src_gen.pdbx_host_org_gene                 ? 
_entity_src_gen.pdbx_host_org_organ                ? 
_entity_src_gen.host_org_species                   ? 
_entity_src_gen.pdbx_host_org_tissue               ? 
_entity_src_gen.pdbx_host_org_tissue_fraction      ? 
_entity_src_gen.pdbx_host_org_strain               'B834(DE3)' 
_entity_src_gen.pdbx_host_org_variant              ? 
_entity_src_gen.pdbx_host_org_cell_line            ? 
_entity_src_gen.pdbx_host_org_atcc                 ? 
_entity_src_gen.pdbx_host_org_culture_collection   ? 
_entity_src_gen.pdbx_host_org_cell                 ? 
_entity_src_gen.pdbx_host_org_organelle            ? 
_entity_src_gen.pdbx_host_org_cellular_location    ? 
_entity_src_gen.pdbx_host_org_vector_type          plasmid 
_entity_src_gen.pdbx_host_org_vector               ? 
_entity_src_gen.host_org_details                   ? 
_entity_src_gen.expression_system_id               ? 
_entity_src_gen.plasmid_name                       pET-22b 
_entity_src_gen.plasmid_details                    ? 
_entity_src_gen.pdbx_description                   ? 
# 
loop_
_chem_comp.id 
_chem_comp.type 
_chem_comp.mon_nstd_flag 
_chem_comp.name 
_chem_comp.pdbx_synonyms 
_chem_comp.formula 
_chem_comp.formula_weight 
ALA 'L-peptide linking' y ALANINE         ? 'C3 H7 N O2'     89.093  
ARG 'L-peptide linking' y ARGININE        ? 'C6 H15 N4 O2 1' 175.209 
ASN 'L-peptide linking' y ASPARAGINE      ? 'C4 H8 N2 O3'    132.118 
ASP 'L-peptide linking' y 'ASPARTIC ACID' ? 'C4 H7 N O4'     133.103 
CYS 'L-peptide linking' y CYSTEINE        ? 'C3 H7 N O2 S'   121.158 
GLU 'L-peptide linking' y 'GLUTAMIC ACID' ? 'C5 H9 N O4'     147.129 
GLY 'peptide linking'   y GLYCINE         ? 'C2 H5 N O2'     75.067  
HIS 'L-peptide linking' y HISTIDINE       ? 'C6 H10 N3 O2 1' 156.162 
HOH non-polymer         . WATER           ? 'H2 O'           18.015  
ILE 'L-peptide linking' y ISOLEUCINE      ? 'C6 H13 N O2'    131.173 
LEU 'L-peptide linking' y LEUCINE         ? 'C6 H13 N O2'    131.173 
LYS 'L-peptide linking' y LYSINE          ? 'C6 H15 N2 O2 1' 147.195 
MET 'L-peptide linking' y METHIONINE      ? 'C5 H11 N O2 S'  149.211 
PHE 'L-peptide linking' y PHENYLALANINE   ? 'C9 H11 N O2'    165.189 
PRO 'L-peptide linking' y PROLINE         ? 'C5 H9 N O2'     115.130 
SER 'L-peptide linking' y SERINE          ? 'C3 H7 N O3'     105.093 
SO4 non-polymer         . 'SULFATE ION'   ? 'O4 S -2'        96.063  
THR 'L-peptide linking' y THREONINE       ? 'C4 H9 N O3'     119.119 
TRP 'L-peptide linking' y TRYPTOPHAN      ? 'C11 H12 N2 O2'  204.225 
TYR 'L-peptide linking' y TYROSINE        ? 'C9 H11 N O3'    181.189 
VAL 'L-peptide linking' y VALINE          ? 'C5 H11 N O2'    117.146 
# 
loop_
_pdbx_poly_seq_scheme.asym_id 
_pdbx_poly_seq_scheme.entity_id 
_pdbx_poly_seq_scheme.seq_id 
_pdbx_poly_seq_scheme.mon_id 
_pdbx_poly_seq_scheme.ndb_seq_num 
_pdbx_poly_seq_scheme.pdb_seq_num 
_pdbx_poly_seq_scheme.auth_seq_num 
_pdbx_poly_seq_scheme.pdb_mon_id 
_pdbx_poly_seq_scheme.auth_mon_id 
_pdbx_poly_seq_scheme.pdb_strand_id 
_pdbx_poly_seq_scheme.pdb_ins_code 
_pdbx_poly_seq_scheme.hetero 
A 1 1  GLY 1  32  ?   ?   ?   A . n 
A 1 2  ALA 2  33  ?   ?   ?   A . n 
A 1 3  HIS 3  34  ?   ?   ?   A . n 
A 1 4  ARG 4  35  ?   ?   ?   A . n 
A 1 5  GLY 5  36  36  GLY GLY A . n 
A 1 6  ARG 6  37  37  ARG ARG A . n 
A 1 7  VAL 7  38  38  VAL VAL A . n 
A 1 8  THR 8  39  39  THR THR A . n 
A 1 9  ARG 9  40  40  ARG ARG A . n 
A 1 10 ARG 10 41  41  ARG ARG A . n 
A 1 11 ASN 11 42  42  ASN ASN A . n 
A 1 12 ILE 12 43  43  ILE ILE A . n 
A 1 13 ILE 13 44  44  ILE ILE A . n 
A 1 14 TRP 14 45  45  TRP TRP A . n 
A 1 15 HIS 15 46  46  HIS HIS A . n 
A 1 16 GLU 16 47  47  GLU GLU A . n 
A 1 17 LEU 17 48  48  LEU LEU A . n 
A 1 18 ILE 18 49  49  ILE ILE A . n 
A 1 19 GLY 19 50  50  GLY GLY A . n 
A 1 20 LEU 20 51  51  LEU LEU A . n 
A 1 21 ARG 21 52  52  ARG ARG A . n 
A 1 22 VAL 22 53  53  VAL VAL A . n 
A 1 23 ARG 23 54  54  ARG ARG A . n 
A 1 24 ILE 24 55  55  ILE ILE A . n 
A 1 25 VAL 25 56  56  VAL VAL A . n 
A 1 26 GLY 26 57  57  GLY GLY A . n 
A 1 27 SER 27 58  58  SER SER A . n 
A 1 28 THR 28 59  59  THR THR A . n 
A 1 29 HIS 29 60  60  HIS HIS A . n 
A 1 30 PRO 30 61  61  PRO PRO A . n 
A 1 31 ALA 31 62  62  ALA ALA A . n 
A 1 32 PHE 32 63  63  PHE PHE A . n 
A 1 33 VAL 33 64  64  VAL VAL A . n 
A 1 34 GLY 34 65  65  GLY GLY A . n 
A 1 35 ILE 35 66  66  ILE ILE A . n 
A 1 36 GLU 36 67  67  GLU GLU A . n 
A 1 37 GLY 37 68  68  GLY GLY A . n 
A 1 38 TYR 38 69  69  TYR TYR A . n 
A 1 39 VAL 39 70  70  VAL VAL A . n 
A 1 40 ILE 40 71  71  ILE ILE A . n 
A 1 41 ASP 41 72  72  ASP ASP A . n 
A 1 42 GLU 42 73  73  GLU GLU A . n 
A 1 43 THR 43 74  74  THR THR A . n 
A 1 44 ARG 44 75  75  ARG ARG A . n 
A 1 45 ASN 45 76  76  ASN ASN A . n 
A 1 46 MET 46 77  77  MET MET A . n 
A 1 47 LEU 47 78  78  LEU LEU A . n 
A 1 48 VAL 48 79  79  VAL VAL A . n 
A 1 49 ILE 49 80  80  ILE ILE A . n 
A 1 50 ALA 50 81  81  ALA ALA A . n 
A 1 51 GLY 51 82  82  GLY GLY A . n 
A 1 52 ASP 52 83  83  ASP ASP A . n 
A 1 53 ARG 53 84  84  ARG ARG A . n 
A 1 54 ILE 54 85  85  ILE ILE A . n 
A 1 55 TRP 55 86  86  TRP TRP A . n 
A 1 56 LYS 56 87  87  LYS LYS A . n 
A 1 57 VAL 57 88  88  VAL VAL A . n 
A 1 58 PRO 58 89  89  PRO PRO A . n 
A 1 59 LYS 59 90  90  LYS LYS A . n 
A 1 60 ASP 60 91  91  ASP ASP A . n 
A 1 61 VAL 61 92  92  VAL VAL A . n 
A 1 62 SER 62 93  93  SER SER A . n 
A 1 63 ILE 63 94  94  ILE ILE A . n 
A 1 64 PHE 64 95  95  PHE PHE A . n 
A 1 65 GLU 65 96  96  GLU GLU A . n 
A 1 66 PHE 66 97  97  PHE PHE A . n 
A 1 67 GLU 67 98  98  GLU GLU A . n 
A 1 68 ALA 68 99  99  ALA ALA A . n 
A 1 69 ASP 69 100 100 ASP ASP A . n 
A 1 70 ASP 70 101 101 ASP ASP A . n 
A 1 71 GLY 71 102 102 GLY GLY A . n 
A 1 72 THR 72 103 103 THR THR A . n 
A 1 73 LYS 73 104 104 LYS LYS A . n 
A 1 74 ILE 74 105 105 ILE ILE A . n 
A 1 75 LYS 75 106 106 LYS LYS A . n 
A 1 76 ILE 76 107 107 ILE ILE A . n 
A 1 77 PRO 77 108 108 PRO PRO A . n 
A 1 78 GLY 78 109 109 GLY GLY A . n 
A 1 79 GLU 79 110 110 GLU GLU A . n 
A 1 80 ARG 80 111 111 ARG ARG A . n 
A 1 81 LEU 81 112 112 LEU LEU A . n 
A 1 82 VAL 82 113 113 VAL VAL A . n 
A 1 83 GLY 83 114 114 GLY GLY A . n 
A 1 84 ARG 84 115 115 ARG ARG A . n 
A 1 85 PRO 85 116 116 PRO PRO A . n 
A 1 86 GLU 86 117 117 GLU GLU A . n 
A 1 87 MET 87 118 118 MET MET A . n 
A 1 88 ARG 88 119 119 ARG ARG A . n 
A 1 89 LEU 89 120 120 LEU LEU A . n 
A 1 90 LYS 90 121 121 LYS LYS A . n 
A 1 91 LYS 91 122 122 LYS LYS A . n 
A 1 92 ARG 92 123 123 ARG ARG A . n 
A 1 93 TRP 93 124 124 TRP TRP A . n 
A 1 94 LYS 94 125 125 LYS LYS A . n 
A 1 95 LYS 95 126 126 LYS LYS A . n 
A 1 96 TRP 96 127 127 TRP TRP A . n 
B 1 1  GLY 1  32  ?   ?   ?   B . n 
B 1 2  ALA 2  33  ?   ?   ?   B . n 
B 1 3  HIS 3  34  ?   ?   ?   B . n 
B 1 4  ARG 4  35  ?   ?   ?   B . n 
B 1 5  GLY 5  36  ?   ?   ?   B . n 
B 1 6  ARG 6  37  37  ARG ARG B . n 
B 1 7  VAL 7  38  38  VAL VAL B . n 
B 1 8  THR 8  39  39  THR THR B . n 
B 1 9  ARG 9  40  40  ARG ARG B . n 
B 1 10 ARG 10 41  41  ARG ARG B . n 
B 1 11 ASN 11 42  42  ASN ASN B . n 
B 1 12 ILE 12 43  43  ILE ILE B . n 
B 1 13 ILE 13 44  44  ILE ILE B . n 
B 1 14 TRP 14 45  45  TRP TRP B . n 
B 1 15 HIS 15 46  46  HIS HIS B . n 
B 1 16 GLU 16 47  47  GLU GLU B . n 
B 1 17 LEU 17 48  48  LEU LEU B . n 
B 1 18 ILE 18 49  49  ILE ILE B . n 
B 1 19 GLY 19 50  50  GLY GLY B . n 
B 1 20 LEU 20 51  51  LEU LEU B . n 
B 1 21 ARG 21 52  52  ARG ARG B . n 
B 1 22 VAL 22 53  53  VAL VAL B . n 
B 1 23 ARG 23 54  54  ARG ARG B . n 
B 1 24 ILE 24 55  55  ILE ILE B . n 
B 1 25 VAL 25 56  56  VAL VAL B . n 
B 1 26 GLY 26 57  57  GLY GLY B . n 
B 1 27 SER 27 58  58  SER SER B . n 
B 1 28 THR 28 59  59  THR THR B . n 
B 1 29 HIS 29 60  60  HIS HIS B . n 
B 1 30 PRO 30 61  61  PRO PRO B . n 
B 1 31 ALA 31 62  62  ALA ALA B . n 
B 1 32 PHE 32 63  63  PHE PHE B . n 
B 1 33 VAL 33 64  64  VAL VAL B . n 
B 1 34 GLY 34 65  65  GLY GLY B . n 
B 1 35 ILE 35 66  66  ILE ILE B . n 
B 1 36 GLU 36 67  67  GLU GLU B . n 
B 1 37 GLY 37 68  68  GLY GLY B . n 
B 1 38 TYR 38 69  69  TYR TYR B . n 
B 1 39 VAL 39 70  70  VAL VAL B . n 
B 1 40 ILE 40 71  71  ILE ILE B . n 
B 1 41 ASP 41 72  72  ASP ASP B . n 
B 1 42 GLU 42 73  73  GLU GLU B . n 
B 1 43 THR 43 74  74  THR THR B . n 
B 1 44 ARG 44 75  75  ARG ARG B . n 
B 1 45 ASN 45 76  76  ASN ASN B . n 
B 1 46 MET 46 77  77  MET MET B . n 
B 1 47 LEU 47 78  78  LEU LEU B . n 
B 1 48 VAL 48 79  79  VAL VAL B . n 
B 1 49 ILE 49 80  80  ILE ILE B . n 
B 1 50 ALA 50 81  81  ALA ALA B . n 
B 1 51 GLY 51 82  82  GLY GLY B . n 
B 1 52 ASP 52 83  83  ASP ASP B . n 
B 1 53 ARG 53 84  84  ARG ARG B . n 
B 1 54 ILE 54 85  85  ILE ILE B . n 
B 1 55 TRP 55 86  86  TRP TRP B . n 
B 1 56 LYS 56 87  87  LYS LYS B . n 
B 1 57 VAL 57 88  88  VAL VAL B . n 
B 1 58 PRO 58 89  89  PRO PRO B . n 
B 1 59 LYS 59 90  90  LYS LYS B . n 
B 1 60 ASP 60 91  91  ASP ASP B . n 
B 1 61 VAL 61 92  92  VAL VAL B . n 
B 1 62 SER 62 93  93  SER SER B . n 
B 1 63 ILE 63 94  94  ILE ILE B . n 
B 1 64 PHE 64 95  95  PHE PHE B . n 
B 1 65 GLU 65 96  96  GLU GLU B . n 
B 1 66 PHE 66 97  97  PHE PHE B . n 
B 1 67 GLU 67 98  98  GLU GLU B . n 
B 1 68 ALA 68 99  99  ALA ALA B . n 
B 1 69 ASP 69 100 100 ASP ASP B . n 
B 1 70 ASP 70 101 101 ASP ASP B . n 
B 1 71 GLY 71 102 102 GLY GLY B . n 
B 1 72 THR 72 103 103 THR THR B . n 
B 1 73 LYS 73 104 104 LYS LYS B . n 
B 1 74 ILE 74 105 105 ILE ILE B . n 
B 1 75 LYS 75 106 106 LYS LYS B . n 
B 1 76 ILE 76 107 107 ILE ILE B . n 
B 1 77 PRO 77 108 108 PRO PRO B . n 
B 1 78 GLY 78 109 109 GLY GLY B . n 
B 1 79 GLU 79 110 110 GLU GLU B . n 
B 1 80 ARG 80 111 111 ARG ARG B . n 
B 1 81 LEU 81 112 112 LEU LEU B . n 
B 1 82 VAL 82 113 113 VAL VAL B . n 
B 1 83 GLY 83 114 114 GLY GLY B . n 
B 1 84 ARG 84 115 115 ARG ARG B . n 
B 1 85 PRO 85 116 116 PRO PRO B . n 
B 1 86 GLU 86 117 117 GLU GLU B . n 
B 1 87 MET 87 118 118 MET MET B . n 
B 1 88 ARG 88 119 119 ARG ARG B . n 
B 1 89 LEU 89 120 120 LEU LEU B . n 
B 1 90 LYS 90 121 121 LYS LYS B . n 
B 1 91 LYS 91 122 122 LYS LYS B . n 
B 1 92 ARG 92 123 123 ARG ARG B . n 
B 1 93 TRP 93 124 124 TRP TRP B . n 
B 1 94 LYS 94 125 125 LYS LYS B . n 
B 1 95 LYS 95 126 126 LYS LYS B . n 
B 1 96 TRP 96 127 127 TRP TRP B . n 
# 
loop_
_pdbx_nonpoly_scheme.asym_id 
_pdbx_nonpoly_scheme.entity_id 
_pdbx_nonpoly_scheme.mon_id 
_pdbx_nonpoly_scheme.ndb_seq_num 
_pdbx_nonpoly_scheme.pdb_seq_num 
_pdbx_nonpoly_scheme.auth_seq_num 
_pdbx_nonpoly_scheme.pdb_mon_id 
_pdbx_nonpoly_scheme.auth_mon_id 
_pdbx_nonpoly_scheme.pdb_strand_id 
_pdbx_nonpoly_scheme.pdb_ins_code 
C 2 SO4 1  502 2   SO4 SO4 A . 
D 2 SO4 1  501 1   SO4 SO4 B . 
E 3 HOH 1  503 1   HOH TIP A . 
E 3 HOH 2  504 3   HOH TIP A . 
E 3 HOH 3  505 5   HOH TIP A . 
E 3 HOH 4  506 7   HOH TIP A . 
E 3 HOH 5  507 8   HOH TIP A . 
E 3 HOH 6  508 10  HOH TIP A . 
E 3 HOH 7  509 13  HOH TIP A . 
E 3 HOH 8  510 14  HOH TIP A . 
E 3 HOH 9  511 16  HOH TIP A . 
E 3 HOH 10 512 17  HOH TIP A . 
E 3 HOH 11 513 20  HOH TIP A . 
E 3 HOH 12 514 22  HOH TIP A . 
E 3 HOH 13 515 23  HOH TIP A . 
E 3 HOH 14 516 26  HOH TIP A . 
E 3 HOH 15 517 27  HOH TIP A . 
E 3 HOH 16 518 29  HOH TIP A . 
E 3 HOH 17 519 30  HOH TIP A . 
E 3 HOH 18 520 31  HOH TIP A . 
E 3 HOH 19 521 32  HOH TIP A . 
E 3 HOH 20 522 33  HOH TIP A . 
E 3 HOH 21 523 35  HOH TIP A . 
E 3 HOH 22 524 37  HOH TIP A . 
E 3 HOH 23 525 38  HOH TIP A . 
E 3 HOH 24 526 41  HOH TIP A . 
E 3 HOH 25 527 46  HOH TIP A . 
E 3 HOH 26 528 47  HOH TIP A . 
E 3 HOH 27 529 48  HOH TIP A . 
E 3 HOH 28 530 50  HOH TIP A . 
E 3 HOH 29 531 53  HOH TIP A . 
E 3 HOH 30 532 54  HOH TIP A . 
E 3 HOH 31 533 55  HOH TIP A . 
E 3 HOH 32 534 56  HOH TIP A . 
E 3 HOH 33 535 59  HOH TIP A . 
E 3 HOH 34 536 60  HOH TIP A . 
E 3 HOH 35 537 63  HOH TIP A . 
E 3 HOH 36 538 64  HOH TIP A . 
E 3 HOH 37 539 69  HOH TIP A . 
E 3 HOH 38 540 70  HOH TIP A . 
E 3 HOH 39 541 71  HOH TIP A . 
E 3 HOH 40 542 72  HOH TIP A . 
E 3 HOH 41 543 73  HOH TIP A . 
E 3 HOH 42 544 76  HOH TIP A . 
E 3 HOH 43 545 79  HOH TIP A . 
E 3 HOH 44 546 80  HOH TIP A . 
E 3 HOH 45 547 81  HOH TIP A . 
E 3 HOH 46 548 82  HOH TIP A . 
E 3 HOH 47 549 83  HOH TIP A . 
E 3 HOH 48 550 84  HOH TIP A . 
E 3 HOH 49 551 85  HOH TIP A . 
E 3 HOH 50 552 86  HOH TIP A . 
E 3 HOH 51 553 94  HOH TIP A . 
E 3 HOH 52 554 95  HOH TIP A . 
E 3 HOH 53 555 96  HOH TIP A . 
E 3 HOH 54 556 100 HOH TIP A . 
E 3 HOH 55 557 102 HOH TIP A . 
E 3 HOH 56 558 103 HOH TIP A . 
E 3 HOH 57 559 104 HOH TIP A . 
E 3 HOH 58 560 105 HOH TIP A . 
E 3 HOH 59 561 106 HOH TIP A . 
E 3 HOH 60 562 107 HOH TIP A . 
E 3 HOH 61 563 108 HOH TIP A . 
E 3 HOH 62 564 109 HOH TIP A . 
E 3 HOH 63 565 110 HOH TIP A . 
E 3 HOH 64 566 111 HOH TIP A . 
E 3 HOH 65 567 112 HOH TIP A . 
E 3 HOH 66 568 113 HOH TIP A . 
E 3 HOH 67 569 139 HOH TIP A . 
E 3 HOH 68 570 141 HOH TIP A . 
E 3 HOH 69 571 142 HOH TIP A . 
E 3 HOH 70 572 143 HOH TIP A . 
E 3 HOH 71 573 144 HOH TIP A . 
F 3 HOH 1  502 2   HOH TIP B . 
F 3 HOH 2  503 4   HOH TIP B . 
F 3 HOH 3  504 6   HOH TIP B . 
F 3 HOH 4  505 9   HOH TIP B . 
F 3 HOH 5  506 11  HOH TIP B . 
F 3 HOH 6  507 12  HOH TIP B . 
F 3 HOH 7  508 15  HOH TIP B . 
F 3 HOH 8  509 18  HOH TIP B . 
F 3 HOH 9  510 19  HOH TIP B . 
F 3 HOH 10 511 21  HOH TIP B . 
F 3 HOH 11 512 24  HOH TIP B . 
F 3 HOH 12 513 25  HOH TIP B . 
F 3 HOH 13 514 28  HOH TIP B . 
F 3 HOH 14 515 34  HOH TIP B . 
F 3 HOH 15 516 36  HOH TIP B . 
F 3 HOH 16 517 39  HOH TIP B . 
F 3 HOH 17 518 40  HOH TIP B . 
F 3 HOH 18 519 42  HOH TIP B . 
F 3 HOH 19 520 43  HOH TIP B . 
F 3 HOH 20 521 44  HOH TIP B . 
F 3 HOH 21 522 45  HOH TIP B . 
F 3 HOH 22 523 49  HOH TIP B . 
F 3 HOH 23 524 51  HOH TIP B . 
F 3 HOH 24 525 52  HOH TIP B . 
F 3 HOH 25 526 57  HOH TIP B . 
F 3 HOH 26 527 58  HOH TIP B . 
F 3 HOH 27 528 61  HOH TIP B . 
F 3 HOH 28 529 62  HOH TIP B . 
F 3 HOH 29 530 65  HOH TIP B . 
F 3 HOH 30 531 66  HOH TIP B . 
F 3 HOH 31 532 67  HOH TIP B . 
F 3 HOH 32 533 68  HOH TIP B . 
F 3 HOH 33 534 74  HOH TIP B . 
F 3 HOH 34 535 75  HOH TIP B . 
F 3 HOH 35 536 77  HOH TIP B . 
F 3 HOH 36 537 78  HOH TIP B . 
F 3 HOH 37 538 87  HOH TIP B . 
F 3 HOH 38 539 88  HOH TIP B . 
F 3 HOH 39 540 89  HOH TIP B . 
F 3 HOH 40 541 90  HOH TIP B . 
F 3 HOH 41 542 91  HOH TIP B . 
F 3 HOH 42 543 92  HOH TIP B . 
F 3 HOH 43 544 93  HOH TIP B . 
F 3 HOH 44 545 97  HOH TIP B . 
F 3 HOH 45 546 98  HOH TIP B . 
F 3 HOH 46 547 99  HOH TIP B . 
F 3 HOH 47 548 101 HOH TIP B . 
F 3 HOH 48 549 114 HOH TIP B . 
F 3 HOH 49 550 115 HOH TIP B . 
F 3 HOH 50 551 116 HOH TIP B . 
F 3 HOH 51 552 117 HOH TIP B . 
F 3 HOH 52 553 118 HOH TIP B . 
F 3 HOH 53 554 119 HOH TIP B . 
F 3 HOH 54 555 120 HOH TIP B . 
F 3 HOH 55 556 121 HOH TIP B . 
F 3 HOH 56 557 122 HOH TIP B . 
F 3 HOH 57 558 123 HOH TIP B . 
F 3 HOH 58 559 124 HOH TIP B . 
F 3 HOH 59 560 125 HOH TIP B . 
F 3 HOH 60 561 126 HOH TIP B . 
F 3 HOH 61 562 127 HOH TIP B . 
F 3 HOH 62 563 128 HOH TIP B . 
F 3 HOH 63 564 129 HOH TIP B . 
F 3 HOH 64 565 130 HOH TIP B . 
F 3 HOH 65 566 131 HOH TIP B . 
F 3 HOH 66 567 132 HOH TIP B . 
F 3 HOH 67 568 133 HOH TIP B . 
F 3 HOH 68 569 134 HOH TIP B . 
F 3 HOH 69 570 135 HOH TIP B . 
F 3 HOH 70 571 136 HOH TIP B . 
F 3 HOH 71 572 137 HOH TIP B . 
F 3 HOH 72 573 138 HOH TIP B . 
F 3 HOH 73 574 140 HOH TIP B . 
# 
loop_
_software.name 
_software.classification 
_software.version 
_software.citation_id 
_software.pdbx_ordinal 
CNS       refinement        1.1         ? 1 
ADSC      'data collection' '(QUANTUM)' ? 2 
SCALEPACK 'data scaling'    .           ? 3 
SOLVE     phasing           .           ? 4 
# 
_cell.entry_id           1V76 
_cell.length_a           24.133 
_cell.length_b           56.271 
_cell.length_c           71.756 
_cell.angle_alpha        90.00 
_cell.angle_beta         96.80 
_cell.angle_gamma        90.00 
_cell.Z_PDB              4 
_cell.pdbx_unique_axis   ? 
# 
_symmetry.entry_id                         1V76 
_symmetry.space_group_name_H-M             'P 1 21 1' 
_symmetry.pdbx_full_space_group_name_H-M   ? 
_symmetry.cell_setting                     ? 
_symmetry.Int_Tables_number                4 
_symmetry.space_group_name_Hall            ? 
# 
_exptl.entry_id          1V76 
_exptl.method            'X-RAY DIFFRACTION' 
_exptl.crystals_number   1 
# 
_exptl_crystal.id                    1 
_exptl_crystal.density_meas          ? 
_exptl_crystal.density_Matthews      2.07 
_exptl_crystal.density_percent_sol   40.09 
_exptl_crystal.description           ? 
_exptl_crystal.F_000                 ? 
_exptl_crystal.preparation           ? 
# 
_exptl_crystal_grow.crystal_id      1 
_exptl_crystal_grow.method          'VAPOR DIFFUSION, HANGING DROP' 
_exptl_crystal_grow.temp            293 
_exptl_crystal_grow.temp_details    ? 
_exptl_crystal_grow.pH              8.5 
_exptl_crystal_grow.pdbx_details    
'1.0M ammonium sulfate, 100mM Tris-HCl, pH 8.5, VAPOR DIFFUSION, HANGING DROP, temperature 293K' 
_exptl_crystal_grow.pdbx_pH_range   . 
# 
_diffrn.id                     1 
_diffrn.ambient_temp           100 
_diffrn.ambient_temp_details   ? 
_diffrn.crystal_id             1 
# 
_diffrn_detector.diffrn_id              1 
_diffrn_detector.detector               CCD 
_diffrn_detector.type                   'ADSC QUANTUM 4' 
_diffrn_detector.pdbx_collection_date   2003-10-30 
_diffrn_detector.details                mirrors 
# 
_diffrn_radiation.diffrn_id                        1 
_diffrn_radiation.wavelength_id                    1 
_diffrn_radiation.pdbx_monochromatic_or_laue_m_l   M 
_diffrn_radiation.monochromator                    'Si 111 CHANNEL' 
_diffrn_radiation.pdbx_diffrn_protocol             MAD 
_diffrn_radiation.pdbx_scattering_type             x-ray 
# 
loop_
_diffrn_radiation_wavelength.id 
_diffrn_radiation_wavelength.wavelength 
_diffrn_radiation_wavelength.wt 
1 0.97972 1.0 
2 0.90    1.0 
# 
_diffrn_source.diffrn_id                   1 
_diffrn_source.source                      SYNCHROTRON 
_diffrn_source.type                        'SPRING-8 BEAMLINE BL38B1' 
_diffrn_source.pdbx_synchrotron_site       SPring-8 
_diffrn_source.pdbx_synchrotron_beamline   BL38B1 
_diffrn_source.pdbx_wavelength             ? 
_diffrn_source.pdbx_wavelength_list        '0.97972, 0.90' 
# 
_reflns.entry_id                     1V76 
_reflns.observed_criterion_sigma_I   0 
_reflns.observed_criterion_sigma_F   0 
_reflns.d_resolution_low             50 
_reflns.d_resolution_high            2.0 
_reflns.number_obs                   25204 
_reflns.number_all                   25204 
_reflns.percent_possible_obs         99.7 
_reflns.pdbx_Rmerge_I_obs            0.096 
_reflns.pdbx_Rsym_value              ? 
_reflns.pdbx_netI_over_sigmaI        14.6 
_reflns.B_iso_Wilson_estimate        6.0 
_reflns.pdbx_redundancy              3.7 
_reflns.R_free_details               ? 
_reflns.limit_h_max                  ? 
_reflns.limit_h_min                  ? 
_reflns.limit_k_max                  ? 
_reflns.limit_k_min                  ? 
_reflns.limit_l_max                  ? 
_reflns.limit_l_min                  ? 
_reflns.observed_criterion_F_max     ? 
_reflns.observed_criterion_F_min     ? 
_reflns.pdbx_chi_squared             ? 
_reflns.pdbx_scaling_rejects         ? 
_reflns.pdbx_diffrn_id               1 
_reflns.pdbx_ordinal                 1 
# 
_reflns_shell.d_res_high             2.0 
_reflns_shell.d_res_low              2.07 
_reflns_shell.percent_possible_all   99.1 
_reflns_shell.Rmerge_I_obs           0.24 
_reflns_shell.pdbx_Rsym_value        ? 
_reflns_shell.meanI_over_sigI_obs    8.8 
_reflns_shell.pdbx_redundancy        3.6 
_reflns_shell.percent_possible_obs   ? 
_reflns_shell.number_unique_all      ? 
_reflns_shell.number_measured_all    ? 
_reflns_shell.number_measured_obs    ? 
_reflns_shell.number_unique_obs      ? 
_reflns_shell.pdbx_chi_squared       ? 
_reflns_shell.pdbx_diffrn_id         ? 
_reflns_shell.pdbx_ordinal           1 
# 
_refine.entry_id                                 1V76 
_refine.ls_number_reflns_obs                     24588 
_refine.ls_number_reflns_all                     24588 
_refine.pdbx_ls_sigma_I                          0 
_refine.pdbx_ls_sigma_F                          0.0 
_refine.pdbx_data_cutoff_high_absF               205516.90 
_refine.pdbx_data_cutoff_low_absF                0.000000 
_refine.pdbx_data_cutoff_high_rms_absF           ? 
_refine.ls_d_res_low                             30.10 
_refine.ls_d_res_high                            2.00 
_refine.ls_percent_reflns_obs                    97.1 
_refine.ls_R_factor_obs                          0.209 
_refine.ls_R_factor_all                          ? 
_refine.ls_R_factor_R_work                       0.209 
_refine.ls_R_factor_R_free                       0.257 
_refine.ls_R_factor_R_free_error                 0.005 
_refine.ls_R_factor_R_free_error_details         ? 
_refine.ls_percent_reflns_R_free                 9.3 
_refine.ls_number_reflns_R_free                  2296 
_refine.ls_number_parameters                     ? 
_refine.ls_number_restraints                     ? 
_refine.occupancy_min                            ? 
_refine.occupancy_max                            ? 
_refine.correlation_coeff_Fo_to_Fc               ? 
_refine.correlation_coeff_Fo_to_Fc_free          ? 
_refine.B_iso_mean                               18.8 
_refine.aniso_B[1][1]                            -5.08 
_refine.aniso_B[2][2]                            -2.59 
_refine.aniso_B[3][3]                            7.67 
_refine.aniso_B[1][2]                            0.00 
_refine.aniso_B[1][3]                            -0.09 
_refine.aniso_B[2][3]                            0.00 
_refine.solvent_model_details                    'FLAT MODEL' 
_refine.solvent_model_param_ksol                 0.3714 
_refine.solvent_model_param_bsol                 46.1876 
_refine.pdbx_solvent_vdw_probe_radii             ? 
_refine.pdbx_solvent_ion_probe_radii             ? 
_refine.pdbx_solvent_shrinkage_radii             ? 
_refine.pdbx_ls_cross_valid_method               THROUGHOUT 
_refine.details                                  ? 
_refine.pdbx_starting_model                      ? 
_refine.pdbx_method_to_determine_struct          MAD 
_refine.pdbx_isotropic_thermal_model             RESTRAINED 
_refine.pdbx_stereochemistry_target_values       'Engh & Huber' 
_refine.pdbx_stereochem_target_val_spec_case     ? 
_refine.pdbx_R_Free_selection_details            RANDOM 
_refine.pdbx_overall_ESU_R                       ? 
_refine.pdbx_overall_ESU_R_Free                  ? 
_refine.overall_SU_ML                            ? 
_refine.overall_SU_B                             ? 
_refine.ls_redundancy_reflns_obs                 ? 
_refine.B_iso_min                                ? 
_refine.B_iso_max                                ? 
_refine.overall_SU_R_Cruickshank_DPI             ? 
_refine.overall_SU_R_free                        ? 
_refine.ls_wR_factor_R_free                      ? 
_refine.ls_wR_factor_R_work                      ? 
_refine.overall_FOM_free_R_set                   ? 
_refine.overall_FOM_work_R_set                   ? 
_refine.pdbx_refine_id                           'X-RAY DIFFRACTION' 
_refine.pdbx_diffrn_id                           1 
_refine.pdbx_TLS_residual_ADP_flag               ? 
_refine.pdbx_overall_phase_error                 ? 
_refine.pdbx_overall_SU_R_free_Cruickshank_DPI   ? 
_refine.pdbx_overall_SU_R_Blow_DPI               ? 
_refine.pdbx_overall_SU_R_free_Blow_DPI          ? 
# 
_refine_analyze.entry_id                        1V76 
_refine_analyze.Luzzati_coordinate_error_obs    0.22 
_refine_analyze.Luzzati_sigma_a_obs             0.09 
_refine_analyze.Luzzati_d_res_low_obs           5.00 
_refine_analyze.Luzzati_coordinate_error_free   0.29 
_refine_analyze.Luzzati_sigma_a_free            0.17 
_refine_analyze.Luzzati_d_res_low_free          ? 
_refine_analyze.number_disordered_residues      ? 
_refine_analyze.occupancy_sum_hydrogen          ? 
_refine_analyze.occupancy_sum_non_hydrogen      ? 
_refine_analyze.pdbx_Luzzati_d_res_high_obs     ? 
_refine_analyze.pdbx_refine_id                  'X-RAY DIFFRACTION' 
# 
_refine_hist.pdbx_refine_id                   'X-RAY DIFFRACTION' 
_refine_hist.cycle_id                         LAST 
_refine_hist.pdbx_number_atoms_protein        1516 
_refine_hist.pdbx_number_atoms_nucleic_acid   0 
_refine_hist.pdbx_number_atoms_ligand         10 
_refine_hist.number_atoms_solvent             144 
_refine_hist.number_atoms_total               1670 
_refine_hist.d_res_high                       2.00 
_refine_hist.d_res_low                        30.10 
# 
loop_
_refine_ls_restr.type 
_refine_ls_restr.dev_ideal 
_refine_ls_restr.dev_ideal_target 
_refine_ls_restr.weight 
_refine_ls_restr.number 
_refine_ls_restr.pdbx_refine_id 
_refine_ls_restr.pdbx_restraint_function 
c_bond_d           0.005 ? ? ? 'X-RAY DIFFRACTION' ? 
c_angle_deg        1.3   ? ? ? 'X-RAY DIFFRACTION' ? 
c_dihedral_angle_d 25.0  ? ? ? 'X-RAY DIFFRACTION' ? 
c_improper_angle_d 0.75  ? ? ? 'X-RAY DIFFRACTION' ? 
# 
_refine_ls_shell.pdbx_total_number_of_bins_used   6 
_refine_ls_shell.d_res_high                       2.00 
_refine_ls_shell.d_res_low                        2.13 
_refine_ls_shell.number_reflns_R_work             3537 
_refine_ls_shell.R_factor_R_work                  0.214 
_refine_ls_shell.percent_reflns_obs               93.4 
_refine_ls_shell.R_factor_R_free                  0.272 
_refine_ls_shell.R_factor_R_free_error            0.015 
_refine_ls_shell.percent_reflns_R_free            9.0 
_refine_ls_shell.number_reflns_R_free             351 
_refine_ls_shell.number_reflns_obs                ? 
_refine_ls_shell.redundancy_reflns_obs            ? 
_refine_ls_shell.number_reflns_all                ? 
_refine_ls_shell.pdbx_refine_id                   'X-RAY DIFFRACTION' 
_refine_ls_shell.R_factor_all                     ? 
# 
loop_
_pdbx_xplor_file.serial_no 
_pdbx_xplor_file.param_file 
_pdbx_xplor_file.topol_file 
_pdbx_xplor_file.pdbx_refine_id 
1 PROTEIN_REP.PARAM PROTEIN.TOP   'X-RAY DIFFRACTION' 
2 WATER_REP.PARAM   WATER.TOP     'X-RAY DIFFRACTION' 
3 SO4_XPLOR.PARAM   SO4_XPLOR.TOP 'X-RAY DIFFRACTION' 
# 
_struct.entry_id                  1V76 
_struct.title                     'Crystal Structure of Archaeal Ribonuclease P Protein Ph1771p from Pyrococcus horikoshii OT3' 
_struct.pdbx_model_details        ? 
_struct.pdbx_CASP_flag            ? 
_struct.pdbx_model_type_details   ? 
# 
_struct_keywords.entry_id        1V76 
_struct_keywords.pdbx_keywords   'RNA BINDING PROTEIN' 
_struct_keywords.text            'RNA binding protein, Archaeal RNase P protein' 
# 
loop_
_struct_asym.id 
_struct_asym.pdbx_blank_PDB_chainid_flag 
_struct_asym.pdbx_modified 
_struct_asym.entity_id 
_struct_asym.details 
A N N 1 ? 
B N N 1 ? 
C N N 2 ? 
D N N 2 ? 
E N N 3 ? 
F N N 3 ? 
# 
_struct_ref.id                         1 
_struct_ref.db_name                    UNP 
_struct_ref.db_code                    RNP1_PYRHO 
_struct_ref.entity_id                  1 
_struct_ref.pdbx_seq_one_letter_code   
;GAHRGRVTRRNIIWHELIGLRVRIVGSTHPAFVGIEGYVIDETRNMLVIAGDRIWKVPKDVCIFEFEADDGTKIKIPGER
LVGRPEMRLKKRWKKW
;
_struct_ref.pdbx_align_begin           32 
_struct_ref.pdbx_db_accession          O59425 
_struct_ref.pdbx_db_isoform            ? 
# 
loop_
_struct_ref_seq.align_id 
_struct_ref_seq.ref_id 
_struct_ref_seq.pdbx_PDB_id_code 
_struct_ref_seq.pdbx_strand_id 
_struct_ref_seq.seq_align_beg 
_struct_ref_seq.pdbx_seq_align_beg_ins_code 
_struct_ref_seq.seq_align_end 
_struct_ref_seq.pdbx_seq_align_end_ins_code 
_struct_ref_seq.pdbx_db_accession 
_struct_ref_seq.db_align_beg 
_struct_ref_seq.pdbx_db_align_beg_ins_code 
_struct_ref_seq.db_align_end 
_struct_ref_seq.pdbx_db_align_end_ins_code 
_struct_ref_seq.pdbx_auth_seq_align_beg 
_struct_ref_seq.pdbx_auth_seq_align_end 
1 1 1V76 A 1 ? 96 ? O59425 32 ? 127 ? 32 127 
2 1 1V76 B 1 ? 96 ? O59425 32 ? 127 ? 32 127 
# 
loop_
_struct_ref_seq_dif.align_id 
_struct_ref_seq_dif.pdbx_pdb_id_code 
_struct_ref_seq_dif.mon_id 
_struct_ref_seq_dif.pdbx_pdb_strand_id 
_struct_ref_seq_dif.seq_num 
_struct_ref_seq_dif.pdbx_pdb_ins_code 
_struct_ref_seq_dif.pdbx_seq_db_name 
_struct_ref_seq_dif.pdbx_seq_db_accession_code 
_struct_ref_seq_dif.db_mon_id 
_struct_ref_seq_dif.pdbx_seq_db_seq_num 
_struct_ref_seq_dif.details 
_struct_ref_seq_dif.pdbx_auth_seq_num 
_struct_ref_seq_dif.pdbx_ordinal 
1 1V76 SER A 62 ? UNP O59425 CYS 93 'engineered mutation' 93 1 
2 1V76 SER B 62 ? UNP O59425 CYS 93 'engineered mutation' 93 2 
# 
loop_
_pdbx_struct_assembly.id 
_pdbx_struct_assembly.details 
_pdbx_struct_assembly.method_details 
_pdbx_struct_assembly.oligomeric_details 
_pdbx_struct_assembly.oligomeric_count 
1 author_defined_assembly ? monomeric 1 
2 author_defined_assembly ? monomeric 1 
# 
loop_
_pdbx_struct_assembly_gen.assembly_id 
_pdbx_struct_assembly_gen.oper_expression 
_pdbx_struct_assembly_gen.asym_id_list 
1 1 A,C,E 
2 1 B,D,F 
# 
_pdbx_struct_oper_list.id                   1 
_pdbx_struct_oper_list.type                 'identity operation' 
_pdbx_struct_oper_list.name                 1_555 
_pdbx_struct_oper_list.symmetry_operation   x,y,z 
_pdbx_struct_oper_list.matrix[1][1]         1.0000000000 
_pdbx_struct_oper_list.matrix[1][2]         0.0000000000 
_pdbx_struct_oper_list.matrix[1][3]         0.0000000000 
_pdbx_struct_oper_list.vector[1]            0.0000000000 
_pdbx_struct_oper_list.matrix[2][1]         0.0000000000 
_pdbx_struct_oper_list.matrix[2][2]         1.0000000000 
_pdbx_struct_oper_list.matrix[2][3]         0.0000000000 
_pdbx_struct_oper_list.vector[2]            0.0000000000 
_pdbx_struct_oper_list.matrix[3][1]         0.0000000000 
_pdbx_struct_oper_list.matrix[3][2]         0.0000000000 
_pdbx_struct_oper_list.matrix[3][3]         1.0000000000 
_pdbx_struct_oper_list.vector[3]            0.0000000000 
# 
loop_
_struct_conf.conf_type_id 
_struct_conf.id 
_struct_conf.pdbx_PDB_helix_id 
_struct_conf.beg_label_comp_id 
_struct_conf.beg_label_asym_id 
_struct_conf.beg_label_seq_id 
_struct_conf.pdbx_beg_PDB_ins_code 
_struct_conf.end_label_comp_id 
_struct_conf.end_label_asym_id 
_struct_conf.end_label_seq_id 
_struct_conf.pdbx_end_PDB_ins_code 
_struct_conf.beg_auth_comp_id 
_struct_conf.beg_auth_asym_id 
_struct_conf.beg_auth_seq_id 
_struct_conf.end_auth_comp_id 
_struct_conf.end_auth_asym_id 
_struct_conf.end_auth_seq_id 
_struct_conf.pdbx_PDB_helix_class 
_struct_conf.details 
_struct_conf.pdbx_PDB_helix_length 
HELX_P HELX_P1 1 ARG A 10 ? TRP A 14 ? ARG A 41  TRP A 45  5 ? 5 
HELX_P HELX_P2 2 HIS A 29 ? VAL A 33 ? HIS A 60  VAL A 64  5 ? 5 
HELX_P HELX_P3 3 GLU A 79 ? VAL A 82 ? GLU A 110 VAL A 113 5 ? 4 
HELX_P HELX_P4 4 ARG A 84 ? LEU A 89 ? ARG A 115 LEU A 120 1 ? 6 
HELX_P HELX_P5 5 LYS A 90 ? TRP A 93 ? LYS A 121 TRP A 124 5 ? 4 
HELX_P HELX_P6 6 GLU B 79 ? VAL B 82 ? GLU B 110 VAL B 113 5 ? 4 
HELX_P HELX_P7 7 ARG B 84 ? LEU B 89 ? ARG B 115 LEU B 120 1 ? 6 
HELX_P HELX_P8 8 LYS B 90 ? TRP B 93 ? LYS B 121 TRP B 124 5 ? 4 
# 
_struct_conf_type.id          HELX_P 
_struct_conf_type.criteria    ? 
_struct_conf_type.reference   ? 
# 
loop_
_struct_sheet.id 
_struct_sheet.type 
_struct_sheet.number_strands 
_struct_sheet.details 
A ? 6 ? 
B ? 6 ? 
# 
loop_
_struct_sheet_order.sheet_id 
_struct_sheet_order.range_id_1 
_struct_sheet_order.range_id_2 
_struct_sheet_order.offset 
_struct_sheet_order.sense 
A 1 2 ? anti-parallel 
A 2 3 ? anti-parallel 
A 3 4 ? anti-parallel 
A 4 5 ? anti-parallel 
A 5 6 ? anti-parallel 
B 1 2 ? anti-parallel 
B 2 3 ? anti-parallel 
B 3 4 ? anti-parallel 
B 4 5 ? anti-parallel 
B 5 6 ? anti-parallel 
# 
loop_
_struct_sheet_range.sheet_id 
_struct_sheet_range.id 
_struct_sheet_range.beg_label_comp_id 
_struct_sheet_range.beg_label_asym_id 
_struct_sheet_range.beg_label_seq_id 
_struct_sheet_range.pdbx_beg_PDB_ins_code 
_struct_sheet_range.end_label_comp_id 
_struct_sheet_range.end_label_asym_id 
_struct_sheet_range.end_label_seq_id 
_struct_sheet_range.pdbx_end_PDB_ins_code 
_struct_sheet_range.beg_auth_comp_id 
_struct_sheet_range.beg_auth_asym_id 
_struct_sheet_range.beg_auth_seq_id 
_struct_sheet_range.end_auth_comp_id 
_struct_sheet_range.end_auth_asym_id 
_struct_sheet_range.end_auth_seq_id 
A 1 ILE A 54 ? PRO A 58 ? ILE A 85  PRO A 89  
A 2 MET A 46 ? ALA A 50 ? MET A 77  ALA A 81  
A 3 GLU A 36 ? GLU A 42 ? GLU A 67  GLU A 73  
A 4 ARG A 21 ? SER A 27 ? ARG A 52  SER A 58  
A 5 SER A 62 ? GLU A 67 ? SER A 93  GLU A 98  
A 6 LYS A 73 ? PRO A 77 ? LYS A 104 PRO A 108 
B 1 ILE B 54 ? PRO B 58 ? ILE B 85  PRO B 89  
B 2 MET B 46 ? ALA B 50 ? MET B 77  ALA B 81  
B 3 GLU B 36 ? GLU B 42 ? GLU B 67  GLU B 73  
B 4 ARG B 21 ? SER B 27 ? ARG B 52  SER B 58  
B 5 SER B 62 ? GLU B 67 ? SER B 93  GLU B 98  
B 6 LYS B 73 ? PRO B 77 ? LYS B 104 PRO B 108 
# 
loop_
_pdbx_struct_sheet_hbond.sheet_id 
_pdbx_struct_sheet_hbond.range_id_1 
_pdbx_struct_sheet_hbond.range_id_2 
_pdbx_struct_sheet_hbond.range_1_label_atom_id 
_pdbx_struct_sheet_hbond.range_1_label_comp_id 
_pdbx_struct_sheet_hbond.range_1_label_asym_id 
_pdbx_struct_sheet_hbond.range_1_label_seq_id 
_pdbx_struct_sheet_hbond.range_1_PDB_ins_code 
_pdbx_struct_sheet_hbond.range_1_auth_atom_id 
_pdbx_struct_sheet_hbond.range_1_auth_comp_id 
_pdbx_struct_sheet_hbond.range_1_auth_asym_id 
_pdbx_struct_sheet_hbond.range_1_auth_seq_id 
_pdbx_struct_sheet_hbond.range_2_label_atom_id 
_pdbx_struct_sheet_hbond.range_2_label_comp_id 
_pdbx_struct_sheet_hbond.range_2_label_asym_id 
_pdbx_struct_sheet_hbond.range_2_label_seq_id 
_pdbx_struct_sheet_hbond.range_2_PDB_ins_code 
_pdbx_struct_sheet_hbond.range_2_auth_atom_id 
_pdbx_struct_sheet_hbond.range_2_auth_comp_id 
_pdbx_struct_sheet_hbond.range_2_auth_asym_id 
_pdbx_struct_sheet_hbond.range_2_auth_seq_id 
A 1 2 O TRP A 55 ? O TRP A 86 N ILE A 49 ? N ILE A 80  
A 2 3 O ALA A 50 ? O ALA A 81 N TYR A 38 ? N TYR A 69  
A 3 4 O GLY A 37 ? O GLY A 68 N VAL A 22 ? N VAL A 53  
A 4 5 N GLY A 26 ? N GLY A 57 O ILE A 63 ? O ILE A 94  
A 5 6 N PHE A 66 ? N PHE A 97 O ILE A 74 ? O ILE A 105 
B 1 2 O TRP B 55 ? O TRP B 86 N ILE B 49 ? N ILE B 80  
B 2 3 O ALA B 50 ? O ALA B 81 N TYR B 38 ? N TYR B 69  
B 3 4 O GLY B 37 ? O GLY B 68 N VAL B 22 ? N VAL B 53  
B 4 5 N GLY B 26 ? N GLY B 57 O ILE B 63 ? O ILE B 94  
B 5 6 N PHE B 66 ? N PHE B 97 O ILE B 74 ? O ILE B 105 
# 
loop_
_struct_site.id 
_struct_site.pdbx_evidence_code 
_struct_site.pdbx_auth_asym_id 
_struct_site.pdbx_auth_comp_id 
_struct_site.pdbx_auth_seq_id 
_struct_site.pdbx_auth_ins_code 
_struct_site.pdbx_num_residues 
_struct_site.details 
AC1 Software B SO4 501 ? 5 'BINDING SITE FOR RESIDUE SO4 B 501' 
AC2 Software A SO4 502 ? 4 'BINDING SITE FOR RESIDUE SO4 A 502' 
# 
loop_
_struct_site_gen.id 
_struct_site_gen.site_id 
_struct_site_gen.pdbx_num_res 
_struct_site_gen.label_comp_id 
_struct_site_gen.label_asym_id 
_struct_site_gen.label_seq_id 
_struct_site_gen.pdbx_auth_ins_code 
_struct_site_gen.auth_comp_id 
_struct_site_gen.auth_asym_id 
_struct_site_gen.auth_seq_id 
_struct_site_gen.label_atom_id 
_struct_site_gen.label_alt_id 
_struct_site_gen.symmetry 
_struct_site_gen.details 
1 AC1 5 THR B 43 ? THR B 74  . ? 1_555 ? 
2 AC1 5 ARG B 44 ? ARG B 75  . ? 1_555 ? 
3 AC1 5 ASN B 45 ? ASN B 76  . ? 1_555 ? 
4 AC1 5 MET B 46 ? MET B 77  . ? 1_555 ? 
5 AC1 5 HOH F .  ? HOH B 566 . ? 1_555 ? 
6 AC2 4 THR A 43 ? THR A 74  . ? 1_555 ? 
7 AC2 4 ARG A 44 ? ARG A 75  . ? 1_555 ? 
8 AC2 4 ASN A 45 ? ASN A 76  . ? 1_555 ? 
9 AC2 4 MET A 46 ? MET A 77  . ? 1_555 ? 
# 
_pdbx_validate_torsion.id              1 
_pdbx_validate_torsion.PDB_model_num   1 
_pdbx_validate_torsion.auth_comp_id    ALA 
_pdbx_validate_torsion.auth_asym_id    B 
_pdbx_validate_torsion.auth_seq_id     62 
_pdbx_validate_torsion.PDB_ins_code    ? 
_pdbx_validate_torsion.label_alt_id    ? 
_pdbx_validate_torsion.phi             -135.70 
_pdbx_validate_torsion.psi             -134.33 
# 
loop_
_pdbx_unobs_or_zero_occ_residues.id 
_pdbx_unobs_or_zero_occ_residues.PDB_model_num 
_pdbx_unobs_or_zero_occ_residues.polymer_flag 
_pdbx_unobs_or_zero_occ_residues.occupancy_flag 
_pdbx_unobs_or_zero_occ_residues.auth_asym_id 
_pdbx_unobs_or_zero_occ_residues.auth_comp_id 
_pdbx_unobs_or_zero_occ_residues.auth_seq_id 
_pdbx_unobs_or_zero_occ_residues.PDB_ins_code 
_pdbx_unobs_or_zero_occ_residues.label_asym_id 
_pdbx_unobs_or_zero_occ_residues.label_comp_id 
_pdbx_unobs_or_zero_occ_residues.label_seq_id 
1 1 Y 1 A GLY 32 ? A GLY 1 
2 1 Y 1 A ALA 33 ? A ALA 2 
3 1 Y 1 A HIS 34 ? A HIS 3 
4 1 Y 1 A ARG 35 ? A ARG 4 
5 1 Y 1 B GLY 32 ? B GLY 1 
6 1 Y 1 B ALA 33 ? B ALA 2 
7 1 Y 1 B HIS 34 ? B HIS 3 
8 1 Y 1 B ARG 35 ? B ARG 4 
9 1 Y 1 B GLY 36 ? B GLY 5 
# 
loop_
_chem_comp_atom.comp_id 
_chem_comp_atom.atom_id 
_chem_comp_atom.type_symbol 
_chem_comp_atom.pdbx_aromatic_flag 
_chem_comp_atom.pdbx_stereo_config 
_chem_comp_atom.pdbx_ordinal 
ALA N    N N N 1   
ALA CA   C N S 2   
ALA C    C N N 3   
ALA O    O N N 4   
ALA CB   C N N 5   
ALA OXT  O N N 6   
ALA H    H N N 7   
ALA H2   H N N 8   
ALA HA   H N N 9   
ALA HB1  H N N 10  
ALA HB2  H N N 11  
ALA HB3  H N N 12  
ALA HXT  H N N 13  
ARG N    N N N 14  
ARG CA   C N S 15  
ARG C    C N N 16  
ARG O    O N N 17  
ARG CB   C N N 18  
ARG CG   C N N 19  
ARG CD   C N N 20  
ARG NE   N N N 21  
ARG CZ   C N N 22  
ARG NH1  N N N 23  
ARG NH2  N N N 24  
ARG OXT  O N N 25  
ARG H    H N N 26  
ARG H2   H N N 27  
ARG HA   H N N 28  
ARG HB2  H N N 29  
ARG HB3  H N N 30  
ARG HG2  H N N 31  
ARG HG3  H N N 32  
ARG HD2  H N N 33  
ARG HD3  H N N 34  
ARG HE   H N N 35  
ARG HH11 H N N 36  
ARG HH12 H N N 37  
ARG HH21 H N N 38  
ARG HH22 H N N 39  
ARG HXT  H N N 40  
ASN N    N N N 41  
ASN CA   C N S 42  
ASN C    C N N 43  
ASN O    O N N 44  
ASN CB   C N N 45  
ASN CG   C N N 46  
ASN OD1  O N N 47  
ASN ND2  N N N 48  
ASN OXT  O N N 49  
ASN H    H N N 50  
ASN H2   H N N 51  
ASN HA   H N N 52  
ASN HB2  H N N 53  
ASN HB3  H N N 54  
ASN HD21 H N N 55  
ASN HD22 H N N 56  
ASN HXT  H N N 57  
ASP N    N N N 58  
ASP CA   C N S 59  
ASP C    C N N 60  
ASP O    O N N 61  
ASP CB   C N N 62  
ASP CG   C N N 63  
ASP OD1  O N N 64  
ASP OD2  O N N 65  
ASP OXT  O N N 66  
ASP H    H N N 67  
ASP H2   H N N 68  
ASP HA   H N N 69  
ASP HB2  H N N 70  
ASP HB3  H N N 71  
ASP HD2  H N N 72  
ASP HXT  H N N 73  
CYS N    N N N 74  
CYS CA   C N R 75  
CYS C    C N N 76  
CYS O    O N N 77  
CYS CB   C N N 78  
CYS SG   S N N 79  
CYS OXT  O N N 80  
CYS H    H N N 81  
CYS H2   H N N 82  
CYS HA   H N N 83  
CYS HB2  H N N 84  
CYS HB3  H N N 85  
CYS HG   H N N 86  
CYS HXT  H N N 87  
GLU N    N N N 88  
GLU CA   C N S 89  
GLU C    C N N 90  
GLU O    O N N 91  
GLU CB   C N N 92  
GLU CG   C N N 93  
GLU CD   C N N 94  
GLU OE1  O N N 95  
GLU OE2  O N N 96  
GLU OXT  O N N 97  
GLU H    H N N 98  
GLU H2   H N N 99  
GLU HA   H N N 100 
GLU HB2  H N N 101 
GLU HB3  H N N 102 
GLU HG2  H N N 103 
GLU HG3  H N N 104 
GLU HE2  H N N 105 
GLU HXT  H N N 106 
GLY N    N N N 107 
GLY CA   C N N 108 
GLY C    C N N 109 
GLY O    O N N 110 
GLY OXT  O N N 111 
GLY H    H N N 112 
GLY H2   H N N 113 
GLY HA2  H N N 114 
GLY HA3  H N N 115 
GLY HXT  H N N 116 
HIS N    N N N 117 
HIS CA   C N S 118 
HIS C    C N N 119 
HIS O    O N N 120 
HIS CB   C N N 121 
HIS CG   C Y N 122 
HIS ND1  N Y N 123 
HIS CD2  C Y N 124 
HIS CE1  C Y N 125 
HIS NE2  N Y N 126 
HIS OXT  O N N 127 
HIS H    H N N 128 
HIS H2   H N N 129 
HIS HA   H N N 130 
HIS HB2  H N N 131 
HIS HB3  H N N 132 
HIS HD1  H N N 133 
HIS HD2  H N N 134 
HIS HE1  H N N 135 
HIS HE2  H N N 136 
HIS HXT  H N N 137 
HOH O    O N N 138 
HOH H1   H N N 139 
HOH H2   H N N 140 
ILE N    N N N 141 
ILE CA   C N S 142 
ILE C    C N N 143 
ILE O    O N N 144 
ILE CB   C N S 145 
ILE CG1  C N N 146 
ILE CG2  C N N 147 
ILE CD1  C N N 148 
ILE OXT  O N N 149 
ILE H    H N N 150 
ILE H2   H N N 151 
ILE HA   H N N 152 
ILE HB   H N N 153 
ILE HG12 H N N 154 
ILE HG13 H N N 155 
ILE HG21 H N N 156 
ILE HG22 H N N 157 
ILE HG23 H N N 158 
ILE HD11 H N N 159 
ILE HD12 H N N 160 
ILE HD13 H N N 161 
ILE HXT  H N N 162 
LEU N    N N N 163 
LEU CA   C N S 164 
LEU C    C N N 165 
LEU O    O N N 166 
LEU CB   C N N 167 
LEU CG   C N N 168 
LEU CD1  C N N 169 
LEU CD2  C N N 170 
LEU OXT  O N N 171 
LEU H    H N N 172 
LEU H2   H N N 173 
LEU HA   H N N 174 
LEU HB2  H N N 175 
LEU HB3  H N N 176 
LEU HG   H N N 177 
LEU HD11 H N N 178 
LEU HD12 H N N 179 
LEU HD13 H N N 180 
LEU HD21 H N N 181 
LEU HD22 H N N 182 
LEU HD23 H N N 183 
LEU HXT  H N N 184 
LYS N    N N N 185 
LYS CA   C N S 186 
LYS C    C N N 187 
LYS O    O N N 188 
LYS CB   C N N 189 
LYS CG   C N N 190 
LYS CD   C N N 191 
LYS CE   C N N 192 
LYS NZ   N N N 193 
LYS OXT  O N N 194 
LYS H    H N N 195 
LYS H2   H N N 196 
LYS HA   H N N 197 
LYS HB2  H N N 198 
LYS HB3  H N N 199 
LYS HG2  H N N 200 
LYS HG3  H N N 201 
LYS HD2  H N N 202 
LYS HD3  H N N 203 
LYS HE2  H N N 204 
LYS HE3  H N N 205 
LYS HZ1  H N N 206 
LYS HZ2  H N N 207 
LYS HZ3  H N N 208 
LYS HXT  H N N 209 
MET N    N N N 210 
MET CA   C N S 211 
MET C    C N N 212 
MET O    O N N 213 
MET CB   C N N 214 
MET CG   C N N 215 
MET SD   S N N 216 
MET CE   C N N 217 
MET OXT  O N N 218 
MET H    H N N 219 
MET H2   H N N 220 
MET HA   H N N 221 
MET HB2  H N N 222 
MET HB3  H N N 223 
MET HG2  H N N 224 
MET HG3  H N N 225 
MET HE1  H N N 226 
MET HE2  H N N 227 
MET HE3  H N N 228 
MET HXT  H N N 229 
PHE N    N N N 230 
PHE CA   C N S 231 
PHE C    C N N 232 
PHE O    O N N 233 
PHE CB   C N N 234 
PHE CG   C Y N 235 
PHE CD1  C Y N 236 
PHE CD2  C Y N 237 
PHE CE1  C Y N 238 
PHE CE2  C Y N 239 
PHE CZ   C Y N 240 
PHE OXT  O N N 241 
PHE H    H N N 242 
PHE H2   H N N 243 
PHE HA   H N N 244 
PHE HB2  H N N 245 
PHE HB3  H N N 246 
PHE HD1  H N N 247 
PHE HD2  H N N 248 
PHE HE1  H N N 249 
PHE HE2  H N N 250 
PHE HZ   H N N 251 
PHE HXT  H N N 252 
PRO N    N N N 253 
PRO CA   C N S 254 
PRO C    C N N 255 
PRO O    O N N 256 
PRO CB   C N N 257 
PRO CG   C N N 258 
PRO CD   C N N 259 
PRO OXT  O N N 260 
PRO H    H N N 261 
PRO HA   H N N 262 
PRO HB2  H N N 263 
PRO HB3  H N N 264 
PRO HG2  H N N 265 
PRO HG3  H N N 266 
PRO HD2  H N N 267 
PRO HD3  H N N 268 
PRO HXT  H N N 269 
SER N    N N N 270 
SER CA   C N S 271 
SER C    C N N 272 
SER O    O N N 273 
SER CB   C N N 274 
SER OG   O N N 275 
SER OXT  O N N 276 
SER H    H N N 277 
SER H2   H N N 278 
SER HA   H N N 279 
SER HB2  H N N 280 
SER HB3  H N N 281 
SER HG   H N N 282 
SER HXT  H N N 283 
SO4 S    S N N 284 
SO4 O1   O N N 285 
SO4 O2   O N N 286 
SO4 O3   O N N 287 
SO4 O4   O N N 288 
THR N    N N N 289 
THR CA   C N S 290 
THR C    C N N 291 
THR O    O N N 292 
THR CB   C N R 293 
THR OG1  O N N 294 
THR CG2  C N N 295 
THR OXT  O N N 296 
THR H    H N N 297 
THR H2   H N N 298 
THR HA   H N N 299 
THR HB   H N N 300 
THR HG1  H N N 301 
THR HG21 H N N 302 
THR HG22 H N N 303 
THR HG23 H N N 304 
THR HXT  H N N 305 
TRP N    N N N 306 
TRP CA   C N S 307 
TRP C    C N N 308 
TRP O    O N N 309 
TRP CB   C N N 310 
TRP CG   C Y N 311 
TRP CD1  C Y N 312 
TRP CD2  C Y N 313 
TRP NE1  N Y N 314 
TRP CE2  C Y N 315 
TRP CE3  C Y N 316 
TRP CZ2  C Y N 317 
TRP CZ3  C Y N 318 
TRP CH2  C Y N 319 
TRP OXT  O N N 320 
TRP H    H N N 321 
TRP H2   H N N 322 
TRP HA   H N N 323 
TRP HB2  H N N 324 
TRP HB3  H N N 325 
TRP HD1  H N N 326 
TRP HE1  H N N 327 
TRP HE3  H N N 328 
TRP HZ2  H N N 329 
TRP HZ3  H N N 330 
TRP HH2  H N N 331 
TRP HXT  H N N 332 
TYR N    N N N 333 
TYR CA   C N S 334 
TYR C    C N N 335 
TYR O    O N N 336 
TYR CB   C N N 337 
TYR CG   C Y N 338 
TYR CD1  C Y N 339 
TYR CD2  C Y N 340 
TYR CE1  C Y N 341 
TYR CE2  C Y N 342 
TYR CZ   C Y N 343 
TYR OH   O N N 344 
TYR OXT  O N N 345 
TYR H    H N N 346 
TYR H2   H N N 347 
TYR HA   H N N 348 
TYR HB2  H N N 349 
TYR HB3  H N N 350 
TYR HD1  H N N 351 
TYR HD2  H N N 352 
TYR HE1  H N N 353 
TYR HE2  H N N 354 
TYR HH   H N N 355 
TYR HXT  H N N 356 
VAL N    N N N 357 
VAL CA   C N S 358 
VAL C    C N N 359 
VAL O    O N N 360 
VAL CB   C N N 361 
VAL CG1  C N N 362 
VAL CG2  C N N 363 
VAL OXT  O N N 364 
VAL H    H N N 365 
VAL H2   H N N 366 
VAL HA   H N N 367 
VAL HB   H N N 368 
VAL HG11 H N N 369 
VAL HG12 H N N 370 
VAL HG13 H N N 371 
VAL HG21 H N N 372 
VAL HG22 H N N 373 
VAL HG23 H N N 374 
VAL HXT  H N N 375 
# 
loop_
_chem_comp_bond.comp_id 
_chem_comp_bond.atom_id_1 
_chem_comp_bond.atom_id_2 
_chem_comp_bond.value_order 
_chem_comp_bond.pdbx_aromatic_flag 
_chem_comp_bond.pdbx_stereo_config 
_chem_comp_bond.pdbx_ordinal 
ALA N   CA   sing N N 1   
ALA N   H    sing N N 2   
ALA N   H2   sing N N 3   
ALA CA  C    sing N N 4   
ALA CA  CB   sing N N 5   
ALA CA  HA   sing N N 6   
ALA C   O    doub N N 7   
ALA C   OXT  sing N N 8   
ALA CB  HB1  sing N N 9   
ALA CB  HB2  sing N N 10  
ALA CB  HB3  sing N N 11  
ALA OXT HXT  sing N N 12  
ARG N   CA   sing N N 13  
ARG N   H    sing N N 14  
ARG N   H2   sing N N 15  
ARG CA  C    sing N N 16  
ARG CA  CB   sing N N 17  
ARG CA  HA   sing N N 18  
ARG C   O    doub N N 19  
ARG C   OXT  sing N N 20  
ARG CB  CG   sing N N 21  
ARG CB  HB2  sing N N 22  
ARG CB  HB3  sing N N 23  
ARG CG  CD   sing N N 24  
ARG CG  HG2  sing N N 25  
ARG CG  HG3  sing N N 26  
ARG CD  NE   sing N N 27  
ARG CD  HD2  sing N N 28  
ARG CD  HD3  sing N N 29  
ARG NE  CZ   sing N N 30  
ARG NE  HE   sing N N 31  
ARG CZ  NH1  sing N N 32  
ARG CZ  NH2  doub N N 33  
ARG NH1 HH11 sing N N 34  
ARG NH1 HH12 sing N N 35  
ARG NH2 HH21 sing N N 36  
ARG NH2 HH22 sing N N 37  
ARG OXT HXT  sing N N 38  
ASN N   CA   sing N N 39  
ASN N   H    sing N N 40  
ASN N   H2   sing N N 41  
ASN CA  C    sing N N 42  
ASN CA  CB   sing N N 43  
ASN CA  HA   sing N N 44  
ASN C   O    doub N N 45  
ASN C   OXT  sing N N 46  
ASN CB  CG   sing N N 47  
ASN CB  HB2  sing N N 48  
ASN CB  HB3  sing N N 49  
ASN CG  OD1  doub N N 50  
ASN CG  ND2  sing N N 51  
ASN ND2 HD21 sing N N 52  
ASN ND2 HD22 sing N N 53  
ASN OXT HXT  sing N N 54  
ASP N   CA   sing N N 55  
ASP N   H    sing N N 56  
ASP N   H2   sing N N 57  
ASP CA  C    sing N N 58  
ASP CA  CB   sing N N 59  
ASP CA  HA   sing N N 60  
ASP C   O    doub N N 61  
ASP C   OXT  sing N N 62  
ASP CB  CG   sing N N 63  
ASP CB  HB2  sing N N 64  
ASP CB  HB3  sing N N 65  
ASP CG  OD1  doub N N 66  
ASP CG  OD2  sing N N 67  
ASP OD2 HD2  sing N N 68  
ASP OXT HXT  sing N N 69  
CYS N   CA   sing N N 70  
CYS N   H    sing N N 71  
CYS N   H2   sing N N 72  
CYS CA  C    sing N N 73  
CYS CA  CB   sing N N 74  
CYS CA  HA   sing N N 75  
CYS C   O    doub N N 76  
CYS C   OXT  sing N N 77  
CYS CB  SG   sing N N 78  
CYS CB  HB2  sing N N 79  
CYS CB  HB3  sing N N 80  
CYS SG  HG   sing N N 81  
CYS OXT HXT  sing N N 82  
GLU N   CA   sing N N 83  
GLU N   H    sing N N 84  
GLU N   H2   sing N N 85  
GLU CA  C    sing N N 86  
GLU CA  CB   sing N N 87  
GLU CA  HA   sing N N 88  
GLU C   O    doub N N 89  
GLU C   OXT  sing N N 90  
GLU CB  CG   sing N N 91  
GLU CB  HB2  sing N N 92  
GLU CB  HB3  sing N N 93  
GLU CG  CD   sing N N 94  
GLU CG  HG2  sing N N 95  
GLU CG  HG3  sing N N 96  
GLU CD  OE1  doub N N 97  
GLU CD  OE2  sing N N 98  
GLU OE2 HE2  sing N N 99  
GLU OXT HXT  sing N N 100 
GLY N   CA   sing N N 101 
GLY N   H    sing N N 102 
GLY N   H2   sing N N 103 
GLY CA  C    sing N N 104 
GLY CA  HA2  sing N N 105 
GLY CA  HA3  sing N N 106 
GLY C   O    doub N N 107 
GLY C   OXT  sing N N 108 
GLY OXT HXT  sing N N 109 
HIS N   CA   sing N N 110 
HIS N   H    sing N N 111 
HIS N   H2   sing N N 112 
HIS CA  C    sing N N 113 
HIS CA  CB   sing N N 114 
HIS CA  HA   sing N N 115 
HIS C   O    doub N N 116 
HIS C   OXT  sing N N 117 
HIS CB  CG   sing N N 118 
HIS CB  HB2  sing N N 119 
HIS CB  HB3  sing N N 120 
HIS CG  ND1  sing Y N 121 
HIS CG  CD2  doub Y N 122 
HIS ND1 CE1  doub Y N 123 
HIS ND1 HD1  sing N N 124 
HIS CD2 NE2  sing Y N 125 
HIS CD2 HD2  sing N N 126 
HIS CE1 NE2  sing Y N 127 
HIS CE1 HE1  sing N N 128 
HIS NE2 HE2  sing N N 129 
HIS OXT HXT  sing N N 130 
HOH O   H1   sing N N 131 
HOH O   H2   sing N N 132 
ILE N   CA   sing N N 133 
ILE N   H    sing N N 134 
ILE N   H2   sing N N 135 
ILE CA  C    sing N N 136 
ILE CA  CB   sing N N 137 
ILE CA  HA   sing N N 138 
ILE C   O    doub N N 139 
ILE C   OXT  sing N N 140 
ILE CB  CG1  sing N N 141 
ILE CB  CG2  sing N N 142 
ILE CB  HB   sing N N 143 
ILE CG1 CD1  sing N N 144 
ILE CG1 HG12 sing N N 145 
ILE CG1 HG13 sing N N 146 
ILE CG2 HG21 sing N N 147 
ILE CG2 HG22 sing N N 148 
ILE CG2 HG23 sing N N 149 
ILE CD1 HD11 sing N N 150 
ILE CD1 HD12 sing N N 151 
ILE CD1 HD13 sing N N 152 
ILE OXT HXT  sing N N 153 
LEU N   CA   sing N N 154 
LEU N   H    sing N N 155 
LEU N   H2   sing N N 156 
LEU CA  C    sing N N 157 
LEU CA  CB   sing N N 158 
LEU CA  HA   sing N N 159 
LEU C   O    doub N N 160 
LEU C   OXT  sing N N 161 
LEU CB  CG   sing N N 162 
LEU CB  HB2  sing N N 163 
LEU CB  HB3  sing N N 164 
LEU CG  CD1  sing N N 165 
LEU CG  CD2  sing N N 166 
LEU CG  HG   sing N N 167 
LEU CD1 HD11 sing N N 168 
LEU CD1 HD12 sing N N 169 
LEU CD1 HD13 sing N N 170 
LEU CD2 HD21 sing N N 171 
LEU CD2 HD22 sing N N 172 
LEU CD2 HD23 sing N N 173 
LEU OXT HXT  sing N N 174 
LYS N   CA   sing N N 175 
LYS N   H    sing N N 176 
LYS N   H2   sing N N 177 
LYS CA  C    sing N N 178 
LYS CA  CB   sing N N 179 
LYS CA  HA   sing N N 180 
LYS C   O    doub N N 181 
LYS C   OXT  sing N N 182 
LYS CB  CG   sing N N 183 
LYS CB  HB2  sing N N 184 
LYS CB  HB3  sing N N 185 
LYS CG  CD   sing N N 186 
LYS CG  HG2  sing N N 187 
LYS CG  HG3  sing N N 188 
LYS CD  CE   sing N N 189 
LYS CD  HD2  sing N N 190 
LYS CD  HD3  sing N N 191 
LYS CE  NZ   sing N N 192 
LYS CE  HE2  sing N N 193 
LYS CE  HE3  sing N N 194 
LYS NZ  HZ1  sing N N 195 
LYS NZ  HZ2  sing N N 196 
LYS NZ  HZ3  sing N N 197 
LYS OXT HXT  sing N N 198 
MET N   CA   sing N N 199 
MET N   H    sing N N 200 
MET N   H2   sing N N 201 
MET CA  C    sing N N 202 
MET CA  CB   sing N N 203 
MET CA  HA   sing N N 204 
MET C   O    doub N N 205 
MET C   OXT  sing N N 206 
MET CB  CG   sing N N 207 
MET CB  HB2  sing N N 208 
MET CB  HB3  sing N N 209 
MET CG  SD   sing N N 210 
MET CG  HG2  sing N N 211 
MET CG  HG3  sing N N 212 
MET SD  CE   sing N N 213 
MET CE  HE1  sing N N 214 
MET CE  HE2  sing N N 215 
MET CE  HE3  sing N N 216 
MET OXT HXT  sing N N 217 
PHE N   CA   sing N N 218 
PHE N   H    sing N N 219 
PHE N   H2   sing N N 220 
PHE CA  C    sing N N 221 
PHE CA  CB   sing N N 222 
PHE CA  HA   sing N N 223 
PHE C   O    doub N N 224 
PHE C   OXT  sing N N 225 
PHE CB  CG   sing N N 226 
PHE CB  HB2  sing N N 227 
PHE CB  HB3  sing N N 228 
PHE CG  CD1  doub Y N 229 
PHE CG  CD2  sing Y N 230 
PHE CD1 CE1  sing Y N 231 
PHE CD1 HD1  sing N N 232 
PHE CD2 CE2  doub Y N 233 
PHE CD2 HD2  sing N N 234 
PHE CE1 CZ   doub Y N 235 
PHE CE1 HE1  sing N N 236 
PHE CE2 CZ   sing Y N 237 
PHE CE2 HE2  sing N N 238 
PHE CZ  HZ   sing N N 239 
PHE OXT HXT  sing N N 240 
PRO N   CA   sing N N 241 
PRO N   CD   sing N N 242 
PRO N   H    sing N N 243 
PRO CA  C    sing N N 244 
PRO CA  CB   sing N N 245 
PRO CA  HA   sing N N 246 
PRO C   O    doub N N 247 
PRO C   OXT  sing N N 248 
PRO CB  CG   sing N N 249 
PRO CB  HB2  sing N N 250 
PRO CB  HB3  sing N N 251 
PRO CG  CD   sing N N 252 
PRO CG  HG2  sing N N 253 
PRO CG  HG3  sing N N 254 
PRO CD  HD2  sing N N 255 
PRO CD  HD3  sing N N 256 
PRO OXT HXT  sing N N 257 
SER N   CA   sing N N 258 
SER N   H    sing N N 259 
SER N   H2   sing N N 260 
SER CA  C    sing N N 261 
SER CA  CB   sing N N 262 
SER CA  HA   sing N N 263 
SER C   O    doub N N 264 
SER C   OXT  sing N N 265 
SER CB  OG   sing N N 266 
SER CB  HB2  sing N N 267 
SER CB  HB3  sing N N 268 
SER OG  HG   sing N N 269 
SER OXT HXT  sing N N 270 
SO4 S   O1   doub N N 271 
SO4 S   O2   doub N N 272 
SO4 S   O3   sing N N 273 
SO4 S   O4   sing N N 274 
THR N   CA   sing N N 275 
THR N   H    sing N N 276 
THR N   H2   sing N N 277 
THR CA  C    sing N N 278 
THR CA  CB   sing N N 279 
THR CA  HA   sing N N 280 
THR C   O    doub N N 281 
THR C   OXT  sing N N 282 
THR CB  OG1  sing N N 283 
THR CB  CG2  sing N N 284 
THR CB  HB   sing N N 285 
THR OG1 HG1  sing N N 286 
THR CG2 HG21 sing N N 287 
THR CG2 HG22 sing N N 288 
THR CG2 HG23 sing N N 289 
THR OXT HXT  sing N N 290 
TRP N   CA   sing N N 291 
TRP N   H    sing N N 292 
TRP N   H2   sing N N 293 
TRP CA  C    sing N N 294 
TRP CA  CB   sing N N 295 
TRP CA  HA   sing N N 296 
TRP C   O    doub N N 297 
TRP C   OXT  sing N N 298 
TRP CB  CG   sing N N 299 
TRP CB  HB2  sing N N 300 
TRP CB  HB3  sing N N 301 
TRP CG  CD1  doub Y N 302 
TRP CG  CD2  sing Y N 303 
TRP CD1 NE1  sing Y N 304 
TRP CD1 HD1  sing N N 305 
TRP CD2 CE2  doub Y N 306 
TRP CD2 CE3  sing Y N 307 
TRP NE1 CE2  sing Y N 308 
TRP NE1 HE1  sing N N 309 
TRP CE2 CZ2  sing Y N 310 
TRP CE3 CZ3  doub Y N 311 
TRP CE3 HE3  sing N N 312 
TRP CZ2 CH2  doub Y N 313 
TRP CZ2 HZ2  sing N N 314 
TRP CZ3 CH2  sing Y N 315 
TRP CZ3 HZ3  sing N N 316 
TRP CH2 HH2  sing N N 317 
TRP OXT HXT  sing N N 318 
TYR N   CA   sing N N 319 
TYR N   H    sing N N 320 
TYR N   H2   sing N N 321 
TYR CA  C    sing N N 322 
TYR CA  CB   sing N N 323 
TYR CA  HA   sing N N 324 
TYR C   O    doub N N 325 
TYR C   OXT  sing N N 326 
TYR CB  CG   sing N N 327 
TYR CB  HB2  sing N N 328 
TYR CB  HB3  sing N N 329 
TYR CG  CD1  doub Y N 330 
TYR CG  CD2  sing Y N 331 
TYR CD1 CE1  sing Y N 332 
TYR CD1 HD1  sing N N 333 
TYR CD2 CE2  doub Y N 334 
TYR CD2 HD2  sing N N 335 
TYR CE1 CZ   doub Y N 336 
TYR CE1 HE1  sing N N 337 
TYR CE2 CZ   sing Y N 338 
TYR CE2 HE2  sing N N 339 
TYR CZ  OH   sing N N 340 
TYR OH  HH   sing N N 341 
TYR OXT HXT  sing N N 342 
VAL N   CA   sing N N 343 
VAL N   H    sing N N 344 
VAL N   H2   sing N N 345 
VAL CA  C    sing N N 346 
VAL CA  CB   sing N N 347 
VAL CA  HA   sing N N 348 
VAL C   O    doub N N 349 
VAL C   OXT  sing N N 350 
VAL CB  CG1  sing N N 351 
VAL CB  CG2  sing N N 352 
VAL CB  HB   sing N N 353 
VAL CG1 HG11 sing N N 354 
VAL CG1 HG12 sing N N 355 
VAL CG1 HG13 sing N N 356 
VAL CG2 HG21 sing N N 357 
VAL CG2 HG22 sing N N 358 
VAL CG2 HG23 sing N N 359 
VAL OXT HXT  sing N N 360 
# 
_atom_sites.entry_id                    1V76 
_atom_sites.fract_transf_matrix[1][1]   0.01062473 
_atom_sites.fract_transf_matrix[1][2]   -0.01484813 
_atom_sites.fract_transf_matrix[1][3]   0.03752448 
_atom_sites.fract_transf_matrix[2][1]   -0.00593437 
_atom_sites.fract_transf_matrix[2][2]   0.01493306 
_atom_sites.fract_transf_matrix[2][3]   0.00758916 
_atom_sites.fract_transf_matrix[3][1]   -0.01222490 
_atom_sites.fract_transf_matrix[3][2]   -0.00629131 
_atom_sites.fract_transf_matrix[3][3]   0.00282000 
_atom_sites.fract_transf_vector[1]      0.955779 
_atom_sites.fract_transf_vector[2]      0.396958 
_atom_sites.fract_transf_vector[3]      0.648192 
# 
loop_
_atom_type.symbol 
C 
N 
O 
S 
# 
loop_
_atom_site.group_PDB 
_atom_site.id 
_atom_site.type_symbol 
_atom_site.label_atom_id 
_atom_site.label_alt_id 
_atom_site.label_comp_id 
_atom_site.label_asym_id 
_atom_site.label_entity_id 
_atom_site.label_seq_id 
_atom_site.pdbx_PDB_ins_code 
_atom_site.Cartn_x 
_atom_site.Cartn_y 
_atom_site.Cartn_z 
_atom_site.occupancy 
_atom_site.B_iso_or_equiv 
_atom_site.pdbx_formal_charge 
_atom_site.auth_seq_id 
_atom_site.auth_comp_id 
_atom_site.auth_asym_id 
_atom_site.auth_atom_id 
_atom_site.pdbx_PDB_model_num 
ATOM   1    N N   . GLY A 1 5  ? 23.202  -0.263  -4.027  1.00 32.69 ? 36  GLY A N   1 
ATOM   2    C CA  . GLY A 1 5  ? 23.815  -1.242  -4.953  1.00 32.52 ? 36  GLY A CA  1 
ATOM   3    C C   . GLY A 1 5  ? 23.641  -0.859  -6.410  1.00 32.35 ? 36  GLY A C   1 
ATOM   4    O O   . GLY A 1 5  ? 23.799  0.307   -6.777  1.00 31.10 ? 36  GLY A O   1 
ATOM   5    N N   . ARG A 1 6  ? 23.321  -1.848  -7.241  1.00 31.54 ? 37  ARG A N   1 
ATOM   6    C CA  . ARG A 1 6  ? 23.123  -1.622  -8.669  1.00 30.32 ? 37  ARG A CA  1 
ATOM   7    C C   . ARG A 1 6  ? 21.709  -1.120  -8.918  1.00 27.31 ? 37  ARG A C   1 
ATOM   8    O O   . ARG A 1 6  ? 20.838  -1.882  -9.332  1.00 26.10 ? 37  ARG A O   1 
ATOM   9    C CB  . ARG A 1 6  ? 23.338  -2.919  -9.452  1.00 33.28 ? 37  ARG A CB  1 
ATOM   10   C CG  . ARG A 1 6  ? 24.702  -3.554  -9.261  1.00 37.13 ? 37  ARG A CG  1 
ATOM   11   C CD  . ARG A 1 6  ? 24.825  -4.798  -10.129 1.00 39.97 ? 37  ARG A CD  1 
ATOM   12   N NE  . ARG A 1 6  ? 26.087  -5.502  -9.924  1.00 42.52 ? 37  ARG A NE  1 
ATOM   13   C CZ  . ARG A 1 6  ? 26.446  -6.593  -10.591 1.00 44.34 ? 37  ARG A CZ  1 
ATOM   14   N NH1 . ARG A 1 6  ? 25.639  -7.108  -11.511 1.00 45.03 ? 37  ARG A NH1 1 
ATOM   15   N NH2 . ARG A 1 6  ? 27.612  -7.172  -10.340 1.00 45.85 ? 37  ARG A NH2 1 
ATOM   16   N N   . VAL A 1 7  ? 21.491  0.165   -8.669  1.00 24.66 ? 38  VAL A N   1 
ATOM   17   C CA  . VAL A 1 7  ? 20.182  0.771   -8.851  1.00 22.70 ? 38  VAL A CA  1 
ATOM   18   C C   . VAL A 1 7  ? 20.055  1.475   -10.202 1.00 21.34 ? 38  VAL A C   1 
ATOM   19   O O   . VAL A 1 7  ? 21.050  1.905   -10.783 1.00 22.30 ? 38  VAL A O   1 
ATOM   20   C CB  . VAL A 1 7  ? 19.897  1.787   -7.722  1.00 22.39 ? 38  VAL A CB  1 
ATOM   21   C CG1 . VAL A 1 7  ? 19.857  1.074   -6.388  1.00 21.75 ? 38  VAL A CG1 1 
ATOM   22   C CG2 . VAL A 1 7  ? 20.981  2.860   -7.696  1.00 21.22 ? 38  VAL A CG2 1 
ATOM   23   N N   . THR A 1 8  ? 18.825  1.574   -10.694 1.00 19.68 ? 39  THR A N   1 
ATOM   24   C CA  . THR A 1 8  ? 18.525  2.234   -11.964 1.00 18.05 ? 39  THR A CA  1 
ATOM   25   C C   . THR A 1 8  ? 17.232  3.018   -11.757 1.00 17.69 ? 39  THR A C   1 
ATOM   26   O O   . THR A 1 8  ? 16.522  2.797   -10.770 1.00 16.45 ? 39  THR A O   1 
ATOM   27   C CB  . THR A 1 8  ? 18.295  1.216   -13.099 1.00 18.16 ? 39  THR A CB  1 
ATOM   28   O OG1 . THR A 1 8  ? 17.103  0.466   -12.835 1.00 17.22 ? 39  THR A OG1 1 
ATOM   29   C CG2 . THR A 1 8  ? 19.479  0.259   -13.210 1.00 18.41 ? 39  THR A CG2 1 
ATOM   30   N N   . ARG A 1 9  ? 16.920  3.927   -12.677 1.00 15.64 ? 40  ARG A N   1 
ATOM   31   C CA  . ARG A 1 9  ? 15.710  4.729   -12.544 1.00 16.10 ? 40  ARG A CA  1 
ATOM   32   C C   . ARG A 1 9  ? 14.473  3.838   -12.510 1.00 17.02 ? 40  ARG A C   1 
ATOM   33   O O   . ARG A 1 9  ? 13.460  4.185   -11.904 1.00 16.89 ? 40  ARG A O   1 
ATOM   34   C CB  . ARG A 1 9  ? 15.600  5.735   -13.698 1.00 15.01 ? 40  ARG A CB  1 
ATOM   35   C CG  . ARG A 1 9  ? 14.302  6.533   -13.702 1.00 14.01 ? 40  ARG A CG  1 
ATOM   36   C CD  . ARG A 1 9  ? 14.155  7.378   -12.452 1.00 13.52 ? 40  ARG A CD  1 
ATOM   37   N NE  . ARG A 1 9  ? 12.893  8.117   -12.424 1.00 12.75 ? 40  ARG A NE  1 
ATOM   38   C CZ  . ARG A 1 9  ? 11.702  7.565   -12.215 1.00 13.82 ? 40  ARG A CZ  1 
ATOM   39   N NH1 . ARG A 1 9  ? 11.598  6.258   -12.015 1.00 10.74 ? 40  ARG A NH1 1 
ATOM   40   N NH2 . ARG A 1 9  ? 10.611  8.322   -12.205 1.00 12.93 ? 40  ARG A NH2 1 
ATOM   41   N N   . ARG A 1 10 ? 14.571  2.681   -13.155 1.00 17.33 ? 41  ARG A N   1 
ATOM   42   C CA  . ARG A 1 10 ? 13.464  1.738   -13.207 1.00 19.34 ? 41  ARG A CA  1 
ATOM   43   C C   . ARG A 1 10 ? 13.293  0.907   -11.933 1.00 17.40 ? 41  ARG A C   1 
ATOM   44   O O   . ARG A 1 10 ? 12.189  0.803   -11.405 1.00 18.13 ? 41  ARG A O   1 
ATOM   45   C CB  . ARG A 1 10 ? 13.635  0.807   -14.413 1.00 21.40 ? 41  ARG A CB  1 
ATOM   46   C CG  . ARG A 1 10 ? 13.577  1.540   -15.739 1.00 29.80 ? 41  ARG A CG  1 
ATOM   47   C CD  . ARG A 1 10 ? 13.918  0.651   -16.925 1.00 33.90 ? 41  ARG A CD  1 
ATOM   48   N NE  . ARG A 1 10 ? 13.897  1.414   -18.171 1.00 37.73 ? 41  ARG A NE  1 
ATOM   49   C CZ  . ARG A 1 10 ? 14.202  0.918   -19.366 1.00 40.78 ? 41  ARG A CZ  1 
ATOM   50   N NH1 . ARG A 1 10 ? 14.557  -0.355  -19.492 1.00 42.19 ? 41  ARG A NH1 1 
ATOM   51   N NH2 . ARG A 1 10 ? 14.150  1.699   -20.440 1.00 43.10 ? 41  ARG A NH2 1 
ATOM   52   N N   . ASN A 1 11 ? 14.379  0.329   -11.426 1.00 15.58 ? 42  ASN A N   1 
ATOM   53   C CA  . ASN A 1 11 ? 14.274  -0.508  -10.237 1.00 17.31 ? 42  ASN A CA  1 
ATOM   54   C C   . ASN A 1 11 ? 14.349  0.213   -8.894  1.00 15.75 ? 42  ASN A C   1 
ATOM   55   O O   . ASN A 1 11 ? 14.020  -0.373  -7.865  1.00 17.56 ? 42  ASN A O   1 
ATOM   56   C CB  . ASN A 1 11 ? 15.326  -1.624  -10.271 1.00 16.98 ? 42  ASN A CB  1 
ATOM   57   C CG  . ASN A 1 11 ? 16.741  -1.104  -10.115 1.00 19.67 ? 42  ASN A CG  1 
ATOM   58   O OD1 . ASN A 1 11 ? 17.027  -0.295  -9.234  1.00 16.53 ? 42  ASN A OD1 1 
ATOM   59   N ND2 . ASN A 1 11 ? 17.640  -1.584  -10.964 1.00 23.54 ? 42  ASN A ND2 1 
ATOM   60   N N   . ILE A 1 12 ? 14.765  1.474   -8.898  1.00 14.40 ? 43  ILE A N   1 
ATOM   61   C CA  . ILE A 1 12 ? 14.880  2.227   -7.650  1.00 15.74 ? 43  ILE A CA  1 
ATOM   62   C C   . ILE A 1 12 ? 13.547  2.218   -6.898  1.00 15.49 ? 43  ILE A C   1 
ATOM   63   O O   . ILE A 1 12 ? 13.506  2.374   -5.677  1.00 15.03 ? 43  ILE A O   1 
ATOM   64   C CB  . ILE A 1 12 ? 15.324  3.690   -7.914  1.00 15.79 ? 43  ILE A CB  1 
ATOM   65   C CG1 . ILE A 1 12 ? 15.684  4.379   -6.596  1.00 18.85 ? 43  ILE A CG1 1 
ATOM   66   C CG2 . ILE A 1 12 ? 14.217  4.461   -8.611  1.00 14.82 ? 43  ILE A CG2 1 
ATOM   67   C CD1 . ILE A 1 12 ? 16.952  3.876   -5.971  1.00 20.05 ? 43  ILE A CD1 1 
ATOM   68   N N   . ILE A 1 13 ? 12.461  2.018   -7.639  1.00 14.48 ? 44  ILE A N   1 
ATOM   69   C CA  . ILE A 1 13 ? 11.122  1.976   -7.060  1.00 13.67 ? 44  ILE A CA  1 
ATOM   70   C C   . ILE A 1 13 ? 10.971  0.869   -6.007  1.00 13.04 ? 44  ILE A C   1 
ATOM   71   O O   . ILE A 1 13 ? 10.256  1.040   -5.024  1.00 11.14 ? 44  ILE A O   1 
ATOM   72   C CB  . ILE A 1 13 ? 10.056  1.763   -8.160  1.00 14.57 ? 44  ILE A CB  1 
ATOM   73   C CG1 . ILE A 1 13 ? 10.058  2.954   -9.122  1.00 17.04 ? 44  ILE A CG1 1 
ATOM   74   C CG2 . ILE A 1 13 ? 8.680   1.600   -7.538  1.00 16.61 ? 44  ILE A CG2 1 
ATOM   75   C CD1 . ILE A 1 13 ? 9.771   4.288   -8.458  1.00 15.91 ? 44  ILE A CD1 1 
ATOM   76   N N   . TRP A 1 14 ? 11.642  -0.262  -6.210  1.00 12.66 ? 45  TRP A N   1 
ATOM   77   C CA  . TRP A 1 14 ? 11.543  -1.365  -5.256  1.00 14.40 ? 45  TRP A CA  1 
ATOM   78   C C   . TRP A 1 14 ? 12.846  -1.647  -4.523  1.00 14.27 ? 45  TRP A C   1 
ATOM   79   O O   . TRP A 1 14 ? 12.857  -2.302  -3.481  1.00 17.42 ? 45  TRP A O   1 
ATOM   80   C CB  . TRP A 1 14 ? 11.066  -2.650  -5.957  1.00 14.81 ? 45  TRP A CB  1 
ATOM   81   C CG  . TRP A 1 14 ? 11.922  -3.117  -7.107  1.00 17.11 ? 45  TRP A CG  1 
ATOM   82   C CD1 . TRP A 1 14 ? 11.614  -3.044  -8.437  1.00 18.05 ? 45  TRP A CD1 1 
ATOM   83   C CD2 . TRP A 1 14 ? 13.198  -3.770  -7.027  1.00 19.44 ? 45  TRP A CD2 1 
ATOM   84   N NE1 . TRP A 1 14 ? 12.615  -3.616  -9.189  1.00 19.41 ? 45  TRP A NE1 1 
ATOM   85   C CE2 . TRP A 1 14 ? 13.599  -4.068  -8.350  1.00 18.89 ? 45  TRP A CE2 1 
ATOM   86   C CE3 . TRP A 1 14 ? 14.042  -4.133  -5.966  1.00 20.36 ? 45  TRP A CE3 1 
ATOM   87   C CZ2 . TRP A 1 14 ? 14.809  -4.716  -8.642  1.00 20.04 ? 45  TRP A CZ2 1 
ATOM   88   C CZ3 . TRP A 1 14 ? 15.247  -4.778  -6.255  1.00 20.32 ? 45  TRP A CZ3 1 
ATOM   89   C CH2 . TRP A 1 14 ? 15.616  -5.060  -7.586  1.00 21.07 ? 45  TRP A CH2 1 
ATOM   90   N N   . HIS A 1 15 ? 13.943  -1.137  -5.067  1.00 12.58 ? 46  HIS A N   1 
ATOM   91   C CA  . HIS A 1 15 ? 15.265  -1.347  -4.494  1.00 11.72 ? 46  HIS A CA  1 
ATOM   92   C C   . HIS A 1 15 ? 15.455  -0.693  -3.122  1.00 11.46 ? 46  HIS A C   1 
ATOM   93   O O   . HIS A 1 15 ? 14.883  0.356   -2.835  1.00 12.78 ? 46  HIS A O   1 
ATOM   94   C CB  . HIS A 1 15 ? 16.317  -0.819  -5.468  1.00 10.65 ? 46  HIS A CB  1 
ATOM   95   C CG  . HIS A 1 15 ? 17.697  -1.329  -5.207  1.00 15.18 ? 46  HIS A CG  1 
ATOM   96   N ND1 . HIS A 1 15 ? 18.293  -2.297  -5.986  1.00 18.41 ? 46  HIS A ND1 1 
ATOM   97   C CD2 . HIS A 1 15 ? 18.597  -1.014  -4.246  1.00 13.84 ? 46  HIS A CD2 1 
ATOM   98   C CE1 . HIS A 1 15 ? 19.501  -2.556  -5.517  1.00 17.94 ? 46  HIS A CE1 1 
ATOM   99   N NE2 . HIS A 1 15 ? 19.708  -1.790  -4.460  1.00 17.07 ? 46  HIS A NE2 1 
ATOM   100  N N   . GLU A 1 16 ? 16.256  -1.324  -2.270  1.00 10.03 ? 47  GLU A N   1 
ATOM   101  C CA  . GLU A 1 16 ? 16.526  -0.776  -0.947  1.00 14.06 ? 47  GLU A CA  1 
ATOM   102  C C   . GLU A 1 16 ? 17.416  0.459   -1.139  1.00 13.23 ? 47  GLU A C   1 
ATOM   103  O O   . GLU A 1 16 ? 18.214  0.513   -2.071  1.00 13.27 ? 47  GLU A O   1 
ATOM   104  C CB  . GLU A 1 16 ? 17.185  -1.852  -0.067  1.00 18.09 ? 47  GLU A CB  1 
ATOM   105  C CG  . GLU A 1 16 ? 16.142  -2.785  0.585   1.00 25.47 ? 47  GLU A CG  1 
ATOM   106  C CD  . GLU A 1 16 ? 16.656  -4.183  0.903   1.00 29.93 ? 47  GLU A CD  1 
ATOM   107  O OE1 . GLU A 1 16 ? 16.953  -4.948  -0.042  1.00 31.93 ? 47  GLU A OE1 1 
ATOM   108  O OE2 . GLU A 1 16 ? 16.752  -4.525  2.101   1.00 34.00 ? 47  GLU A OE2 1 
ATOM   109  N N   . LEU A 1 17 ? 17.266  1.457   -0.276  1.00 13.08 ? 48  LEU A N   1 
ATOM   110  C CA  . LEU A 1 17 ? 18.030  2.696   -0.409  1.00 13.05 ? 48  LEU A CA  1 
ATOM   111  C C   . LEU A 1 17 ? 19.158  2.851   0.603   1.00 13.79 ? 48  LEU A C   1 
ATOM   112  O O   . LEU A 1 17 ? 20.123  3.580   0.367   1.00 12.77 ? 48  LEU A O   1 
ATOM   113  C CB  . LEU A 1 17 ? 17.077  3.888   -0.291  1.00 12.34 ? 48  LEU A CB  1 
ATOM   114  C CG  . LEU A 1 17 ? 15.842  3.848   -1.203  1.00 12.48 ? 48  LEU A CG  1 
ATOM   115  C CD1 . LEU A 1 17 ? 14.876  4.963   -0.822  1.00 12.09 ? 48  LEU A CD1 1 
ATOM   116  C CD2 . LEU A 1 17 ? 16.272  3.977   -2.659  1.00 11.51 ? 48  LEU A CD2 1 
ATOM   117  N N   . ILE A 1 18 ? 19.022  2.175   1.737   1.00 14.18 ? 49  ILE A N   1 
ATOM   118  C CA  . ILE A 1 18 ? 20.024  2.243   2.788   1.00 13.86 ? 49  ILE A CA  1 
ATOM   119  C C   . ILE A 1 18 ? 21.398  1.861   2.246   1.00 13.44 ? 49  ILE A C   1 
ATOM   120  O O   . ILE A 1 18 ? 21.562  0.824   1.601   1.00 13.16 ? 49  ILE A O   1 
ATOM   121  C CB  . ILE A 1 18 ? 19.625  1.318   3.964   1.00 14.45 ? 49  ILE A CB  1 
ATOM   122  C CG1 . ILE A 1 18 ? 18.357  1.871   4.624   1.00 12.93 ? 49  ILE A CG1 1 
ATOM   123  C CG2 . ILE A 1 18 ? 20.766  1.194   4.954   1.00 13.11 ? 49  ILE A CG2 1 
ATOM   124  C CD1 . ILE A 1 18 ? 17.808  1.018   5.744   1.00 13.77 ? 49  ILE A CD1 1 
ATOM   125  N N   . GLY A 1 19 ? 22.381  2.719   2.493   1.00 13.22 ? 50  GLY A N   1 
ATOM   126  C CA  . GLY A 1 19 ? 23.724  2.451   2.013   1.00 14.69 ? 50  GLY A CA  1 
ATOM   127  C C   . GLY A 1 19 ? 24.079  3.195   0.735   1.00 15.09 ? 50  GLY A C   1 
ATOM   128  O O   . GLY A 1 19 ? 25.240  3.204   0.330   1.00 16.58 ? 50  GLY A O   1 
ATOM   129  N N   . LEU A 1 20 ? 23.095  3.810   0.084   1.00 14.19 ? 51  LEU A N   1 
ATOM   130  C CA  . LEU A 1 20 ? 23.375  4.555   -1.146  1.00 14.08 ? 51  LEU A CA  1 
ATOM   131  C C   . LEU A 1 20 ? 23.680  6.001   -0.807  1.00 14.52 ? 51  LEU A C   1 
ATOM   132  O O   . LEU A 1 20 ? 23.182  6.536   0.189   1.00 14.99 ? 51  LEU A O   1 
ATOM   133  C CB  . LEU A 1 20 ? 22.176  4.537   -2.100  1.00 13.75 ? 51  LEU A CB  1 
ATOM   134  C CG  . LEU A 1 20 ? 21.666  3.236   -2.728  1.00 14.07 ? 51  LEU A CG  1 
ATOM   135  C CD1 . LEU A 1 20 ? 20.400  3.545   -3.506  1.00 9.62  ? 51  LEU A CD1 1 
ATOM   136  C CD2 . LEU A 1 20 ? 22.707  2.634   -3.652  1.00 11.78 ? 51  LEU A CD2 1 
ATOM   137  N N   . ARG A 1 21 ? 24.497  6.647   -1.626  1.00 14.00 ? 52  ARG A N   1 
ATOM   138  C CA  . ARG A 1 21 ? 24.782  8.044   -1.371  1.00 14.69 ? 52  ARG A CA  1 
ATOM   139  C C   . ARG A 1 21 ? 23.619  8.798   -2.011  1.00 13.68 ? 52  ARG A C   1 
ATOM   140  O O   . ARG A 1 21 ? 23.090  8.375   -3.041  1.00 12.48 ? 52  ARG A O   1 
ATOM   141  C CB  . ARG A 1 21 ? 26.119  8.456   -1.982  1.00 18.27 ? 52  ARG A CB  1 
ATOM   142  C CG  . ARG A 1 21 ? 26.570  9.825   -1.512  1.00 25.42 ? 52  ARG A CG  1 
ATOM   143  C CD  . ARG A 1 21 ? 28.073  9.895   -1.350  1.00 32.23 ? 52  ARG A CD  1 
ATOM   144  N NE  . ARG A 1 21 ? 28.776  9.594   -2.593  1.00 37.04 ? 52  ARG A NE  1 
ATOM   145  C CZ  . ARG A 1 21 ? 30.098  9.598   -2.717  1.00 39.79 ? 52  ARG A CZ  1 
ATOM   146  N NH1 . ARG A 1 21 ? 30.860  9.891   -1.669  1.00 41.14 ? 52  ARG A NH1 1 
ATOM   147  N NH2 . ARG A 1 21 ? 30.660  9.313   -3.886  1.00 40.25 ? 52  ARG A NH2 1 
ATOM   148  N N   . VAL A 1 22 ? 23.205  9.895   -1.392  1.00 13.77 ? 53  VAL A N   1 
ATOM   149  C CA  . VAL A 1 22 ? 22.073  10.660  -1.903  1.00 10.71 ? 53  VAL A CA  1 
ATOM   150  C C   . VAL A 1 22 ? 22.263  12.160  -1.754  1.00 11.39 ? 53  VAL A C   1 
ATOM   151  O O   . VAL A 1 22 ? 22.956  12.630  -0.849  1.00 11.30 ? 53  VAL A O   1 
ATOM   152  C CB  . VAL A 1 22 ? 20.766  10.257  -1.175  1.00 9.94  ? 53  VAL A CB  1 
ATOM   153  C CG1 . VAL A 1 22 ? 20.846  10.650  0.297   1.00 8.84  ? 53  VAL A CG1 1 
ATOM   154  C CG2 . VAL A 1 22 ? 19.562  10.915  -1.841  1.00 8.65  ? 53  VAL A CG2 1 
ATOM   155  N N   . ARG A 1 23 ? 21.626  12.902  -2.651  1.00 11.28 ? 54  ARG A N   1 
ATOM   156  C CA  . ARG A 1 23 ? 21.688  14.352  -2.649  1.00 11.75 ? 54  ARG A CA  1 
ATOM   157  C C   . ARG A 1 23 ? 20.293  14.887  -2.880  1.00 9.79  ? 54  ARG A C   1 
ATOM   158  O O   . ARG A 1 23 ? 19.586  14.411  -3.766  1.00 9.75  ? 54  ARG A O   1 
ATOM   159  C CB  . ARG A 1 23 ? 22.603  14.852  -3.775  1.00 14.02 ? 54  ARG A CB  1 
ATOM   160  C CG  . ARG A 1 23 ? 22.791  16.364  -3.803  1.00 20.28 ? 54  ARG A CG  1 
ATOM   161  C CD  . ARG A 1 23 ? 23.749  16.784  -4.926  1.00 25.88 ? 54  ARG A CD  1 
ATOM   162  N NE  . ARG A 1 23 ? 23.163  16.597  -6.253  1.00 30.85 ? 54  ARG A NE  1 
ATOM   163  C CZ  . ARG A 1 23 ? 23.821  16.772  -7.395  1.00 31.75 ? 54  ARG A CZ  1 
ATOM   164  N NH1 . ARG A 1 23 ? 25.098  17.134  -7.381  1.00 34.26 ? 54  ARG A NH1 1 
ATOM   165  N NH2 . ARG A 1 23 ? 23.203  16.592  -8.555  1.00 29.74 ? 54  ARG A NH2 1 
ATOM   166  N N   . ILE A 1 24 ? 19.884  15.861  -2.075  1.00 7.21  ? 55  ILE A N   1 
ATOM   167  C CA  . ILE A 1 24 ? 18.573  16.466  -2.267  1.00 10.32 ? 55  ILE A CA  1 
ATOM   168  C C   . ILE A 1 24 ? 18.790  17.562  -3.311  1.00 12.32 ? 55  ILE A C   1 
ATOM   169  O O   . ILE A 1 24 ? 19.404  18.594  -3.026  1.00 14.04 ? 55  ILE A O   1 
ATOM   170  C CB  . ILE A 1 24 ? 18.030  17.070  -0.956  1.00 10.01 ? 55  ILE A CB  1 
ATOM   171  C CG1 . ILE A 1 24 ? 17.831  15.948  0.074   1.00 10.65 ? 55  ILE A CG1 1 
ATOM   172  C CG2 . ILE A 1 24 ? 16.723  17.807  -1.215  1.00 10.60 ? 55  ILE A CG2 1 
ATOM   173  C CD1 . ILE A 1 24 ? 17.266  16.408  1.404   1.00 14.23 ? 55  ILE A CD1 1 
ATOM   174  N N   . VAL A 1 25 ? 18.304  17.323  -4.526  1.00 11.20 ? 56  VAL A N   1 
ATOM   175  C CA  . VAL A 1 25 ? 18.478  18.282  -5.610  1.00 10.19 ? 56  VAL A CA  1 
ATOM   176  C C   . VAL A 1 25 ? 17.277  19.195  -5.808  1.00 11.46 ? 56  VAL A C   1 
ATOM   177  O O   . VAL A 1 25 ? 17.340  20.147  -6.582  1.00 11.03 ? 56  VAL A O   1 
ATOM   178  C CB  . VAL A 1 25 ? 18.790  17.568  -6.950  1.00 9.43  ? 56  VAL A CB  1 
ATOM   179  C CG1 . VAL A 1 25 ? 20.058  16.751  -6.808  1.00 10.65 ? 56  VAL A CG1 1 
ATOM   180  C CG2 . VAL A 1 25 ? 17.625  16.677  -7.362  1.00 10.04 ? 56  VAL A CG2 1 
ATOM   181  N N   . GLY A 1 26 ? 16.185  18.903  -5.106  1.00 11.96 ? 57  GLY A N   1 
ATOM   182  C CA  . GLY A 1 26 ? 14.993  19.725  -5.228  1.00 11.33 ? 57  GLY A CA  1 
ATOM   183  C C   . GLY A 1 26 ? 14.135  19.569  -3.991  1.00 13.13 ? 57  GLY A C   1 
ATOM   184  O O   . GLY A 1 26 ? 14.222  18.561  -3.292  1.00 11.53 ? 57  GLY A O   1 
ATOM   185  N N   . SER A 1 27 ? 13.301  20.561  -3.716  1.00 12.88 ? 58  SER A N   1 
ATOM   186  C CA  . SER A 1 27 ? 12.449  20.495  -2.543  1.00 14.33 ? 58  SER A CA  1 
ATOM   187  C C   . SER A 1 27 ? 11.420  21.606  -2.554  1.00 14.70 ? 58  SER A C   1 
ATOM   188  O O   . SER A 1 27 ? 11.598  22.623  -3.220  1.00 11.09 ? 58  SER A O   1 
ATOM   189  C CB  . SER A 1 27 ? 13.303  20.608  -1.278  1.00 13.83 ? 58  SER A CB  1 
ATOM   190  O OG  . SER A 1 27 ? 12.495  20.632  -0.119  1.00 17.14 ? 58  SER A OG  1 
ATOM   191  N N   . THR A 1 28 ? 10.330  21.407  -1.824  1.00 13.78 ? 59  THR A N   1 
ATOM   192  C CA  . THR A 1 28 ? 9.321   22.444  -1.746  1.00 14.79 ? 59  THR A CA  1 
ATOM   193  C C   . THR A 1 28 ? 9.899   23.536  -0.848  1.00 14.28 ? 59  THR A C   1 
ATOM   194  O O   . THR A 1 28 ? 9.414   24.668  -0.838  1.00 15.67 ? 59  THR A O   1 
ATOM   195  C CB  . THR A 1 28 ? 8.010   21.915  -1.140  1.00 15.72 ? 59  THR A CB  1 
ATOM   196  O OG1 . THR A 1 28 ? 7.035   22.964  -1.141  1.00 22.21 ? 59  THR A OG1 1 
ATOM   197  C CG2 . THR A 1 28 ? 8.231   21.434  0.285   1.00 10.53 ? 59  THR A CG2 1 
ATOM   198  N N   . HIS A 1 29 ? 10.946  23.182  -0.098  1.00 13.24 ? 60  HIS A N   1 
ATOM   199  C CA  . HIS A 1 29 ? 11.624  24.118  0.809   1.00 14.72 ? 60  HIS A CA  1 
ATOM   200  C C   . HIS A 1 29 ? 13.059  24.311  0.326   1.00 15.65 ? 60  HIS A C   1 
ATOM   201  O O   . HIS A 1 29 ? 13.914  23.447  0.528   1.00 13.01 ? 60  HIS A O   1 
ATOM   202  C CB  . HIS A 1 29 ? 11.654  23.561  2.236   1.00 17.44 ? 60  HIS A CB  1 
ATOM   203  C CG  . HIS A 1 29 ? 10.313  23.138  2.752   1.00 23.50 ? 60  HIS A CG  1 
ATOM   204  N ND1 . HIS A 1 29 ? 9.241   24.000  2.840   1.00 25.08 ? 60  HIS A ND1 1 
ATOM   205  C CD2 . HIS A 1 29 ? 9.872   21.942  3.211   1.00 25.52 ? 60  HIS A CD2 1 
ATOM   206  C CE1 . HIS A 1 29 ? 8.198   23.354  3.329   1.00 26.97 ? 60  HIS A CE1 1 
ATOM   207  N NE2 . HIS A 1 29 ? 8.554   22.102  3.563   1.00 27.94 ? 60  HIS A NE2 1 
ATOM   208  N N   . PRO A 1 30 ? 13.354  25.458  -0.298  1.00 18.30 ? 61  PRO A N   1 
ATOM   209  C CA  . PRO A 1 30 ? 14.709  25.710  -0.801  1.00 19.09 ? 61  PRO A CA  1 
ATOM   210  C C   . PRO A 1 30 ? 15.849  25.622  0.211   1.00 18.67 ? 61  PRO A C   1 
ATOM   211  O O   . PRO A 1 30 ? 16.987  25.350  -0.159  1.00 17.88 ? 61  PRO A O   1 
ATOM   212  C CB  . PRO A 1 30 ? 14.588  27.098  -1.429  1.00 20.44 ? 61  PRO A CB  1 
ATOM   213  C CG  . PRO A 1 30 ? 13.522  27.750  -0.611  1.00 21.82 ? 61  PRO A CG  1 
ATOM   214  C CD  . PRO A 1 30 ? 12.502  26.650  -0.456  1.00 19.24 ? 61  PRO A CD  1 
ATOM   215  N N   . ALA A 1 31 ? 15.545  25.838  1.485   1.00 19.02 ? 62  ALA A N   1 
ATOM   216  C CA  . ALA A 1 31 ? 16.565  25.795  2.526   1.00 19.34 ? 62  ALA A CA  1 
ATOM   217  C C   . ALA A 1 31 ? 17.231  24.433  2.672   1.00 19.16 ? 62  ALA A C   1 
ATOM   218  O O   . ALA A 1 31 ? 18.355  24.338  3.158   1.00 20.03 ? 62  ALA A O   1 
ATOM   219  C CB  . ALA A 1 31 ? 15.957  26.218  3.862   1.00 21.42 ? 62  ALA A CB  1 
ATOM   220  N N   . PHE A 1 32 ? 16.549  23.377  2.240   1.00 18.83 ? 63  PHE A N   1 
ATOM   221  C CA  . PHE A 1 32 ? 17.097  22.037  2.387   1.00 16.43 ? 63  PHE A CA  1 
ATOM   222  C C   . PHE A 1 32 ? 17.775  21.458  1.151   1.00 15.19 ? 63  PHE A C   1 
ATOM   223  O O   . PHE A 1 32 ? 18.351  20.376  1.214   1.00 13.81 ? 63  PHE A O   1 
ATOM   224  C CB  . PHE A 1 32 ? 15.993  21.098  2.876   1.00 18.20 ? 63  PHE A CB  1 
ATOM   225  C CG  . PHE A 1 32 ? 15.331  21.566  4.142   1.00 18.24 ? 63  PHE A CG  1 
ATOM   226  C CD1 . PHE A 1 32 ? 13.953  21.726  4.206   1.00 16.43 ? 63  PHE A CD1 1 
ATOM   227  C CD2 . PHE A 1 32 ? 16.096  21.877  5.267   1.00 18.82 ? 63  PHE A CD2 1 
ATOM   228  C CE1 . PHE A 1 32 ? 13.343  22.193  5.369   1.00 19.17 ? 63  PHE A CE1 1 
ATOM   229  C CE2 . PHE A 1 32 ? 15.497  22.342  6.433   1.00 17.07 ? 63  PHE A CE2 1 
ATOM   230  C CZ  . PHE A 1 32 ? 14.121  22.503  6.488   1.00 17.30 ? 63  PHE A CZ  1 
ATOM   231  N N   . VAL A 1 33 ? 17.720  22.172  0.032   1.00 14.10 ? 64  VAL A N   1 
ATOM   232  C CA  . VAL A 1 33 ? 18.359  21.682  -1.183  1.00 13.13 ? 64  VAL A CA  1 
ATOM   233  C C   . VAL A 1 33 ? 19.866  21.709  -0.960  1.00 13.61 ? 64  VAL A C   1 
ATOM   234  O O   . VAL A 1 33 ? 20.405  22.693  -0.463  1.00 14.39 ? 64  VAL A O   1 
ATOM   235  C CB  . VAL A 1 33 ? 18.012  22.563  -2.401  1.00 14.32 ? 64  VAL A CB  1 
ATOM   236  C CG1 . VAL A 1 33 ? 18.819  22.114  -3.615  1.00 12.63 ? 64  VAL A CG1 1 
ATOM   237  C CG2 . VAL A 1 33 ? 16.510  22.477  -2.696  1.00 11.69 ? 64  VAL A CG2 1 
ATOM   238  N N   . GLY A 1 34 ? 20.546  20.624  -1.306  1.00 12.97 ? 65  GLY A N   1 
ATOM   239  C CA  . GLY A 1 34 ? 21.985  20.588  -1.113  1.00 14.61 ? 65  GLY A CA  1 
ATOM   240  C C   . GLY A 1 34 ? 22.424  19.593  -0.059  1.00 15.59 ? 65  GLY A C   1 
ATOM   241  O O   . GLY A 1 34 ? 23.605  19.270  0.042   1.00 16.03 ? 65  GLY A O   1 
ATOM   242  N N   . ILE A 1 35 ? 21.479  19.110  0.741   1.00 15.50 ? 66  ILE A N   1 
ATOM   243  C CA  . ILE A 1 35 ? 21.797  18.124  1.764   1.00 15.84 ? 66  ILE A CA  1 
ATOM   244  C C   . ILE A 1 35 ? 22.300  16.872  1.055   1.00 17.18 ? 66  ILE A C   1 
ATOM   245  O O   . ILE A 1 35 ? 21.659  16.386  0.114   1.00 15.36 ? 66  ILE A O   1 
ATOM   246  C CB  . ILE A 1 35 ? 20.547  17.772  2.611   1.00 15.90 ? 66  ILE A CB  1 
ATOM   247  C CG1 . ILE A 1 35 ? 20.178  18.958  3.506   1.00 14.69 ? 66  ILE A CG1 1 
ATOM   248  C CG2 . ILE A 1 35 ? 20.811  16.527  3.440   1.00 17.49 ? 66  ILE A CG2 1 
ATOM   249  C CD1 . ILE A 1 35 ? 18.935  18.735  4.341   1.00 14.89 ? 66  ILE A CD1 1 
ATOM   250  N N   . GLU A 1 36 ? 23.452  16.365  1.493   1.00 17.35 ? 67  GLU A N   1 
ATOM   251  C CA  . GLU A 1 36 ? 24.051  15.175  0.897   1.00 17.53 ? 67  GLU A CA  1 
ATOM   252  C C   . GLU A 1 36 ? 24.584  14.227  1.962   1.00 15.91 ? 67  GLU A C   1 
ATOM   253  O O   . GLU A 1 36 ? 24.904  14.643  3.075   1.00 15.90 ? 67  GLU A O   1 
ATOM   254  C CB  . GLU A 1 36 ? 25.217  15.554  -0.022  1.00 21.88 ? 67  GLU A CB  1 
ATOM   255  C CG  . GLU A 1 36 ? 24.885  16.522  -1.138  1.00 29.91 ? 67  GLU A CG  1 
ATOM   256  C CD  . GLU A 1 36 ? 26.096  16.827  -2.010  1.00 32.91 ? 67  GLU A CD  1 
ATOM   257  O OE1 . GLU A 1 36 ? 27.136  17.248  -1.463  1.00 34.10 ? 67  GLU A OE1 1 
ATOM   258  O OE2 . GLU A 1 36 ? 26.009  16.644  -3.243  1.00 37.64 ? 67  GLU A OE2 1 
ATOM   259  N N   . GLY A 1 37 ? 24.695  12.953  1.599   1.00 15.54 ? 68  GLY A N   1 
ATOM   260  C CA  . GLY A 1 37 ? 25.201  11.946  2.515   1.00 14.62 ? 68  GLY A CA  1 
ATOM   261  C C   . GLY A 1 37 ? 24.706  10.555  2.164   1.00 15.36 ? 68  GLY A C   1 
ATOM   262  O O   . GLY A 1 37 ? 24.101  10.345  1.112   1.00 16.00 ? 68  GLY A O   1 
ATOM   263  N N   . TYR A 1 38 ? 24.965  9.596   3.043   1.00 14.18 ? 69  TYR A N   1 
ATOM   264  C CA  . TYR A 1 38 ? 24.526  8.229   2.811   1.00 14.68 ? 69  TYR A CA  1 
ATOM   265  C C   . TYR A 1 38 ? 23.242  7.956   3.569   1.00 12.89 ? 69  TYR A C   1 
ATOM   266  O O   . TYR A 1 38 ? 23.062  8.432   4.688   1.00 11.25 ? 69  TYR A O   1 
ATOM   267  C CB  . TYR A 1 38 ? 25.594  7.228   3.269   1.00 16.55 ? 69  TYR A CB  1 
ATOM   268  C CG  . TYR A 1 38 ? 26.882  7.314   2.487   1.00 25.33 ? 69  TYR A CG  1 
ATOM   269  C CD1 . TYR A 1 38 ? 27.753  8.393   2.658   1.00 26.33 ? 69  TYR A CD1 1 
ATOM   270  C CD2 . TYR A 1 38 ? 27.215  6.337   1.547   1.00 25.90 ? 69  TYR A CD2 1 
ATOM   271  C CE1 . TYR A 1 38 ? 28.925  8.497   1.908   1.00 29.65 ? 69  TYR A CE1 1 
ATOM   272  C CE2 . TYR A 1 38 ? 28.387  6.432   0.791   1.00 28.79 ? 69  TYR A CE2 1 
ATOM   273  C CZ  . TYR A 1 38 ? 29.235  7.516   0.977   1.00 29.36 ? 69  TYR A CZ  1 
ATOM   274  O OH  . TYR A 1 38 ? 30.381  7.633   0.219   1.00 32.91 ? 69  TYR A OH  1 
ATOM   275  N N   . VAL A 1 39 ? 22.354  7.188   2.949   1.00 11.72 ? 70  VAL A N   1 
ATOM   276  C CA  . VAL A 1 39 ? 21.093  6.814   3.579   1.00 9.99  ? 70  VAL A CA  1 
ATOM   277  C C   . VAL A 1 39 ? 21.433  5.808   4.676   1.00 9.55  ? 70  VAL A C   1 
ATOM   278  O O   . VAL A 1 39 ? 22.058  4.787   4.393   1.00 11.31 ? 70  VAL A O   1 
ATOM   279  C CB  . VAL A 1 39 ? 20.138  6.120   2.568   1.00 9.32  ? 70  VAL A CB  1 
ATOM   280  C CG1 . VAL A 1 39 ? 18.812  5.775   3.247   1.00 7.73  ? 70  VAL A CG1 1 
ATOM   281  C CG2 . VAL A 1 39 ? 19.908  7.024   1.362   1.00 7.16  ? 70  VAL A CG2 1 
ATOM   282  N N   . ILE A 1 40 ? 21.041  6.088   5.916   1.00 8.80  ? 71  ILE A N   1 
ATOM   283  C CA  . ILE A 1 40 ? 21.319  5.152   6.999   1.00 9.09  ? 71  ILE A CA  1 
ATOM   284  C C   . ILE A 1 40 ? 20.058  4.481   7.524   1.00 8.88  ? 71  ILE A C   1 
ATOM   285  O O   . ILE A 1 40 ? 20.129  3.570   8.346   1.00 9.56  ? 71  ILE A O   1 
ATOM   286  C CB  . ILE A 1 40 ? 22.067  5.819   8.183   1.00 11.25 ? 71  ILE A CB  1 
ATOM   287  C CG1 . ILE A 1 40 ? 21.210  6.924   8.798   1.00 11.04 ? 71  ILE A CG1 1 
ATOM   288  C CG2 . ILE A 1 40 ? 23.425  6.347   7.704   1.00 9.88  ? 71  ILE A CG2 1 
ATOM   289  C CD1 . ILE A 1 40 ? 21.801  7.498   10.079  1.00 13.46 ? 71  ILE A CD1 1 
ATOM   290  N N   . ASP A 1 41 ? 18.902  4.934   7.054   1.00 8.20  ? 72  ASP A N   1 
ATOM   291  C CA  . ASP A 1 41 ? 17.633  4.333   7.453   1.00 9.00  ? 72  ASP A CA  1 
ATOM   292  C C   . ASP A 1 41 ? 16.531  4.860   6.541   1.00 9.09  ? 72  ASP A C   1 
ATOM   293  O O   . ASP A 1 41 ? 16.702  5.875   5.862   1.00 7.26  ? 72  ASP A O   1 
ATOM   294  C CB  . ASP A 1 41 ? 17.312  4.667   8.917   1.00 10.19 ? 72  ASP A CB  1 
ATOM   295  C CG  . ASP A 1 41 ? 16.310  3.695   9.548   1.00 13.53 ? 72  ASP A CG  1 
ATOM   296  O OD1 . ASP A 1 41 ? 15.778  2.811   8.844   1.00 11.69 ? 72  ASP A OD1 1 
ATOM   297  O OD2 . ASP A 1 41 ? 16.049  3.820   10.764  1.00 10.12 ? 72  ASP A OD2 1 
ATOM   298  N N   . GLU A 1 42 ? 15.404  4.159   6.520   1.00 9.51  ? 73  GLU A N   1 
ATOM   299  C CA  . GLU A 1 42 ? 14.263  4.560   5.705   1.00 10.19 ? 73  GLU A CA  1 
ATOM   300  C C   . GLU A 1 42 ? 12.994  4.088   6.400   1.00 12.30 ? 73  GLU A C   1 
ATOM   301  O O   . GLU A 1 42 ? 12.938  2.972   6.914   1.00 11.50 ? 73  GLU A O   1 
ATOM   302  C CB  . GLU A 1 42 ? 14.323  3.923   4.314   1.00 9.81  ? 73  GLU A CB  1 
ATOM   303  C CG  . GLU A 1 42 ? 13.127  4.298   3.428   1.00 11.04 ? 73  GLU A CG  1 
ATOM   304  C CD  . GLU A 1 42 ? 12.994  3.440   2.175   1.00 11.18 ? 73  GLU A CD  1 
ATOM   305  O OE1 . GLU A 1 42 ? 13.894  2.614   1.896   1.00 11.40 ? 73  GLU A OE1 1 
ATOM   306  O OE2 . GLU A 1 42 ? 11.978  3.598   1.465   1.00 9.59  ? 73  GLU A OE2 1 
ATOM   307  N N   . THR A 1 43 ? 11.988  4.950   6.429   1.00 13.09 ? 74  THR A N   1 
ATOM   308  C CA  . THR A 1 43 ? 10.709  4.607   7.026   1.00 13.45 ? 74  THR A CA  1 
ATOM   309  C C   . THR A 1 43 ? 9.694   4.794   5.911   1.00 14.96 ? 74  THR A C   1 
ATOM   310  O O   . THR A 1 43 ? 10.070  5.000   4.753   1.00 12.73 ? 74  THR A O   1 
ATOM   311  C CB  . THR A 1 43 ? 10.349  5.538   8.201   1.00 12.60 ? 74  THR A CB  1 
ATOM   312  O OG1 . THR A 1 43 ? 10.238  6.884   7.730   1.00 13.00 ? 74  THR A OG1 1 
ATOM   313  C CG2 . THR A 1 43 ? 11.426  5.477   9.274   1.00 16.19 ? 74  THR A CG2 1 
ATOM   314  N N   . ARG A 1 44 ? 8.413   4.724   6.254   1.00 14.01 ? 75  ARG A N   1 
ATOM   315  C CA  . ARG A 1 44 ? 7.370   4.879   5.257   1.00 15.60 ? 75  ARG A CA  1 
ATOM   316  C C   . ARG A 1 44 ? 7.413   6.232   4.560   1.00 14.25 ? 75  ARG A C   1 
ATOM   317  O O   . ARG A 1 44 ? 7.298   6.313   3.339   1.00 13.76 ? 75  ARG A O   1 
ATOM   318  C CB  . ARG A 1 44 ? 5.992   4.716   5.895   1.00 19.37 ? 75  ARG A CB  1 
ATOM   319  C CG  . ARG A 1 44 ? 4.875   4.665   4.881   1.00 22.12 ? 75  ARG A CG  1 
ATOM   320  C CD  . ARG A 1 44 ? 3.525   4.941   5.507   1.00 26.46 ? 75  ARG A CD  1 
ATOM   321  N NE  . ARG A 1 44 ? 2.449   4.451   4.653   1.00 31.53 ? 75  ARG A NE  1 
ATOM   322  C CZ  . ARG A 1 44 ? 2.044   3.186   4.625   1.00 35.39 ? 75  ARG A CZ  1 
ATOM   323  N NH1 . ARG A 1 44 ? 2.621   2.285   5.412   1.00 36.77 ? 75  ARG A NH1 1 
ATOM   324  N NH2 . ARG A 1 44 ? 1.068   2.816   3.804   1.00 37.97 ? 75  ARG A NH2 1 
ATOM   325  N N   . ASN A 1 45 ? 7.587   7.291   5.342   1.00 13.61 ? 76  ASN A N   1 
ATOM   326  C CA  . ASN A 1 45 ? 7.584   8.644   4.801   1.00 12.75 ? 76  ASN A CA  1 
ATOM   327  C C   . ASN A 1 45 ? 8.897   9.404   4.892   1.00 13.54 ? 76  ASN A C   1 
ATOM   328  O O   . ASN A 1 45 ? 9.008   10.502  4.344   1.00 12.86 ? 76  ASN A O   1 
ATOM   329  C CB  . ASN A 1 45 ? 6.516   9.479   5.511   1.00 11.49 ? 76  ASN A CB  1 
ATOM   330  C CG  . ASN A 1 45 ? 5.159   8.811   5.520   1.00 13.41 ? 76  ASN A CG  1 
ATOM   331  O OD1 . ASN A 1 45 ? 4.682   8.337   4.490   1.00 12.31 ? 76  ASN A OD1 1 
ATOM   332  N ND2 . ASN A 1 45 ? 4.519   8.782   6.690   1.00 12.64 ? 76  ASN A ND2 1 
ATOM   333  N N   . MET A 1 46 ? 9.892   8.841   5.569   1.00 13.39 ? 77  MET A N   1 
ATOM   334  C CA  . MET A 1 46 ? 11.150  9.558   5.737   1.00 12.86 ? 77  MET A CA  1 
ATOM   335  C C   . MET A 1 46 ? 12.398  8.810   5.284   1.00 12.81 ? 77  MET A C   1 
ATOM   336  O O   . MET A 1 46 ? 12.385  7.592   5.091   1.00 14.24 ? 77  MET A O   1 
ATOM   337  C CB  . MET A 1 46 ? 11.342  9.935   7.215   1.00 13.55 ? 77  MET A CB  1 
ATOM   338  C CG  . MET A 1 46 ? 10.109  10.471  7.943   1.00 15.39 ? 77  MET A CG  1 
ATOM   339  S SD  . MET A 1 46 ? 9.715   12.197  7.595   1.00 17.07 ? 77  MET A SD  1 
ATOM   340  C CE  . MET A 1 46 ? 11.072  13.035  8.419   1.00 12.82 ? 77  MET A CE  1 
ATOM   341  N N   . LEU A 1 47 ? 13.472  9.576   5.126   1.00 10.50 ? 78  LEU A N   1 
ATOM   342  C CA  . LEU A 1 47 ? 14.788  9.062   4.759   1.00 13.04 ? 78  LEU A CA  1 
ATOM   343  C C   . LEU A 1 47 ? 15.731  9.680   5.776   1.00 12.81 ? 78  LEU A C   1 
ATOM   344  O O   . LEU A 1 47 ? 15.690  10.890  6.003   1.00 13.86 ? 78  LEU A O   1 
ATOM   345  C CB  . LEU A 1 47 ? 15.231  9.538   3.372   1.00 11.72 ? 78  LEU A CB  1 
ATOM   346  C CG  . LEU A 1 47 ? 15.102  8.693   2.103   1.00 16.36 ? 78  LEU A CG  1 
ATOM   347  C CD1 . LEU A 1 47 ? 16.055  9.291   1.070   1.00 13.40 ? 78  LEU A CD1 1 
ATOM   348  C CD2 . LEU A 1 47 ? 15.474  7.235   2.354   1.00 16.34 ? 78  LEU A CD2 1 
ATOM   349  N N   . VAL A 1 48 ? 16.572  8.863   6.397   1.00 11.76 ? 79  VAL A N   1 
ATOM   350  C CA  . VAL A 1 48 ? 17.521  9.388   7.358   1.00 11.50 ? 79  VAL A CA  1 
ATOM   351  C C   . VAL A 1 48 ? 18.850  9.423   6.625   1.00 13.05 ? 79  VAL A C   1 
ATOM   352  O O   . VAL A 1 48 ? 19.378  8.386   6.207   1.00 10.77 ? 79  VAL A O   1 
ATOM   353  C CB  . VAL A 1 48 ? 17.615  8.502   8.609   1.00 10.70 ? 79  VAL A CB  1 
ATOM   354  C CG1 . VAL A 1 48 ? 18.610  9.102   9.599   1.00 9.01  ? 79  VAL A CG1 1 
ATOM   355  C CG2 . VAL A 1 48 ? 16.238  8.390   9.256   1.00 11.28 ? 79  VAL A CG2 1 
ATOM   356  N N   . ILE A 1 49 ? 19.373  10.632  6.462   1.00 11.94 ? 80  ILE A N   1 
ATOM   357  C CA  . ILE A 1 49 ? 20.614  10.861  5.740   1.00 12.28 ? 80  ILE A CA  1 
ATOM   358  C C   . ILE A 1 49 ? 21.725  11.296  6.683   1.00 13.20 ? 80  ILE A C   1 
ATOM   359  O O   . ILE A 1 49 ? 21.535  12.184  7.515   1.00 13.55 ? 80  ILE A O   1 
ATOM   360  C CB  . ILE A 1 49 ? 20.416  11.968  4.673   1.00 12.37 ? 80  ILE A CB  1 
ATOM   361  C CG1 . ILE A 1 49 ? 19.298  11.561  3.712   1.00 9.89  ? 80  ILE A CG1 1 
ATOM   362  C CG2 . ILE A 1 49 ? 21.726  12.218  3.911   1.00 12.27 ? 80  ILE A CG2 1 
ATOM   363  C CD1 . ILE A 1 49 ? 18.728  12.722  2.919   1.00 9.10  ? 80  ILE A CD1 1 
ATOM   364  N N   . ALA A 1 50 ? 22.884  10.667  6.550   1.00 11.62 ? 81  ALA A N   1 
ATOM   365  C CA  . ALA A 1 50 ? 24.022  11.004  7.384   1.00 12.28 ? 81  ALA A CA  1 
ATOM   366  C C   . ALA A 1 50 ? 25.005  11.834  6.569   1.00 12.22 ? 81  ALA A C   1 
ATOM   367  O O   . ALA A 1 50 ? 25.740  11.294  5.754   1.00 11.60 ? 81  ALA A O   1 
ATOM   368  C CB  . ALA A 1 50 ? 24.704  9.730   7.887   1.00 12.23 ? 81  ALA A CB  1 
ATOM   369  N N   . GLY A 1 51 ? 24.996  13.146  6.780   1.00 14.65 ? 82  GLY A N   1 
ATOM   370  C CA  . GLY A 1 51 ? 25.915  14.024  6.071   1.00 17.04 ? 82  GLY A CA  1 
ATOM   371  C C   . GLY A 1 51 ? 26.813  14.687  7.097   1.00 17.68 ? 82  GLY A C   1 
ATOM   372  O O   . GLY A 1 51 ? 27.406  14.001  7.929   1.00 19.52 ? 82  GLY A O   1 
ATOM   373  N N   . ASP A 1 52 ? 26.938  16.010  7.046   1.00 19.44 ? 83  ASP A N   1 
ATOM   374  C CA  . ASP A 1 52 ? 27.752  16.702  8.039   1.00 20.29 ? 83  ASP A CA  1 
ATOM   375  C C   . ASP A 1 52 ? 26.998  16.507  9.350   1.00 20.42 ? 83  ASP A C   1 
ATOM   376  O O   . ASP A 1 52 ? 27.595  16.385  10.423  1.00 20.31 ? 83  ASP A O   1 
ATOM   377  C CB  . ASP A 1 52 ? 27.869  18.190  7.715   1.00 24.37 ? 83  ASP A CB  1 
ATOM   378  C CG  . ASP A 1 52 ? 28.483  18.978  8.851   1.00 29.03 ? 83  ASP A CG  1 
ATOM   379  O OD1 . ASP A 1 52 ? 27.791  19.177  9.871   1.00 32.79 ? 83  ASP A OD1 1 
ATOM   380  O OD2 . ASP A 1 52 ? 29.660  19.387  8.735   1.00 34.13 ? 83  ASP A OD2 1 
ATOM   381  N N   . ARG A 1 53 ? 25.673  16.487  9.237   1.00 17.55 ? 84  ARG A N   1 
ATOM   382  C CA  . ARG A 1 53 ? 24.781  16.254  10.365  1.00 18.19 ? 84  ARG A CA  1 
ATOM   383  C C   . ARG A 1 53 ? 23.868  15.102  9.944   1.00 16.06 ? 84  ARG A C   1 
ATOM   384  O O   . ARG A 1 53 ? 23.881  14.690  8.779   1.00 13.58 ? 84  ARG A O   1 
ATOM   385  C CB  . ARG A 1 53 ? 23.903  17.476  10.637  1.00 22.28 ? 84  ARG A CB  1 
ATOM   386  C CG  . ARG A 1 53 ? 24.639  18.745  11.014  1.00 29.87 ? 84  ARG A CG  1 
ATOM   387  C CD  . ARG A 1 53 ? 23.620  19.812  11.366  1.00 34.28 ? 84  ARG A CD  1 
ATOM   388  N NE  . ARG A 1 53 ? 24.221  21.028  11.905  1.00 38.49 ? 84  ARG A NE  1 
ATOM   389  C CZ  . ARG A 1 53 ? 23.533  21.953  12.564  1.00 39.24 ? 84  ARG A CZ  1 
ATOM   390  N NH1 . ARG A 1 53 ? 22.229  21.787  12.758  1.00 39.15 ? 84  ARG A NH1 1 
ATOM   391  N NH2 . ARG A 1 53 ? 24.142  23.034  13.034  1.00 38.10 ? 84  ARG A NH2 1 
ATOM   392  N N   . ILE A 1 54 ? 23.085  14.581  10.882  1.00 11.30 ? 85  ILE A N   1 
ATOM   393  C CA  . ILE A 1 54 ? 22.146  13.522  10.550  1.00 10.64 ? 85  ILE A CA  1 
ATOM   394  C C   . ILE A 1 54 ? 20.809  14.213  10.299  1.00 11.06 ? 85  ILE A C   1 
ATOM   395  O O   . ILE A 1 54 ? 20.318  14.936  11.168  1.00 12.64 ? 85  ILE A O   1 
ATOM   396  C CB  . ILE A 1 54 ? 21.941  12.527  11.704  1.00 10.67 ? 85  ILE A CB  1 
ATOM   397  C CG1 . ILE A 1 54 ? 23.276  11.898  12.120  1.00 12.51 ? 85  ILE A CG1 1 
ATOM   398  C CG2 . ILE A 1 54 ? 20.959  11.436  11.261  1.00 11.32 ? 85  ILE A CG2 1 
ATOM   399  C CD1 . ILE A 1 54 ? 23.949  11.087  11.034  1.00 9.28  ? 85  ILE A CD1 1 
ATOM   400  N N   . TRP A 1 55 ? 20.225  14.002  9.122   1.00 9.51  ? 86  TRP A N   1 
ATOM   401  C CA  . TRP A 1 55 ? 18.942  14.616  8.791   1.00 11.22 ? 86  TRP A CA  1 
ATOM   402  C C   . TRP A 1 55 ? 17.839  13.580  8.592   1.00 12.85 ? 86  TRP A C   1 
ATOM   403  O O   . TRP A 1 55 ? 18.075  12.503  8.044   1.00 12.15 ? 86  TRP A O   1 
ATOM   404  C CB  . TRP A 1 55 ? 19.032  15.435  7.488   1.00 13.92 ? 86  TRP A CB  1 
ATOM   405  C CG  . TRP A 1 55 ? 19.911  16.661  7.520   1.00 12.00 ? 86  TRP A CG  1 
ATOM   406  C CD1 . TRP A 1 55 ? 21.263  16.712  7.332   1.00 14.14 ? 86  TRP A CD1 1 
ATOM   407  C CD2 . TRP A 1 55 ? 19.483  18.013  7.723   1.00 14.79 ? 86  TRP A CD2 1 
ATOM   408  N NE1 . TRP A 1 55 ? 21.705  18.018  7.403   1.00 12.60 ? 86  TRP A NE1 1 
ATOM   409  C CE2 . TRP A 1 55 ? 20.631  18.835  7.643   1.00 13.90 ? 86  TRP A CE2 1 
ATOM   410  C CE3 . TRP A 1 55 ? 18.238  18.610  7.967   1.00 16.62 ? 86  TRP A CE3 1 
ATOM   411  C CZ2 . TRP A 1 55 ? 20.571  20.225  7.795   1.00 16.00 ? 86  TRP A CZ2 1 
ATOM   412  C CZ3 . TRP A 1 55 ? 18.178  20.000  8.121   1.00 20.14 ? 86  TRP A CZ3 1 
ATOM   413  C CH2 . TRP A 1 55 ? 19.341  20.788  8.033   1.00 17.57 ? 86  TRP A CH2 1 
ATOM   414  N N   . LYS A 1 56 ? 16.638  13.910  9.049   1.00 12.29 ? 87  LYS A N   1 
ATOM   415  C CA  . LYS A 1 56 ? 15.480  13.051  8.838   1.00 12.12 ? 87  LYS A CA  1 
ATOM   416  C C   . LYS A 1 56 ? 14.653  13.910  7.901   1.00 11.31 ? 87  LYS A C   1 
ATOM   417  O O   . LYS A 1 56 ? 14.156  14.964  8.298   1.00 10.85 ? 87  LYS A O   1 
ATOM   418  C CB  . LYS A 1 56 ? 14.722  12.804  10.133  1.00 13.92 ? 87  LYS A CB  1 
ATOM   419  C CG  . LYS A 1 56 ? 15.429  11.878  11.089  1.00 16.11 ? 87  LYS A CG  1 
ATOM   420  C CD  . LYS A 1 56 ? 14.537  11.571  12.283  1.00 19.41 ? 87  LYS A CD  1 
ATOM   421  C CE  . LYS A 1 56 ? 15.177  10.543  13.194  1.00 19.08 ? 87  LYS A CE  1 
ATOM   422  N NZ  . LYS A 1 56 ? 14.210  10.050  14.209  1.00 21.00 ? 87  LYS A NZ  1 
ATOM   423  N N   . VAL A 1 57 ? 14.525  13.476  6.653   1.00 10.52 ? 88  VAL A N   1 
ATOM   424  C CA  . VAL A 1 57 ? 13.802  14.257  5.662   1.00 10.32 ? 88  VAL A CA  1 
ATOM   425  C C   . VAL A 1 57 ? 12.599  13.542  5.067   1.00 11.67 ? 88  VAL A C   1 
ATOM   426  O O   . VAL A 1 57 ? 12.644  12.338  4.811   1.00 11.52 ? 88  VAL A O   1 
ATOM   427  C CB  . VAL A 1 57 ? 14.749  14.663  4.507   1.00 13.66 ? 88  VAL A CB  1 
ATOM   428  C CG1 . VAL A 1 57 ? 16.048  15.232  5.077   1.00 13.81 ? 88  VAL A CG1 1 
ATOM   429  C CG2 . VAL A 1 57 ? 15.051  13.460  3.631   1.00 12.01 ? 88  VAL A CG2 1 
ATOM   430  N N   . PRO A 1 58 ? 11.500  14.280  4.834   1.00 12.29 ? 89  PRO A N   1 
ATOM   431  C CA  . PRO A 1 58 ? 10.287  13.690  4.255   1.00 11.30 ? 89  PRO A CA  1 
ATOM   432  C C   . PRO A 1 58 ? 10.483  13.390  2.767   1.00 10.01 ? 89  PRO A C   1 
ATOM   433  O O   . PRO A 1 58 ? 11.023  14.204  2.023   1.00 7.54  ? 89  PRO A O   1 
ATOM   434  C CB  . PRO A 1 58 ? 9.229   14.762  4.504   1.00 12.10 ? 89  PRO A CB  1 
ATOM   435  C CG  . PRO A 1 58 ? 10.020  16.027  4.404   1.00 13.87 ? 89  PRO A CG  1 
ATOM   436  C CD  . PRO A 1 58 ? 11.287  15.700  5.168   1.00 11.56 ? 89  PRO A CD  1 
ATOM   437  N N   . LYS A 1 59 ? 10.047  12.209  2.343   1.00 7.59  ? 90  LYS A N   1 
ATOM   438  C CA  . LYS A 1 59 ? 10.176  11.803  0.950   1.00 8.92  ? 90  LYS A CA  1 
ATOM   439  C C   . LYS A 1 59 ? 9.250   12.583  0.014   1.00 10.16 ? 90  LYS A C   1 
ATOM   440  O O   . LYS A 1 59 ? 9.636   12.946  -1.098  1.00 9.10  ? 90  LYS A O   1 
ATOM   441  C CB  . LYS A 1 59 ? 9.833   10.316  0.794   1.00 8.45  ? 90  LYS A CB  1 
ATOM   442  C CG  . LYS A 1 59 ? 10.699  9.319   1.555   1.00 7.30  ? 90  LYS A CG  1 
ATOM   443  C CD  . LYS A 1 59 ? 10.055  7.939   1.422   1.00 9.86  ? 90  LYS A CD  1 
ATOM   444  C CE  . LYS A 1 59 ? 10.853  6.830   2.074   1.00 6.40  ? 90  LYS A CE  1 
ATOM   445  N NZ  . LYS A 1 59 ? 10.126  5.524   1.942   1.00 6.89  ? 90  LYS A NZ  1 
ATOM   446  N N   . ASP A 1 60 ? 8.030   12.838  0.478   1.00 11.39 ? 91  ASP A N   1 
ATOM   447  C CA  . ASP A 1 60 ? 7.005   13.491  -0.336  1.00 13.90 ? 91  ASP A CA  1 
ATOM   448  C C   . ASP A 1 60 ? 7.294   14.872  -0.906  1.00 14.05 ? 91  ASP A C   1 
ATOM   449  O O   . ASP A 1 60 ? 6.793   15.205  -1.979  1.00 13.82 ? 91  ASP A O   1 
ATOM   450  C CB  . ASP A 1 60 ? 5.669   13.522  0.427   1.00 16.62 ? 91  ASP A CB  1 
ATOM   451  C CG  . ASP A 1 60 ? 5.694   14.446  1.630   1.00 19.49 ? 91  ASP A CG  1 
ATOM   452  O OD1 . ASP A 1 60 ? 6.779   14.937  1.997   1.00 21.80 ? 91  ASP A OD1 1 
ATOM   453  O OD2 . ASP A 1 60 ? 4.617   14.684  2.219   1.00 24.58 ? 91  ASP A OD2 1 
ATOM   454  N N   . VAL A 1 61 ? 8.091   15.678  -0.211  1.00 13.69 ? 92  VAL A N   1 
ATOM   455  C CA  . VAL A 1 61 ? 8.386   17.017  -0.712  1.00 13.15 ? 92  VAL A CA  1 
ATOM   456  C C   . VAL A 1 61 ? 9.848   17.219  -1.094  1.00 14.53 ? 92  VAL A C   1 
ATOM   457  O O   . VAL A 1 61 ? 10.360  18.340  -1.076  1.00 14.11 ? 92  VAL A O   1 
ATOM   458  C CB  . VAL A 1 61 ? 7.966   18.114  0.304   1.00 13.00 ? 92  VAL A CB  1 
ATOM   459  C CG1 . VAL A 1 61 ? 6.441   18.184  0.387   1.00 12.01 ? 92  VAL A CG1 1 
ATOM   460  C CG2 . VAL A 1 61 ? 8.563   17.835  1.670   1.00 12.02 ? 92  VAL A CG2 1 
ATOM   461  N N   . SER A 1 62 ? 10.511  16.134  -1.464  1.00 12.07 ? 93  SER A N   1 
ATOM   462  C CA  . SER A 1 62 ? 11.907  16.224  -1.851  1.00 13.34 ? 93  SER A CA  1 
ATOM   463  C C   . SER A 1 62 ? 12.163  15.495  -3.160  1.00 11.53 ? 93  SER A C   1 
ATOM   464  O O   . SER A 1 62 ? 11.424  14.581  -3.530  1.00 11.89 ? 93  SER A O   1 
ATOM   465  C CB  . SER A 1 62 ? 12.793  15.635  -0.754  1.00 15.74 ? 93  SER A CB  1 
ATOM   466  O OG  . SER A 1 62 ? 12.576  14.243  -0.652  1.00 25.24 ? 93  SER A OG  1 
ATOM   467  N N   . ILE A 1 63 ? 13.203  15.927  -3.865  1.00 9.24  ? 94  ILE A N   1 
ATOM   468  C CA  . ILE A 1 63 ? 13.599  15.308  -5.122  1.00 9.34  ? 94  ILE A CA  1 
ATOM   469  C C   . ILE A 1 63 ? 14.993  14.764  -4.821  1.00 9.05  ? 94  ILE A C   1 
ATOM   470  O O   . ILE A 1 63 ? 15.883  15.522  -4.438  1.00 8.47  ? 94  ILE A O   1 
ATOM   471  C CB  . ILE A 1 63 ? 13.716  16.342  -6.272  1.00 9.63  ? 94  ILE A CB  1 
ATOM   472  C CG1 . ILE A 1 63 ? 12.460  17.211  -6.348  1.00 9.80  ? 94  ILE A CG1 1 
ATOM   473  C CG2 . ILE A 1 63 ? 13.922  15.616  -7.585  1.00 9.79  ? 94  ILE A CG2 1 
ATOM   474  C CD1 . ILE A 1 63 ? 11.219  16.471  -6.832  1.00 14.33 ? 94  ILE A CD1 1 
ATOM   475  N N   . PHE A 1 64 ? 15.187  13.463  -4.987  1.00 7.44  ? 95  PHE A N   1 
ATOM   476  C CA  . PHE A 1 64 ? 16.480  12.866  -4.679  1.00 9.60  ? 95  PHE A CA  1 
ATOM   477  C C   . PHE A 1 64 ? 17.322  12.501  -5.880  1.00 8.11  ? 95  PHE A C   1 
ATOM   478  O O   . PHE A 1 64 ? 16.815  12.283  -6.972  1.00 10.01 ? 95  PHE A O   1 
ATOM   479  C CB  . PHE A 1 64 ? 16.300  11.584  -3.848  1.00 7.45  ? 95  PHE A CB  1 
ATOM   480  C CG  . PHE A 1 64 ? 15.584  11.789  -2.552  1.00 9.04  ? 95  PHE A CG  1 
ATOM   481  C CD1 . PHE A 1 64 ? 14.324  11.238  -2.348  1.00 8.18  ? 95  PHE A CD1 1 
ATOM   482  C CD2 . PHE A 1 64 ? 16.181  12.506  -1.518  1.00 8.62  ? 95  PHE A CD2 1 
ATOM   483  C CE1 . PHE A 1 64 ? 13.670  11.395  -1.134  1.00 9.63  ? 95  PHE A CE1 1 
ATOM   484  C CE2 . PHE A 1 64 ? 15.534  12.667  -0.299  1.00 8.98  ? 95  PHE A CE2 1 
ATOM   485  C CZ  . PHE A 1 64 ? 14.276  12.108  -0.107  1.00 9.14  ? 95  PHE A CZ  1 
ATOM   486  N N   . GLU A 1 65 ? 18.627  12.446  -5.652  1.00 10.41 ? 96  GLU A N   1 
ATOM   487  C CA  . GLU A 1 65 ? 19.568  12.015  -6.665  1.00 10.47 ? 96  GLU A CA  1 
ATOM   488  C C   . GLU A 1 65 ? 20.405  10.960  -5.957  1.00 10.46 ? 96  GLU A C   1 
ATOM   489  O O   . GLU A 1 65 ? 21.164  11.279  -5.050  1.00 10.16 ? 96  GLU A O   1 
ATOM   490  C CB  . GLU A 1 65 ? 20.489  13.142  -7.131  1.00 13.81 ? 96  GLU A CB  1 
ATOM   491  C CG  . GLU A 1 65 ? 21.481  12.644  -8.170  1.00 15.51 ? 96  GLU A CG  1 
ATOM   492  C CD  . GLU A 1 65 ? 22.486  13.693  -8.593  1.00 20.74 ? 96  GLU A CD  1 
ATOM   493  O OE1 . GLU A 1 65 ? 23.329  14.093  -7.761  1.00 23.10 ? 96  GLU A OE1 1 
ATOM   494  O OE2 . GLU A 1 65 ? 22.430  14.114  -9.765  1.00 18.83 ? 96  GLU A OE2 1 
ATOM   495  N N   . PHE A 1 66 ? 20.246  9.704   -6.351  1.00 11.75 ? 97  PHE A N   1 
ATOM   496  C CA  . PHE A 1 66 ? 21.005  8.623   -5.739  1.00 12.37 ? 97  PHE A CA  1 
ATOM   497  C C   . PHE A 1 66 ? 22.149  8.233   -6.649  1.00 13.45 ? 97  PHE A C   1 
ATOM   498  O O   . PHE A 1 66 ? 22.040  8.344   -7.870  1.00 15.14 ? 97  PHE A O   1 
ATOM   499  C CB  . PHE A 1 66 ? 20.131  7.385   -5.514  1.00 13.73 ? 97  PHE A CB  1 
ATOM   500  C CG  . PHE A 1 66 ? 18.975  7.611   -4.591  1.00 11.75 ? 97  PHE A CG  1 
ATOM   501  C CD1 . PHE A 1 66 ? 17.751  8.058   -5.082  1.00 14.02 ? 97  PHE A CD1 1 
ATOM   502  C CD2 . PHE A 1 66 ? 19.108  7.375   -3.229  1.00 10.73 ? 97  PHE A CD2 1 
ATOM   503  C CE1 . PHE A 1 66 ? 16.671  8.265   -4.223  1.00 12.01 ? 97  PHE A CE1 1 
ATOM   504  C CE2 . PHE A 1 66 ? 18.040  7.578   -2.362  1.00 13.14 ? 97  PHE A CE2 1 
ATOM   505  C CZ  . PHE A 1 66 ? 16.818  8.023   -2.858  1.00 11.41 ? 97  PHE A CZ  1 
ATOM   506  N N   . GLU A 1 67 ? 23.245  7.775   -6.056  1.00 14.50 ? 98  GLU A N   1 
ATOM   507  C CA  . GLU A 1 67 ? 24.397  7.341   -6.836  1.00 17.56 ? 98  GLU A CA  1 
ATOM   508  C C   . GLU A 1 67 ? 24.491  5.815   -6.814  1.00 18.37 ? 98  GLU A C   1 
ATOM   509  O O   . GLU A 1 67 ? 24.539  5.208   -5.750  1.00 17.33 ? 98  GLU A O   1 
ATOM   510  C CB  . GLU A 1 67 ? 25.686  7.936   -6.268  1.00 18.29 ? 98  GLU A CB  1 
ATOM   511  C CG  . GLU A 1 67 ? 26.901  7.691   -7.147  1.00 23.03 ? 98  GLU A CG  1 
ATOM   512  C CD  . GLU A 1 67 ? 28.161  8.315   -6.589  1.00 25.65 ? 98  GLU A CD  1 
ATOM   513  O OE1 . GLU A 1 67 ? 28.056  9.393   -5.965  1.00 28.72 ? 98  GLU A OE1 1 
ATOM   514  O OE2 . GLU A 1 67 ? 29.254  7.740   -6.787  1.00 26.71 ? 98  GLU A OE2 1 
ATOM   515  N N   . ALA A 1 68 ? 24.504  5.200   -7.989  1.00 20.33 ? 99  ALA A N   1 
ATOM   516  C CA  . ALA A 1 68 ? 24.604  3.748   -8.084  1.00 22.29 ? 99  ALA A CA  1 
ATOM   517  C C   . ALA A 1 68 ? 26.062  3.342   -7.872  1.00 22.68 ? 99  ALA A C   1 
ATOM   518  O O   . ALA A 1 68 ? 26.956  4.188   -7.924  1.00 21.32 ? 99  ALA A O   1 
ATOM   519  C CB  . ALA A 1 68 ? 24.117  3.281   -9.451  1.00 23.86 ? 99  ALA A CB  1 
ATOM   520  N N   . ASP A 1 69 ? 26.305  2.056   -7.638  1.00 24.45 ? 100 ASP A N   1 
ATOM   521  C CA  . ASP A 1 69 ? 27.671  1.579   -7.414  1.00 25.83 ? 100 ASP A CA  1 
ATOM   522  C C   . ASP A 1 69 ? 28.623  1.930   -8.554  1.00 26.01 ? 100 ASP A C   1 
ATOM   523  O O   . ASP A 1 69 ? 29.815  2.149   -8.330  1.00 25.32 ? 100 ASP A O   1 
ATOM   524  C CB  . ASP A 1 69 ? 27.697  0.064   -7.204  1.00 26.93 ? 100 ASP A CB  1 
ATOM   525  C CG  . ASP A 1 69 ? 26.987  -0.365  -5.939  1.00 28.78 ? 100 ASP A CG  1 
ATOM   526  O OD1 . ASP A 1 69 ? 27.070  0.367   -4.930  1.00 29.40 ? 100 ASP A OD1 1 
ATOM   527  O OD2 . ASP A 1 69 ? 26.364  -1.449  -5.950  1.00 29.33 ? 100 ASP A OD2 1 
ATOM   528  N N   . ASP A 1 70 ? 28.097  1.988   -9.772  1.00 26.32 ? 101 ASP A N   1 
ATOM   529  C CA  . ASP A 1 70 ? 28.922  2.297   -10.935 1.00 28.72 ? 101 ASP A CA  1 
ATOM   530  C C   . ASP A 1 70 ? 29.081  3.791   -11.220 1.00 27.80 ? 101 ASP A C   1 
ATOM   531  O O   . ASP A 1 70 ? 29.598  4.170   -12.270 1.00 28.90 ? 101 ASP A O   1 
ATOM   532  C CB  . ASP A 1 70 ? 28.360  1.595   -12.175 1.00 29.64 ? 101 ASP A CB  1 
ATOM   533  C CG  . ASP A 1 70 ? 26.876  1.827   -12.348 1.00 33.29 ? 101 ASP A CG  1 
ATOM   534  O OD1 . ASP A 1 70 ? 26.449  3.003   -12.334 1.00 33.47 ? 101 ASP A OD1 1 
ATOM   535  O OD2 . ASP A 1 70 ? 26.137  0.831   -12.498 1.00 34.75 ? 101 ASP A OD2 1 
ATOM   536  N N   . GLY A 1 71 ? 28.638  4.635   -10.294 1.00 26.63 ? 102 GLY A N   1 
ATOM   537  C CA  . GLY A 1 71 ? 28.765  6.067   -10.487 1.00 25.86 ? 102 GLY A CA  1 
ATOM   538  C C   . GLY A 1 71 ? 27.545  6.745   -11.083 1.00 24.82 ? 102 GLY A C   1 
ATOM   539  O O   . GLY A 1 71 ? 27.377  7.962   -10.949 1.00 24.09 ? 102 GLY A O   1 
ATOM   540  N N   . THR A 1 72 ? 26.693  5.967   -11.743 1.00 23.11 ? 103 THR A N   1 
ATOM   541  C CA  . THR A 1 72 ? 25.478  6.498   -12.361 1.00 23.87 ? 103 THR A CA  1 
ATOM   542  C C   . THR A 1 72 ? 24.631  7.295   -11.367 1.00 22.56 ? 103 THR A C   1 
ATOM   543  O O   . THR A 1 72 ? 24.430  6.871   -10.228 1.00 22.38 ? 103 THR A O   1 
ATOM   544  C CB  . THR A 1 72 ? 24.605  5.357   -12.934 1.00 23.95 ? 103 THR A CB  1 
ATOM   545  O OG1 . THR A 1 72 ? 25.326  4.670   -13.961 1.00 26.68 ? 103 THR A OG1 1 
ATOM   546  C CG2 . THR A 1 72 ? 23.315  5.906   -13.518 1.00 26.30 ? 103 THR A CG2 1 
ATOM   547  N N   . LYS A 1 73 ? 24.135  8.446   -11.808 1.00 21.79 ? 104 LYS A N   1 
ATOM   548  C CA  . LYS A 1 73 ? 23.305  9.299   -10.967 1.00 20.93 ? 104 LYS A CA  1 
ATOM   549  C C   . LYS A 1 73 ? 21.834  9.082   -11.327 1.00 19.64 ? 104 LYS A C   1 
ATOM   550  O O   . LYS A 1 73 ? 21.471  9.077   -12.503 1.00 20.19 ? 104 LYS A O   1 
ATOM   551  C CB  . LYS A 1 73 ? 23.670  10.768  -11.179 1.00 23.13 ? 104 LYS A CB  1 
ATOM   552  C CG  . LYS A 1 73 ? 25.126  11.102  -10.939 1.00 26.03 ? 104 LYS A CG  1 
ATOM   553  C CD  . LYS A 1 73 ? 25.487  11.052  -9.468  1.00 26.37 ? 104 LYS A CD  1 
ATOM   554  C CE  . LYS A 1 73 ? 26.856  11.669  -9.235  1.00 28.74 ? 104 LYS A CE  1 
ATOM   555  N NZ  . LYS A 1 73 ? 27.180  11.783  -7.785  1.00 31.87 ? 104 LYS A NZ  1 
ATOM   556  N N   . ILE A 1 74 ? 20.995  8.913   -10.310 1.00 16.03 ? 105 ILE A N   1 
ATOM   557  C CA  . ILE A 1 74 ? 19.570  8.679   -10.514 1.00 14.41 ? 105 ILE A CA  1 
ATOM   558  C C   . ILE A 1 74 ? 18.708  9.718   -9.800  1.00 14.85 ? 105 ILE A C   1 
ATOM   559  O O   . ILE A 1 74 ? 18.713  9.799   -8.570  1.00 13.67 ? 105 ILE A O   1 
ATOM   560  C CB  . ILE A 1 74 ? 19.176  7.275   -9.995  1.00 14.87 ? 105 ILE A CB  1 
ATOM   561  C CG1 . ILE A 1 74 ? 19.971  6.211   -10.754 1.00 14.31 ? 105 ILE A CG1 1 
ATOM   562  C CG2 . ILE A 1 74 ? 17.674  7.060   -10.140 1.00 11.24 ? 105 ILE A CG2 1 
ATOM   563  C CD1 . ILE A 1 74 ? 19.856  4.831   -10.174 1.00 19.29 ? 105 ILE A CD1 1 
ATOM   564  N N   . LYS A 1 75 ? 17.964  10.505  -10.573 1.00 13.56 ? 106 LYS A N   1 
ATOM   565  C CA  . LYS A 1 75 ? 17.088  11.518  -10.003 1.00 13.15 ? 106 LYS A CA  1 
ATOM   566  C C   . LYS A 1 75 ? 15.638  11.047  -10.042 1.00 13.80 ? 106 LYS A C   1 
ATOM   567  O O   . LYS A 1 75 ? 15.151  10.601  -11.079 1.00 13.86 ? 106 LYS A O   1 
ATOM   568  C CB  . LYS A 1 75 ? 17.225  12.837  -10.767 1.00 14.50 ? 106 LYS A CB  1 
ATOM   569  C CG  . LYS A 1 75 ? 18.598  13.490  -10.633 1.00 14.95 ? 106 LYS A CG  1 
ATOM   570  C CD  . LYS A 1 75 ? 18.660  14.839  -11.347 1.00 15.87 ? 106 LYS A CD  1 
ATOM   571  C CE  . LYS A 1 75 ? 20.097  15.344  -11.438 1.00 15.51 ? 106 LYS A CE  1 
ATOM   572  N NZ  . LYS A 1 75 ? 20.186  16.664  -12.135 1.00 16.90 ? 106 LYS A NZ  1 
ATOM   573  N N   . ILE A 1 76 ? 14.953  11.136  -8.907  1.00 12.43 ? 107 ILE A N   1 
ATOM   574  C CA  . ILE A 1 76 ? 13.555  10.724  -8.839  1.00 11.65 ? 107 ILE A CA  1 
ATOM   575  C C   . ILE A 1 76 ? 12.821  11.467  -7.734  1.00 9.98  ? 107 ILE A C   1 
ATOM   576  O O   . ILE A 1 76 ? 13.386  11.720  -6.675  1.00 10.08 ? 107 ILE A O   1 
ATOM   577  C CB  . ILE A 1 76 ? 13.425  9.197   -8.569  1.00 12.85 ? 107 ILE A CB  1 
ATOM   578  C CG1 . ILE A 1 76 ? 11.952  8.784   -8.587  1.00 10.55 ? 107 ILE A CG1 1 
ATOM   579  C CG2 . ILE A 1 76 ? 14.052  8.839   -7.217  1.00 11.55 ? 107 ILE A CG2 1 
ATOM   580  C CD1 . ILE A 1 76 ? 11.739  7.288   -8.373  1.00 14.16 ? 107 ILE A CD1 1 
ATOM   581  N N   . PRO A 1 77 ? 11.561  11.865  -7.983  1.00 9.96  ? 108 PRO A N   1 
ATOM   582  C CA  . PRO A 1 77 ? 10.831  12.572  -6.929  1.00 10.53 ? 108 PRO A CA  1 
ATOM   583  C C   . PRO A 1 77 ? 10.673  11.621  -5.744  1.00 9.45  ? 108 PRO A C   1 
ATOM   584  O O   . PRO A 1 77 ? 10.441  10.426  -5.926  1.00 10.49 ? 108 PRO A O   1 
ATOM   585  C CB  . PRO A 1 77 ? 9.497   12.901  -7.594  1.00 10.04 ? 108 PRO A CB  1 
ATOM   586  C CG  . PRO A 1 77 ? 9.892   13.114  -9.026  1.00 11.09 ? 108 PRO A CG  1 
ATOM   587  C CD  . PRO A 1 77 ? 10.834  11.942  -9.263  1.00 9.13  ? 108 PRO A CD  1 
ATOM   588  N N   . GLY A 1 78 ? 10.805  12.149  -4.533  1.00 11.88 ? 109 GLY A N   1 
ATOM   589  C CA  . GLY A 1 78 ? 10.677  11.305  -3.358  1.00 9.96  ? 109 GLY A CA  1 
ATOM   590  C C   . GLY A 1 78 ? 9.298   10.700  -3.206  1.00 11.26 ? 109 GLY A C   1 
ATOM   591  O O   . GLY A 1 78 ? 9.144   9.624   -2.627  1.00 9.74  ? 109 GLY A O   1 
ATOM   592  N N   . GLU A 1 79 ? 8.286   11.384  -3.730  1.00 12.70 ? 110 GLU A N   1 
ATOM   593  C CA  . GLU A 1 79 ? 6.919   10.895  -3.617  1.00 15.37 ? 110 GLU A CA  1 
ATOM   594  C C   . GLU A 1 79 ? 6.764   9.486   -4.199  1.00 13.63 ? 110 GLU A C   1 
ATOM   595  O O   . GLU A 1 79 ? 5.900   8.722   -3.772  1.00 12.06 ? 110 GLU A O   1 
ATOM   596  C CB  . GLU A 1 79 ? 5.953   11.853  -4.319  1.00 17.84 ? 110 GLU A CB  1 
ATOM   597  C CG  . GLU A 1 79 ? 4.515   11.716  -3.839  1.00 26.35 ? 110 GLU A CG  1 
ATOM   598  C CD  . GLU A 1 79 ? 3.563   12.642  -4.570  1.00 29.85 ? 110 GLU A CD  1 
ATOM   599  O OE1 . GLU A 1 79 ? 3.914   13.828  -4.765  1.00 35.60 ? 110 GLU A OE1 1 
ATOM   600  O OE2 . GLU A 1 79 ? 2.460   12.189  -4.942  1.00 33.07 ? 110 GLU A OE2 1 
ATOM   601  N N   . ARG A 1 80 ? 7.611   9.148   -5.166  1.00 12.13 ? 111 ARG A N   1 
ATOM   602  C CA  . ARG A 1 80 ? 7.566   7.835   -5.800  1.00 11.27 ? 111 ARG A CA  1 
ATOM   603  C C   . ARG A 1 80 ? 8.162   6.737   -4.915  1.00 13.46 ? 111 ARG A C   1 
ATOM   604  O O   . ARG A 1 80 ? 8.003   5.547   -5.206  1.00 12.01 ? 111 ARG A O   1 
ATOM   605  C CB  . ARG A 1 80 ? 8.323   7.867   -7.134  1.00 13.65 ? 111 ARG A CB  1 
ATOM   606  C CG  . ARG A 1 80 ? 7.720   8.783   -8.196  1.00 12.67 ? 111 ARG A CG  1 
ATOM   607  C CD  . ARG A 1 80 ? 6.289   8.366   -8.542  1.00 16.85 ? 111 ARG A CD  1 
ATOM   608  N NE  . ARG A 1 80 ? 5.836   8.972   -9.789  1.00 16.37 ? 111 ARG A NE  1 
ATOM   609  C CZ  . ARG A 1 80 ? 4.636   8.777   -10.328 1.00 19.26 ? 111 ARG A CZ  1 
ATOM   610  N NH1 . ARG A 1 80 ? 3.754   7.990   -9.727  1.00 18.11 ? 111 ARG A NH1 1 
ATOM   611  N NH2 . ARG A 1 80 ? 4.326   9.357   -11.479 1.00 16.62 ? 111 ARG A NH2 1 
ATOM   612  N N   . LEU A 1 81 ? 8.841   7.141   -3.844  1.00 10.99 ? 112 LEU A N   1 
ATOM   613  C CA  . LEU A 1 81 ? 9.476   6.195   -2.928  1.00 13.14 ? 112 LEU A CA  1 
ATOM   614  C C   . LEU A 1 81 ? 8.756   6.093   -1.582  1.00 11.76 ? 112 LEU A C   1 
ATOM   615  O O   . LEU A 1 81 ? 9.270   5.501   -0.637  1.00 12.05 ? 112 LEU A O   1 
ATOM   616  C CB  . LEU A 1 81 ? 10.935  6.595   -2.694  1.00 12.61 ? 112 LEU A CB  1 
ATOM   617  C CG  . LEU A 1 81 ? 11.841  6.689   -3.923  1.00 13.20 ? 112 LEU A CG  1 
ATOM   618  C CD1 . LEU A 1 81 ? 13.235  7.170   -3.505  1.00 11.39 ? 112 LEU A CD1 1 
ATOM   619  C CD2 . LEU A 1 81 ? 11.929  5.327   -4.590  1.00 14.85 ? 112 LEU A CD2 1 
ATOM   620  N N   . VAL A 1 82 ? 7.571   6.682   -1.493  1.00 11.84 ? 113 VAL A N   1 
ATOM   621  C CA  . VAL A 1 82 ? 6.803   6.626   -0.261  1.00 11.76 ? 113 VAL A CA  1 
ATOM   622  C C   . VAL A 1 82 ? 6.399   5.180   0.007   1.00 12.59 ? 113 VAL A C   1 
ATOM   623  O O   . VAL A 1 82 ? 5.971   4.465   -0.900  1.00 12.74 ? 113 VAL A O   1 
ATOM   624  C CB  . VAL A 1 82 ? 5.559   7.523   -0.357  1.00 11.66 ? 113 VAL A CB  1 
ATOM   625  C CG1 . VAL A 1 82 ? 4.615   7.253   0.794   1.00 11.87 ? 113 VAL A CG1 1 
ATOM   626  C CG2 . VAL A 1 82 ? 5.994   8.993   -0.345  1.00 13.34 ? 113 VAL A CG2 1 
ATOM   627  N N   . GLY A 1 83 ? 6.569   4.751   1.251   1.00 12.25 ? 114 GLY A N   1 
ATOM   628  C CA  . GLY A 1 83 ? 6.223   3.393   1.631   1.00 15.34 ? 114 GLY A CA  1 
ATOM   629  C C   . GLY A 1 83 ? 7.385   2.699   2.312   1.00 15.32 ? 114 GLY A C   1 
ATOM   630  O O   . GLY A 1 83 ? 8.544   2.985   2.015   1.00 12.69 ? 114 GLY A O   1 
ATOM   631  N N   . ARG A 1 84 ? 7.077   1.792   3.234   1.00 16.95 ? 115 ARG A N   1 
ATOM   632  C CA  . ARG A 1 84 ? 8.110   1.052   3.952   1.00 19.85 ? 115 ARG A CA  1 
ATOM   633  C C   . ARG A 1 84 ? 8.992   0.295   2.964   1.00 18.32 ? 115 ARG A C   1 
ATOM   634  O O   . ARG A 1 84 ? 8.514   -0.199  1.943   1.00 18.43 ? 115 ARG A O   1 
ATOM   635  C CB  . ARG A 1 84 ? 7.475   0.052   4.922   1.00 23.35 ? 115 ARG A CB  1 
ATOM   636  C CG  . ARG A 1 84 ? 6.682   0.676   6.060   1.00 27.02 ? 115 ARG A CG  1 
ATOM   637  C CD  . ARG A 1 84 ? 6.028   -0.408  6.903   1.00 30.99 ? 115 ARG A CD  1 
ATOM   638  N NE  . ARG A 1 84 ? 5.408   0.132   8.110   1.00 38.59 ? 115 ARG A NE  1 
ATOM   639  C CZ  . ARG A 1 84 ? 4.750   -0.601  9.004   1.00 39.92 ? 115 ARG A CZ  1 
ATOM   640  N NH1 . ARG A 1 84 ? 4.623   -1.910  8.827   1.00 43.10 ? 115 ARG A NH1 1 
ATOM   641  N NH2 . ARG A 1 84 ? 4.226   -0.031  10.080  1.00 40.61 ? 115 ARG A NH2 1 
ATOM   642  N N   . PRO A 1 85 ? 10.293  0.184   3.261   1.00 18.88 ? 116 PRO A N   1 
ATOM   643  C CA  . PRO A 1 85 ? 11.222  -0.526  2.379   1.00 18.89 ? 116 PRO A CA  1 
ATOM   644  C C   . PRO A 1 85 ? 10.749  -1.934  2.017   1.00 19.97 ? 116 PRO A C   1 
ATOM   645  O O   . PRO A 1 85 ? 10.838  -2.346  0.861   1.00 17.68 ? 116 PRO A O   1 
ATOM   646  C CB  . PRO A 1 85 ? 12.512  -0.547  3.190   1.00 20.35 ? 116 PRO A CB  1 
ATOM   647  C CG  . PRO A 1 85 ? 12.448  0.727   3.939   1.00 18.56 ? 116 PRO A CG  1 
ATOM   648  C CD  . PRO A 1 85 ? 11.010  0.783   4.399   1.00 19.92 ? 116 PRO A CD  1 
ATOM   649  N N   . GLU A 1 86 ? 10.250  -2.671  3.004   1.00 20.41 ? 117 GLU A N   1 
ATOM   650  C CA  . GLU A 1 86 ? 9.788   -4.030  2.752   1.00 20.91 ? 117 GLU A CA  1 
ATOM   651  C C   . GLU A 1 86 ? 8.575   -4.031  1.832   1.00 19.21 ? 117 GLU A C   1 
ATOM   652  O O   . GLU A 1 86 ? 8.399   -4.955  1.042   1.00 18.03 ? 117 GLU A O   1 
ATOM   653  C CB  . GLU A 1 86 ? 9.452   -4.746  4.069   1.00 24.95 ? 117 GLU A CB  1 
ATOM   654  C CG  . GLU A 1 86 ? 8.161   -4.290  4.731   1.00 31.83 ? 117 GLU A CG  1 
ATOM   655  C CD  . GLU A 1 86 ? 7.864   -5.046  6.011   1.00 36.90 ? 117 GLU A CD  1 
ATOM   656  O OE1 . GLU A 1 86 ? 8.666   -4.942  6.966   1.00 39.93 ? 117 GLU A OE1 1 
ATOM   657  O OE2 . GLU A 1 86 ? 6.831   -5.749  6.063   1.00 39.80 ? 117 GLU A OE2 1 
ATOM   658  N N   . MET A 1 87 ? 7.738   -3.001  1.938   1.00 18.35 ? 118 MET A N   1 
ATOM   659  C CA  . MET A 1 87 ? 6.554   -2.902  1.088   1.00 18.24 ? 118 MET A CA  1 
ATOM   660  C C   . MET A 1 87 ? 6.948   -2.573  -0.349  1.00 16.10 ? 118 MET A C   1 
ATOM   661  O O   . MET A 1 87 ? 6.398   -3.138  -1.290  1.00 15.11 ? 118 MET A O   1 
ATOM   662  C CB  . MET A 1 87 ? 5.591   -1.823  1.594   1.00 23.42 ? 118 MET A CB  1 
ATOM   663  C CG  . MET A 1 87 ? 4.938   -2.108  2.933   1.00 28.06 ? 118 MET A CG  1 
ATOM   664  S SD  . MET A 1 87 ? 3.475   -1.052  3.206   1.00 39.84 ? 118 MET A SD  1 
ATOM   665  C CE  . MET A 1 87 ? 4.249   0.545   3.629   1.00 32.76 ? 118 MET A CE  1 
ATOM   666  N N   . ARG A 1 88 ? 7.897   -1.656  -0.519  1.00 13.44 ? 119 ARG A N   1 
ATOM   667  C CA  . ARG A 1 88 ? 8.348   -1.279  -1.859  1.00 12.14 ? 119 ARG A CA  1 
ATOM   668  C C   . ARG A 1 88 ? 8.940   -2.469  -2.621  1.00 12.23 ? 119 ARG A C   1 
ATOM   669  O O   . ARG A 1 88 ? 8.813   -2.555  -3.844  1.00 10.25 ? 119 ARG A O   1 
ATOM   670  C CB  . ARG A 1 88 ? 9.390   -0.153  -1.788  1.00 10.57 ? 119 ARG A CB  1 
ATOM   671  C CG  . ARG A 1 88 ? 8.852   1.152   -1.220  1.00 12.44 ? 119 ARG A CG  1 
ATOM   672  C CD  . ARG A 1 88 ? 9.786   2.345   -1.469  1.00 15.48 ? 119 ARG A CD  1 
ATOM   673  N NE  . ARG A 1 88 ? 11.097  2.196   -0.845  1.00 12.86 ? 119 ARG A NE  1 
ATOM   674  C CZ  . ARG A 1 88 ? 12.178  1.736   -1.468  1.00 14.52 ? 119 ARG A CZ  1 
ATOM   675  N NH1 . ARG A 1 88 ? 12.117  1.372   -2.742  1.00 13.51 ? 119 ARG A NH1 1 
ATOM   676  N NH2 . ARG A 1 88 ? 13.331  1.650   -0.816  1.00 15.07 ? 119 ARG A NH2 1 
ATOM   677  N N   . LEU A 1 89 ? 9.583   -3.383  -1.896  1.00 11.65 ? 120 LEU A N   1 
ATOM   678  C CA  . LEU A 1 89 ? 10.198  -4.556  -2.515  1.00 13.20 ? 120 LEU A CA  1 
ATOM   679  C C   . LEU A 1 89 ? 9.180   -5.465  -3.197  1.00 12.88 ? 120 LEU A C   1 
ATOM   680  O O   . LEU A 1 89 ? 9.525   -6.223  -4.107  1.00 12.30 ? 120 LEU A O   1 
ATOM   681  C CB  . LEU A 1 89 ? 10.987  -5.361  -1.473  1.00 16.45 ? 120 LEU A CB  1 
ATOM   682  C CG  . LEU A 1 89 ? 12.410  -4.892  -1.148  1.00 20.05 ? 120 LEU A CG  1 
ATOM   683  C CD1 . LEU A 1 89 ? 12.917  -5.587  0.106   1.00 19.45 ? 120 LEU A CD1 1 
ATOM   684  C CD2 . LEU A 1 89 ? 13.326  -5.192  -2.325  1.00 18.58 ? 120 LEU A CD2 1 
ATOM   685  N N   . LYS A 1 90 ? 7.925   -5.385  -2.767  1.00 13.17 ? 121 LYS A N   1 
ATOM   686  C CA  . LYS A 1 90 ? 6.880   -6.211  -3.365  1.00 15.64 ? 121 LYS A CA  1 
ATOM   687  C C   . LYS A 1 90 ? 6.635   -5.800  -4.811  1.00 15.12 ? 121 LYS A C   1 
ATOM   688  O O   . LYS A 1 90 ? 6.167   -6.601  -5.620  1.00 16.75 ? 121 LYS A O   1 
ATOM   689  C CB  . LYS A 1 90 ? 5.577   -6.093  -2.573  1.00 18.27 ? 121 LYS A CB  1 
ATOM   690  C CG  . LYS A 1 90 ? 5.629   -6.718  -1.190  1.00 18.78 ? 121 LYS A CG  1 
ATOM   691  C CD  . LYS A 1 90 ? 4.300   -6.568  -0.468  1.00 23.87 ? 121 LYS A CD  1 
ATOM   692  C CE  . LYS A 1 90 ? 3.172   -7.273  -1.216  1.00 24.05 ? 121 LYS A CE  1 
ATOM   693  N NZ  . LYS A 1 90 ? 1.870   -7.159  -0.489  1.00 27.55 ? 121 LYS A NZ  1 
ATOM   694  N N   . LYS A 1 91 ? 6.961   -4.554  -5.134  1.00 14.56 ? 122 LYS A N   1 
ATOM   695  C CA  . LYS A 1 91 ? 6.770   -4.046  -6.486  1.00 13.36 ? 122 LYS A CA  1 
ATOM   696  C C   . LYS A 1 91 ? 7.707   -4.709  -7.489  1.00 13.81 ? 122 LYS A C   1 
ATOM   697  O O   . LYS A 1 91 ? 7.544   -4.545  -8.704  1.00 11.71 ? 122 LYS A O   1 
ATOM   698  C CB  . LYS A 1 91 ? 6.972   -2.533  -6.505  1.00 14.36 ? 122 LYS A CB  1 
ATOM   699  C CG  . LYS A 1 91 ? 5.961   -1.779  -5.652  1.00 17.45 ? 122 LYS A CG  1 
ATOM   700  C CD  . LYS A 1 91 ? 6.287   -0.298  -5.593  1.00 21.62 ? 122 LYS A CD  1 
ATOM   701  C CE  . LYS A 1 91 ? 5.298   0.452   -4.711  1.00 22.79 ? 122 LYS A CE  1 
ATOM   702  N NZ  . LYS A 1 91 ? 5.664   1.890   -4.584  1.00 24.08 ? 122 LYS A NZ  1 
ATOM   703  N N   . ARG A 1 92 ? 8.689   -5.455  -6.988  1.00 11.76 ? 123 ARG A N   1 
ATOM   704  C CA  . ARG A 1 92 ? 9.624   -6.139  -7.874  1.00 13.67 ? 123 ARG A CA  1 
ATOM   705  C C   . ARG A 1 92 ? 8.900   -7.303  -8.551  1.00 14.75 ? 123 ARG A C   1 
ATOM   706  O O   . ARG A 1 92 ? 9.261   -7.718  -9.651  1.00 14.80 ? 123 ARG A O   1 
ATOM   707  C CB  . ARG A 1 92 ? 10.830  -6.674  -7.095  1.00 14.08 ? 123 ARG A CB  1 
ATOM   708  C CG  . ARG A 1 92 ? 11.956  -7.132  -8.004  1.00 18.46 ? 123 ARG A CG  1 
ATOM   709  C CD  . ARG A 1 92 ? 13.159  -7.652  -7.243  1.00 19.47 ? 123 ARG A CD  1 
ATOM   710  N NE  . ARG A 1 92 ? 14.275  -7.860  -8.159  1.00 22.19 ? 123 ARG A NE  1 
ATOM   711  C CZ  . ARG A 1 92 ? 15.432  -8.417  -7.816  1.00 22.65 ? 123 ARG A CZ  1 
ATOM   712  N NH1 . ARG A 1 92 ? 15.628  -8.830  -6.571  1.00 20.60 ? 123 ARG A NH1 1 
ATOM   713  N NH2 . ARG A 1 92 ? 16.395  -8.546  -8.719  1.00 21.43 ? 123 ARG A NH2 1 
ATOM   714  N N   . TRP A 1 93 ? 7.875   -7.823  -7.884  1.00 14.10 ? 124 TRP A N   1 
ATOM   715  C CA  . TRP A 1 93 ? 7.091   -8.930  -8.423  1.00 13.67 ? 124 TRP A CA  1 
ATOM   716  C C   . TRP A 1 93 ? 6.102   -8.391  -9.443  1.00 14.33 ? 124 TRP A C   1 
ATOM   717  O O   . TRP A 1 93 ? 5.292   -7.521  -9.119  1.00 14.50 ? 124 TRP A O   1 
ATOM   718  C CB  . TRP A 1 93 ? 6.315   -9.616  -7.306  1.00 14.24 ? 124 TRP A CB  1 
ATOM   719  C CG  . TRP A 1 93 ? 7.176   -10.181 -6.245  1.00 15.88 ? 124 TRP A CG  1 
ATOM   720  C CD1 . TRP A 1 93 ? 8.048   -9.500  -5.446  1.00 18.22 ? 124 TRP A CD1 1 
ATOM   721  C CD2 . TRP A 1 93 ? 7.259   -11.548 -5.858  1.00 15.47 ? 124 TRP A CD2 1 
ATOM   722  N NE1 . TRP A 1 93 ? 8.669   -10.364 -4.582  1.00 19.02 ? 124 TRP A NE1 1 
ATOM   723  C CE2 . TRP A 1 93 ? 8.203   -11.631 -4.814  1.00 17.35 ? 124 TRP A CE2 1 
ATOM   724  C CE3 . TRP A 1 93 ? 6.625   -12.716 -6.293  1.00 16.44 ? 124 TRP A CE3 1 
ATOM   725  C CZ2 . TRP A 1 93 ? 8.530   -12.836 -4.195  1.00 18.39 ? 124 TRP A CZ2 1 
ATOM   726  C CZ3 . TRP A 1 93 ? 6.951   -13.916 -5.678  1.00 18.37 ? 124 TRP A CZ3 1 
ATOM   727  C CH2 . TRP A 1 93 ? 7.896   -13.966 -4.639  1.00 18.98 ? 124 TRP A CH2 1 
ATOM   728  N N   . LYS A 1 94 ? 6.148   -8.914  -10.664 1.00 13.19 ? 125 LYS A N   1 
ATOM   729  C CA  . LYS A 1 94 ? 5.244   -8.455  -11.710 1.00 14.96 ? 125 LYS A CA  1 
ATOM   730  C C   . LYS A 1 94 ? 4.108   -9.438  -11.960 1.00 16.64 ? 125 LYS A C   1 
ATOM   731  O O   . LYS A 1 94 ? 4.334   -10.644 -12.081 1.00 14.14 ? 125 LYS A O   1 
ATOM   732  C CB  . LYS A 1 94 ? 5.991   -8.266  -13.031 1.00 19.03 ? 125 LYS A CB  1 
ATOM   733  C CG  . LYS A 1 94 ? 7.207   -7.351  -13.026 1.00 21.75 ? 125 LYS A CG  1 
ATOM   734  C CD  . LYS A 1 94 ? 7.598   -7.086  -14.484 1.00 27.99 ? 125 LYS A CD  1 
ATOM   735  C CE  . LYS A 1 94 ? 9.010   -6.556  -14.662 1.00 30.05 ? 125 LYS A CE  1 
ATOM   736  N NZ  . LYS A 1 94 ? 9.321   -6.390  -16.119 1.00 30.10 ? 125 LYS A NZ  1 
ATOM   737  N N   . LYS A 1 95 ? 2.884   -8.927  -12.033 1.00 15.76 ? 126 LYS A N   1 
ATOM   738  C CA  . LYS A 1 95 ? 1.742   -9.779  -12.332 1.00 19.31 ? 126 LYS A CA  1 
ATOM   739  C C   . LYS A 1 95 ? 1.151   -9.343  -13.669 1.00 18.75 ? 126 LYS A C   1 
ATOM   740  O O   . LYS A 1 95 ? 0.569   -8.265  -13.784 1.00 18.53 ? 126 LYS A O   1 
ATOM   741  C CB  . LYS A 1 95 ? 0.691   -9.711  -11.218 1.00 22.63 ? 126 LYS A CB  1 
ATOM   742  C CG  . LYS A 1 95 ? 0.326   -8.322  -10.736 1.00 27.07 ? 126 LYS A CG  1 
ATOM   743  C CD  . LYS A 1 95 ? -0.604  -8.426  -9.525  1.00 29.84 ? 126 LYS A CD  1 
ATOM   744  C CE  . LYS A 1 95 ? -1.029  -7.057  -9.003  1.00 31.57 ? 126 LYS A CE  1 
ATOM   745  N NZ  . LYS A 1 95 ? -1.916  -7.177  -7.806  1.00 32.70 ? 126 LYS A NZ  1 
ATOM   746  N N   . TRP A 1 96 ? 1.334   -10.183 -14.683 1.00 18.88 ? 127 TRP A N   1 
ATOM   747  C CA  . TRP A 1 96 ? 0.836   -9.902  -16.024 1.00 18.54 ? 127 TRP A CA  1 
ATOM   748  C C   . TRP A 1 96 ? -0.374  -10.780 -16.332 1.00 19.35 ? 127 TRP A C   1 
ATOM   749  O O   . TRP A 1 96 ? -0.729  -10.925 -17.520 1.00 17.35 ? 127 TRP A O   1 
ATOM   750  C CB  . TRP A 1 96 ? 1.945   -10.162 -17.048 1.00 19.10 ? 127 TRP A CB  1 
ATOM   751  C CG  . TRP A 1 96 ? 3.027   -9.115  -17.077 1.00 20.82 ? 127 TRP A CG  1 
ATOM   752  C CD1 . TRP A 1 96 ? 3.315   -8.203  -16.102 1.00 22.25 ? 127 TRP A CD1 1 
ATOM   753  C CD2 . TRP A 1 96 ? 3.963   -8.875  -18.139 1.00 20.12 ? 127 TRP A CD2 1 
ATOM   754  N NE1 . TRP A 1 96 ? 4.369   -7.409  -16.492 1.00 22.11 ? 127 TRP A NE1 1 
ATOM   755  C CE2 . TRP A 1 96 ? 4.786   -7.800  -17.737 1.00 22.26 ? 127 TRP A CE2 1 
ATOM   756  C CE3 . TRP A 1 96 ? 4.185   -9.464  -19.391 1.00 19.02 ? 127 TRP A CE3 1 
ATOM   757  C CZ2 . TRP A 1 96 ? 5.818   -7.299  -18.546 1.00 20.41 ? 127 TRP A CZ2 1 
ATOM   758  C CZ3 . TRP A 1 96 ? 5.212   -8.963  -20.197 1.00 15.37 ? 127 TRP A CZ3 1 
ATOM   759  C CH2 . TRP A 1 96 ? 6.011   -7.892  -19.767 1.00 17.47 ? 127 TRP A CH2 1 
ATOM   760  O OXT . TRP A 1 96 ? -0.967  -11.306 -15.369 1.00 22.96 ? 127 TRP A OXT 1 
ATOM   761  N N   . ARG B 1 6  ? -18.253 6.019   7.781   1.00 29.88 ? 37  ARG B N   1 
ATOM   762  C CA  . ARG B 1 6  ? -17.023 5.356   8.305   1.00 29.65 ? 37  ARG B CA  1 
ATOM   763  C C   . ARG B 1 6  ? -17.219 3.860   8.544   1.00 27.12 ? 37  ARG B C   1 
ATOM   764  O O   . ARG B 1 6  ? -18.085 3.454   9.317   1.00 27.87 ? 37  ARG B O   1 
ATOM   765  C CB  . ARG B 1 6  ? -16.584 6.015   9.615   1.00 32.83 ? 37  ARG B CB  1 
ATOM   766  C CG  . ARG B 1 6  ? -15.865 7.346   9.459   1.00 37.77 ? 37  ARG B CG  1 
ATOM   767  C CD  . ARG B 1 6  ? -15.584 7.977   10.823  1.00 40.71 ? 37  ARG B CD  1 
ATOM   768  N NE  . ARG B 1 6  ? -14.680 9.121   10.729  1.00 42.59 ? 37  ARG B NE  1 
ATOM   769  C CZ  . ARG B 1 6  ? -14.438 9.968   11.725  1.00 43.31 ? 37  ARG B CZ  1 
ATOM   770  N NH1 . ARG B 1 6  ? -15.036 9.805   12.898  1.00 42.93 ? 37  ARG B NH1 1 
ATOM   771  N NH2 . ARG B 1 6  ? -13.600 10.982  11.548  1.00 44.29 ? 37  ARG B NH2 1 
ATOM   772  N N   . VAL B 1 7  ? -16.409 3.042   7.881   1.00 24.98 ? 38  VAL B N   1 
ATOM   773  C CA  . VAL B 1 7  ? -16.489 1.598   8.053   1.00 22.04 ? 38  VAL B CA  1 
ATOM   774  C C   . VAL B 1 7  ? -15.477 1.177   9.111   1.00 18.44 ? 38  VAL B C   1 
ATOM   775  O O   . VAL B 1 7  ? -14.356 1.678   9.140   1.00 17.28 ? 38  VAL B O   1 
ATOM   776  C CB  . VAL B 1 7  ? -16.169 0.846   6.748   1.00 21.66 ? 38  VAL B CB  1 
ATOM   777  C CG1 . VAL B 1 7  ? -16.417 -0.643  6.937   1.00 22.46 ? 38  VAL B CG1 1 
ATOM   778  C CG2 . VAL B 1 7  ? -17.018 1.379   5.627   1.00 23.83 ? 38  VAL B CG2 1 
ATOM   779  N N   . THR B 1 8  ? -15.880 0.262   9.982   1.00 15.81 ? 39  THR B N   1 
ATOM   780  C CA  . THR B 1 8  ? -15.002 -0.217  11.044  1.00 15.47 ? 39  THR B CA  1 
ATOM   781  C C   . THR B 1 8  ? -15.106 -1.737  11.129  1.00 14.06 ? 39  THR B C   1 
ATOM   782  O O   . THR B 1 8  ? -15.979 -2.330  10.506  1.00 12.48 ? 39  THR B O   1 
ATOM   783  C CB  . THR B 1 8  ? -15.405 0.390   12.405  1.00 16.27 ? 39  THR B CB  1 
ATOM   784  O OG1 . THR B 1 8  ? -16.693 -0.099  12.783  1.00 16.23 ? 39  THR B OG1 1 
ATOM   785  C CG2 . THR B 1 8  ? -15.470 1.908   12.314  1.00 16.39 ? 39  THR B CG2 1 
ATOM   786  N N   . ARG B 1 9  ? -14.217 -2.369  11.891  1.00 13.77 ? 40  ARG B N   1 
ATOM   787  C CA  . ARG B 1 9  ? -14.267 -3.821  12.030  1.00 14.46 ? 40  ARG B CA  1 
ATOM   788  C C   . ARG B 1 9  ? -15.596 -4.217  12.661  1.00 15.17 ? 40  ARG B C   1 
ATOM   789  O O   . ARG B 1 9  ? -16.126 -5.293  12.400  1.00 15.50 ? 40  ARG B O   1 
ATOM   790  C CB  . ARG B 1 9  ? -13.123 -4.326  12.916  1.00 12.03 ? 40  ARG B CB  1 
ATOM   791  C CG  . ARG B 1 9  ? -13.270 -5.793  13.334  1.00 11.15 ? 40  ARG B CG  1 
ATOM   792  C CD  . ARG B 1 9  ? -13.266 -6.722  12.126  1.00 11.43 ? 40  ARG B CD  1 
ATOM   793  N NE  . ARG B 1 9  ? -13.409 -8.128  12.512  1.00 12.59 ? 40  ARG B NE  1 
ATOM   794  C CZ  . ARG B 1 9  ? -14.542 -8.675  12.933  1.00 13.75 ? 40  ARG B CZ  1 
ATOM   795  N NH1 . ARG B 1 9  ? -15.645 -7.936  13.022  1.00 11.80 ? 40  ARG B NH1 1 
ATOM   796  N NH2 . ARG B 1 9  ? -14.573 -9.957  13.281  1.00 12.48 ? 40  ARG B NH2 1 
ATOM   797  N N   . ARG B 1 10 ? -16.128 -3.337  13.499  1.00 18.01 ? 41  ARG B N   1 
ATOM   798  C CA  . ARG B 1 10 ? -17.393 -3.609  14.167  1.00 19.10 ? 41  ARG B CA  1 
ATOM   799  C C   . ARG B 1 10 ? -18.626 -3.395  13.300  1.00 17.25 ? 41  ARG B C   1 
ATOM   800  O O   . ARG B 1 10 ? -19.557 -4.200  13.346  1.00 16.97 ? 41  ARG B O   1 
ATOM   801  C CB  . ARG B 1 10 ? -17.512 -2.772  15.445  1.00 21.62 ? 41  ARG B CB  1 
ATOM   802  C CG  . ARG B 1 10 ? -17.164 -1.313  15.271  1.00 26.72 ? 41  ARG B CG  1 
ATOM   803  C CD  . ARG B 1 10 ? -17.283 -0.559  16.592  1.00 32.40 ? 41  ARG B CD  1 
ATOM   804  N NE  . ARG B 1 10 ? -16.818 0.822   16.487  1.00 34.36 ? 41  ARG B NE  1 
ATOM   805  C CZ  . ARG B 1 10 ? -17.311 1.714   15.633  1.00 36.59 ? 41  ARG B CZ  1 
ATOM   806  N NH1 . ARG B 1 10 ? -18.289 1.374   14.802  1.00 36.55 ? 41  ARG B NH1 1 
ATOM   807  N NH2 . ARG B 1 10 ? -16.828 2.951   15.614  1.00 37.98 ? 41  ARG B NH2 1 
ATOM   808  N N   . ASN B 1 11 ? -18.645 -2.337  12.493  1.00 16.66 ? 42  ASN B N   1 
ATOM   809  C CA  . ASN B 1 11 ? -19.828 -2.088  11.675  1.00 16.37 ? 42  ASN B CA  1 
ATOM   810  C C   . ASN B 1 11 ? -19.806 -2.678  10.271  1.00 14.93 ? 42  ASN B C   1 
ATOM   811  O O   . ASN B 1 11 ? -20.818 -2.645  9.583   1.00 14.53 ? 42  ASN B O   1 
ATOM   812  C CB  . ASN B 1 11 ? -20.123 -0.585  11.573  1.00 15.05 ? 42  ASN B CB  1 
ATOM   813  C CG  . ASN B 1 11 ? -19.141 0.154   10.672  1.00 16.94 ? 42  ASN B CG  1 
ATOM   814  O OD1 . ASN B 1 11 ? -18.457 -0.447  9.843   1.00 18.17 ? 42  ASN B OD1 1 
ATOM   815  N ND2 . ASN B 1 11 ? -19.086 1.469   10.821  1.00 17.55 ? 42  ASN B ND2 1 
ATOM   816  N N   . ILE B 1 12 ? -18.672 -3.223  9.844   1.00 14.59 ? 43  ILE B N   1 
ATOM   817  C CA  . ILE B 1 12 ? -18.598 -3.775  8.495   1.00 14.96 ? 43  ILE B CA  1 
ATOM   818  C C   . ILE B 1 12 ? -19.580 -4.926  8.306   1.00 16.20 ? 43  ILE B C   1 
ATOM   819  O O   . ILE B 1 12 ? -19.957 -5.255  7.180   1.00 14.92 ? 43  ILE B O   1 
ATOM   820  C CB  . ILE B 1 12 ? -17.162 -4.243  8.144   1.00 15.01 ? 43  ILE B CB  1 
ATOM   821  C CG1 . ILE B 1 12 ? -17.085 -4.556  6.646   1.00 13.16 ? 43  ILE B CG1 1 
ATOM   822  C CG2 . ILE B 1 12 ? -16.785 -5.477  8.958   1.00 14.45 ? 43  ILE B CG2 1 
ATOM   823  C CD1 . ILE B 1 12 ? -15.677 -4.662  6.119   1.00 16.26 ? 43  ILE B CD1 1 
ATOM   824  N N   . ILE B 1 13 ? -20.007 -5.517  9.418   1.00 15.61 ? 44  ILE B N   1 
ATOM   825  C CA  . ILE B 1 13 ? -20.960 -6.615  9.399   1.00 17.46 ? 44  ILE B CA  1 
ATOM   826  C C   . ILE B 1 13 ? -22.268 -6.201  8.711   1.00 17.36 ? 44  ILE B C   1 
ATOM   827  O O   . ILE B 1 13 ? -22.933 -7.032  8.090   1.00 16.38 ? 44  ILE B O   1 
ATOM   828  C CB  . ILE B 1 13 ? -21.265 -7.100  10.836  1.00 18.69 ? 44  ILE B CB  1 
ATOM   829  C CG1 . ILE B 1 13 ? -19.964 -7.524  11.524  1.00 21.47 ? 44  ILE B CG1 1 
ATOM   830  C CG2 . ILE B 1 13 ? -22.226 -8.272  10.801  1.00 21.03 ? 44  ILE B CG2 1 
ATOM   831  C CD1 . ILE B 1 13 ? -19.200 -8.606  10.785  1.00 16.94 ? 44  ILE B CD1 1 
ATOM   832  N N   . TRP B 1 14 ? -22.639 -4.927  8.823   1.00 16.39 ? 45  TRP B N   1 
ATOM   833  C CA  . TRP B 1 14 ? -23.863 -4.451  8.175   1.00 16.82 ? 45  TRP B CA  1 
ATOM   834  C C   . TRP B 1 14 ? -23.598 -3.371  7.129   1.00 16.63 ? 45  TRP B C   1 
ATOM   835  O O   . TRP B 1 14 ? -24.455 -3.096  6.286   1.00 18.25 ? 45  TRP B O   1 
ATOM   836  C CB  . TRP B 1 14 ? -24.878 -3.920  9.205   1.00 17.25 ? 45  TRP B CB  1 
ATOM   837  C CG  . TRP B 1 14 ? -24.358 -2.850  10.129  1.00 19.09 ? 45  TRP B CG  1 
ATOM   838  C CD1 . TRP B 1 14 ? -23.923 -3.020  11.411  1.00 18.21 ? 45  TRP B CD1 1 
ATOM   839  C CD2 . TRP B 1 14 ? -24.163 -1.461  9.819   1.00 19.96 ? 45  TRP B CD2 1 
ATOM   840  N NE1 . TRP B 1 14 ? -23.465 -1.827  11.919  1.00 20.05 ? 45  TRP B NE1 1 
ATOM   841  C CE2 . TRP B 1 14 ? -23.600 -0.854  10.963  1.00 19.25 ? 45  TRP B CE2 1 
ATOM   842  C CE3 . TRP B 1 14 ? -24.408 -0.672  8.685   1.00 20.52 ? 45  TRP B CE3 1 
ATOM   843  C CZ2 . TRP B 1 14 ? -23.274 0.510   11.008  1.00 21.78 ? 45  TRP B CZ2 1 
ATOM   844  C CZ3 . TRP B 1 14 ? -24.084 0.686   8.727   1.00 22.35 ? 45  TRP B CZ3 1 
ATOM   845  C CH2 . TRP B 1 14 ? -23.522 1.261   9.884   1.00 21.52 ? 45  TRP B CH2 1 
ATOM   846  N N   . HIS B 1 15 ? -22.406 -2.782  7.164   1.00 15.15 ? 46  HIS B N   1 
ATOM   847  C CA  . HIS B 1 15 ? -22.048 -1.711  6.235   1.00 14.21 ? 46  HIS B CA  1 
ATOM   848  C C   . HIS B 1 15 ? -21.946 -2.145  4.771   1.00 14.59 ? 46  HIS B C   1 
ATOM   849  O O   . HIS B 1 15 ? -21.633 -3.293  4.470   1.00 12.44 ? 46  HIS B O   1 
ATOM   850  C CB  . HIS B 1 15 ? -20.715 -1.081  6.659   1.00 16.50 ? 46  HIS B CB  1 
ATOM   851  C CG  . HIS B 1 15 ? -20.449 0.255   6.037   1.00 17.39 ? 46  HIS B CG  1 
ATOM   852  N ND1 . HIS B 1 15 ? -20.387 1.418   6.774   1.00 19.62 ? 46  HIS B ND1 1 
ATOM   853  C CD2 . HIS B 1 15 ? -20.236 0.616   4.748   1.00 19.01 ? 46  HIS B CD2 1 
ATOM   854  C CE1 . HIS B 1 15 ? -20.148 2.437   5.967   1.00 18.49 ? 46  HIS B CE1 1 
ATOM   855  N NE2 . HIS B 1 15 ? -20.053 1.977   4.732   1.00 19.50 ? 46  HIS B NE2 1 
ATOM   856  N N   . GLU B 1 16 ? -22.207 -1.200  3.872   1.00 14.03 ? 47  GLU B N   1 
ATOM   857  C CA  . GLU B 1 16 ? -22.133 -1.424  2.429   1.00 16.06 ? 47  GLU B CA  1 
ATOM   858  C C   . GLU B 1 16 ? -20.679 -1.744  2.060   1.00 14.79 ? 47  GLU B C   1 
ATOM   859  O O   . GLU B 1 16 ? -19.757 -1.145  2.611   1.00 13.43 ? 47  GLU B O   1 
ATOM   860  C CB  . GLU B 1 16 ? -22.556 -0.150  1.687   1.00 19.22 ? 47  GLU B CB  1 
ATOM   861  C CG  . GLU B 1 16 ? -23.967 0.358   1.991   1.00 26.25 ? 47  GLU B CG  1 
ATOM   862  C CD  . GLU B 1 16 ? -24.261 0.513   3.482   1.00 29.71 ? 47  GLU B CD  1 
ATOM   863  O OE1 . GLU B 1 16 ? -23.516 1.222   4.199   1.00 28.87 ? 47  GLU B OE1 1 
ATOM   864  O OE2 . GLU B 1 16 ? -25.260 -0.080  3.937   1.00 34.95 ? 47  GLU B OE2 1 
ATOM   865  N N   . LEU B 1 17 ? -20.469 -2.666  1.125   1.00 12.49 ? 48  LEU B N   1 
ATOM   866  C CA  . LEU B 1 17 ? -19.108 -3.015  0.721   1.00 12.24 ? 48  LEU B CA  1 
ATOM   867  C C   . LEU B 1 17 ? -18.752 -2.438  -0.658  1.00 12.97 ? 48  LEU B C   1 
ATOM   868  O O   . LEU B 1 17 ? -17.593 -2.112  -0.928  1.00 11.45 ? 48  LEU B O   1 
ATOM   869  C CB  . LEU B 1 17 ? -18.943 -4.540  0.719   1.00 12.71 ? 48  LEU B CB  1 
ATOM   870  C CG  . LEU B 1 17 ? -19.272 -5.202  2.065   1.00 9.48  ? 48  LEU B CG  1 
ATOM   871  C CD1 . LEU B 1 17 ? -19.304 -6.716  1.926   1.00 5.60  ? 48  LEU B CD1 1 
ATOM   872  C CD2 . LEU B 1 17 ? -18.239 -4.770  3.097   1.00 11.07 ? 48  LEU B CD2 1 
ATOM   873  N N   . ILE B 1 18 ? -19.751 -2.305  -1.523  1.00 13.02 ? 49  ILE B N   1 
ATOM   874  C CA  . ILE B 1 18 ? -19.531 -1.764  -2.860  1.00 13.09 ? 49  ILE B CA  1 
ATOM   875  C C   . ILE B 1 18 ? -18.847 -0.401  -2.750  1.00 13.22 ? 49  ILE B C   1 
ATOM   876  O O   . ILE B 1 18 ? -19.222 0.432   -1.927  1.00 12.51 ? 49  ILE B O   1 
ATOM   877  C CB  . ILE B 1 18 ? -20.875 -1.649  -3.628  1.00 16.24 ? 49  ILE B CB  1 
ATOM   878  C CG1 . ILE B 1 18 ? -21.406 -3.062  -3.915  1.00 14.31 ? 49  ILE B CG1 1 
ATOM   879  C CG2 . ILE B 1 18 ? -20.689 -0.861  -4.935  1.00 15.16 ? 49  ILE B CG2 1 
ATOM   880  C CD1 . ILE B 1 18 ? -22.826 -3.109  -4.447  1.00 16.48 ? 49  ILE B CD1 1 
ATOM   881  N N   . GLY B 1 19 ? -17.812 -0.199  -3.554  1.00 13.36 ? 50  GLY B N   1 
ATOM   882  C CA  . GLY B 1 19 ? -17.093 1.060   -3.520  1.00 16.10 ? 50  GLY B CA  1 
ATOM   883  C C   . GLY B 1 19 ? -15.835 1.018   -2.673  1.00 16.19 ? 50  GLY B C   1 
ATOM   884  O O   . GLY B 1 19 ? -14.974 1.888   -2.791  1.00 18.13 ? 50  GLY B O   1 
ATOM   885  N N   . LEU B 1 20 ? -15.725 0.014   -1.808  1.00 15.91 ? 51  LEU B N   1 
ATOM   886  C CA  . LEU B 1 20 ? -14.545 -0.115  -0.957  1.00 13.98 ? 51  LEU B CA  1 
ATOM   887  C C   . LEU B 1 20 ? -13.436 -0.840  -1.689  1.00 13.81 ? 51  LEU B C   1 
ATOM   888  O O   . LEU B 1 20 ? -13.690 -1.626  -2.601  1.00 13.70 ? 51  LEU B O   1 
ATOM   889  C CB  . LEU B 1 20 ? -14.862 -0.915  0.302   1.00 13.92 ? 51  LEU B CB  1 
ATOM   890  C CG  . LEU B 1 20 ? -15.860 -0.370  1.315   1.00 11.08 ? 51  LEU B CG  1 
ATOM   891  C CD1 . LEU B 1 20 ? -15.969 -1.361  2.471   1.00 11.70 ? 51  LEU B CD1 1 
ATOM   892  C CD2 . LEU B 1 20 ? -15.392 0.993   1.807   1.00 14.94 ? 51  LEU B CD2 1 
ATOM   893  N N   . ARG B 1 21 ? -12.201 -0.580  -1.285  1.00 13.78 ? 52  ARG B N   1 
ATOM   894  C CA  . ARG B 1 21 ? -11.081 -1.267  -1.891  1.00 15.37 ? 52  ARG B CA  1 
ATOM   895  C C   . ARG B 1 21 ? -10.873 -2.512  -1.036  1.00 13.81 ? 52  ARG B C   1 
ATOM   896  O O   . ARG B 1 21 ? -10.978 -2.451  0.190   1.00 13.65 ? 52  ARG B O   1 
ATOM   897  C CB  . ARG B 1 21 ? -9.825  -0.398  -1.877  1.00 18.56 ? 52  ARG B CB  1 
ATOM   898  C CG  . ARG B 1 21 ? -8.736  -0.959  -2.773  1.00 22.74 ? 52  ARG B CG  1 
ATOM   899  C CD  . ARG B 1 21 ? -7.641  0.055   -3.076  1.00 27.08 ? 52  ARG B CD  1 
ATOM   900  N NE  . ARG B 1 21 ? -6.767  -0.448  -4.132  1.00 29.50 ? 52  ARG B NE  1 
ATOM   901  C CZ  . ARG B 1 21 ? -6.026  -1.546  -4.025  1.00 31.10 ? 52  ARG B CZ  1 
ATOM   902  N NH1 . ARG B 1 21 ? -6.045  -2.257  -2.903  1.00 31.22 ? 52  ARG B NH1 1 
ATOM   903  N NH2 . ARG B 1 21 ? -5.276  -1.943  -5.045  1.00 31.74 ? 52  ARG B NH2 1 
ATOM   904  N N   . VAL B 1 22 ? -10.596 -3.640  -1.677  1.00 12.60 ? 53  VAL B N   1 
ATOM   905  C CA  . VAL B 1 22 ? -10.404 -4.881  -0.939  1.00 11.63 ? 53  VAL B CA  1 
ATOM   906  C C   . VAL B 1 22 ? -9.231  -5.705  -1.463  1.00 12.99 ? 53  VAL B C   1 
ATOM   907  O O   . VAL B 1 22 ? -8.823  -5.582  -2.620  1.00 9.02  ? 53  VAL B O   1 
ATOM   908  C CB  . VAL B 1 22 ? -11.694 -5.745  -0.981  1.00 12.91 ? 53  VAL B CB  1 
ATOM   909  C CG1 . VAL B 1 22 ? -11.976 -6.194  -2.413  1.00 12.61 ? 53  VAL B CG1 1 
ATOM   910  C CG2 . VAL B 1 22 ? -11.559 -6.942  -0.052  1.00 12.44 ? 53  VAL B CG2 1 
ATOM   911  N N   . ARG B 1 23 ? -8.692  -6.543  -0.588  1.00 12.85 ? 54  ARG B N   1 
ATOM   912  C CA  . ARG B 1 23 ? -7.583  -7.409  -0.932  1.00 15.97 ? 54  ARG B CA  1 
ATOM   913  C C   . ARG B 1 23 ? -7.897  -8.754  -0.284  1.00 15.07 ? 54  ARG B C   1 
ATOM   914  O O   . ARG B 1 23 ? -8.266  -8.799  0.888   1.00 14.08 ? 54  ARG B O   1 
ATOM   915  C CB  . ARG B 1 23 ? -6.288  -6.819  -0.362  1.00 18.16 ? 54  ARG B CB  1 
ATOM   916  C CG  . ARG B 1 23 ? -5.003  -7.419  -0.901  1.00 26.01 ? 54  ARG B CG  1 
ATOM   917  C CD  . ARG B 1 23 ? -3.854  -6.409  -0.781  1.00 25.27 ? 54  ARG B CD  1 
ATOM   918  N NE  . ARG B 1 23 ? -3.539  -6.059  0.603   1.00 23.93 ? 54  ARG B NE  1 
ATOM   919  C CZ  . ARG B 1 23 ? -2.754  -6.778  1.399   1.00 23.66 ? 54  ARG B CZ  1 
ATOM   920  N NH1 . ARG B 1 23 ? -2.194  -7.896  0.955   1.00 25.97 ? 54  ARG B NH1 1 
ATOM   921  N NH2 . ARG B 1 23 ? -2.517  -6.377  2.640   1.00 22.51 ? 54  ARG B NH2 1 
ATOM   922  N N   . ILE B 1 24 ? -7.802  -9.840  -1.048  1.00 13.12 ? 55  ILE B N   1 
ATOM   923  C CA  . ILE B 1 24 ? -8.053  -11.161 -0.478  1.00 14.51 ? 55  ILE B CA  1 
ATOM   924  C C   . ILE B 1 24 ? -6.711  -11.583 0.107   1.00 14.11 ? 55  ILE B C   1 
ATOM   925  O O   . ILE B 1 24 ? -5.768  -11.872 -0.629  1.00 13.30 ? 55  ILE B O   1 
ATOM   926  C CB  . ILE B 1 24 ? -8.503  -12.191 -1.547  1.00 14.81 ? 55  ILE B CB  1 
ATOM   927  C CG1 . ILE B 1 24 ? -9.944  -11.908 -1.992  1.00 18.13 ? 55  ILE B CG1 1 
ATOM   928  C CG2 . ILE B 1 24 ? -8.445  -13.597 -0.963  1.00 18.21 ? 55  ILE B CG2 1 
ATOM   929  C CD1 . ILE B 1 24 ? -10.155 -10.546 -2.604  1.00 20.29 ? 55  ILE B CD1 1 
ATOM   930  N N   . VAL B 1 25 ? -6.625  -11.602 1.432   1.00 12.69 ? 56  VAL B N   1 
ATOM   931  C CA  . VAL B 1 25 ? -5.379  -11.953 2.093   1.00 13.22 ? 56  VAL B CA  1 
ATOM   932  C C   . VAL B 1 25 ? -5.336  -13.379 2.627   1.00 13.40 ? 56  VAL B C   1 
ATOM   933  O O   . VAL B 1 25 ? -4.333  -13.800 3.200   1.00 11.12 ? 56  VAL B O   1 
ATOM   934  C CB  . VAL B 1 25 ? -5.066  -10.945 3.226   1.00 12.02 ? 56  VAL B CB  1 
ATOM   935  C CG1 . VAL B 1 25 ? -4.936  -9.547  2.634   1.00 11.27 ? 56  VAL B CG1 1 
ATOM   936  C CG2 . VAL B 1 25 ? -6.174  -10.959 4.279   1.00 12.62 ? 56  VAL B CG2 1 
ATOM   937  N N   . GLY B 1 26 ? -6.420  -14.122 2.423   1.00 12.72 ? 57  GLY B N   1 
ATOM   938  C CA  . GLY B 1 26 ? -6.462  -15.503 2.873   1.00 13.00 ? 57  GLY B CA  1 
ATOM   939  C C   . GLY B 1 26 ? -7.648  -16.259 2.294   1.00 13.26 ? 57  GLY B C   1 
ATOM   940  O O   . GLY B 1 26 ? -8.594  -15.645 1.797   1.00 9.96  ? 57  GLY B O   1 
ATOM   941  N N   . SER B 1 27 ? -7.595  -17.589 2.351   1.00 12.97 ? 58  SER B N   1 
ATOM   942  C CA  . SER B 1 27 ? -8.680  -18.432 1.852   1.00 15.02 ? 58  SER B CA  1 
ATOM   943  C C   . SER B 1 27 ? -8.670  -19.772 2.587   1.00 16.80 ? 58  SER B C   1 
ATOM   944  O O   . SER B 1 27 ? -7.604  -20.299 2.907   1.00 16.70 ? 58  SER B O   1 
ATOM   945  C CB  . SER B 1 27 ? -8.548  -18.651 0.341   1.00 15.28 ? 58  SER B CB  1 
ATOM   946  O OG  . SER B 1 27 ? -7.284  -19.184 0.004   1.00 17.05 ? 58  SER B OG  1 
ATOM   947  N N   . THR B 1 28 ? -9.853  -20.319 2.851   1.00 17.01 ? 59  THR B N   1 
ATOM   948  C CA  . THR B 1 28 ? -9.961  -21.579 3.583   1.00 17.17 ? 59  THR B CA  1 
ATOM   949  C C   . THR B 1 28 ? -9.557  -22.801 2.770   1.00 17.24 ? 59  THR B C   1 
ATOM   950  O O   . THR B 1 28 ? -9.508  -23.916 3.288   1.00 15.53 ? 59  THR B O   1 
ATOM   951  C CB  . THR B 1 28 ? -11.382 -21.778 4.145   1.00 17.82 ? 59  THR B CB  1 
ATOM   952  O OG1 . THR B 1 28 ? -12.316 -21.925 3.071   1.00 18.01 ? 59  THR B OG1 1 
ATOM   953  C CG2 . THR B 1 28 ? -11.773 -20.574 4.996   1.00 18.79 ? 59  THR B CG2 1 
ATOM   954  N N   . HIS B 1 29 ? -9.275  -22.587 1.492   1.00 18.10 ? 60  HIS B N   1 
ATOM   955  C CA  . HIS B 1 29 ? -8.826  -23.657 0.612   1.00 18.72 ? 60  HIS B CA  1 
ATOM   956  C C   . HIS B 1 29 ? -7.884  -23.013 -0.392  1.00 20.29 ? 60  HIS B C   1 
ATOM   957  O O   . HIS B 1 29 ? -7.934  -21.800 -0.603  1.00 20.24 ? 60  HIS B O   1 
ATOM   958  C CB  . HIS B 1 29 ? -10.015 -24.328 -0.104  1.00 18.46 ? 60  HIS B CB  1 
ATOM   959  C CG  . HIS B 1 29 ? -10.691 -23.460 -1.122  1.00 18.16 ? 60  HIS B CG  1 
ATOM   960  N ND1 . HIS B 1 29 ? -10.169 -23.240 -2.379  1.00 17.30 ? 60  HIS B ND1 1 
ATOM   961  C CD2 . HIS B 1 29 ? -11.849 -22.757 -1.068  1.00 18.15 ? 60  HIS B CD2 1 
ATOM   962  C CE1 . HIS B 1 29 ? -10.975 -22.440 -3.055  1.00 17.72 ? 60  HIS B CE1 1 
ATOM   963  N NE2 . HIS B 1 29 ? -12.001 -22.132 -2.282  1.00 15.45 ? 60  HIS B NE2 1 
ATOM   964  N N   . PRO B 1 30 ? -6.987  -23.804 -0.997  1.00 22.13 ? 61  PRO B N   1 
ATOM   965  C CA  . PRO B 1 30 ? -6.066  -23.220 -1.971  1.00 22.41 ? 61  PRO B CA  1 
ATOM   966  C C   . PRO B 1 30 ? -6.865  -22.434 -3.003  1.00 22.26 ? 61  PRO B C   1 
ATOM   967  O O   . PRO B 1 30 ? -7.836  -22.939 -3.565  1.00 21.78 ? 61  PRO B O   1 
ATOM   968  C CB  . PRO B 1 30 ? -5.379  -24.446 -2.565  1.00 23.66 ? 61  PRO B CB  1 
ATOM   969  C CG  . PRO B 1 30 ? -5.315  -25.377 -1.384  1.00 24.63 ? 61  PRO B CG  1 
ATOM   970  C CD  . PRO B 1 30 ? -6.709  -25.240 -0.804  1.00 23.13 ? 61  PRO B CD  1 
ATOM   971  N N   . ALA B 1 31 ? -6.472  -21.191 -3.236  1.00 23.83 ? 62  ALA B N   1 
ATOM   972  C CA  . ALA B 1 31 ? -7.184  -20.369 -4.197  1.00 24.56 ? 62  ALA B CA  1 
ATOM   973  C C   . ALA B 1 31 ? -6.232  -19.608 -5.105  1.00 26.33 ? 62  ALA B C   1 
ATOM   974  O O   . ALA B 1 31 ? -5.265  -20.171 -5.624  1.00 27.25 ? 62  ALA B O   1 
ATOM   975  C CB  . ALA B 1 31 ? -8.113  -19.402 -3.466  1.00 24.67 ? 62  ALA B CB  1 
ATOM   976  N N   . PHE B 1 32 ? -6.509  -18.326 -5.297  1.00 26.10 ? 63  PHE B N   1 
ATOM   977  C CA  . PHE B 1 32 ? -5.677  -17.507 -6.156  1.00 26.49 ? 63  PHE B CA  1 
ATOM   978  C C   . PHE B 1 32 ? -5.036  -16.380 -5.374  1.00 24.88 ? 63  PHE B C   1 
ATOM   979  O O   . PHE B 1 32 ? -5.633  -15.828 -4.450  1.00 24.87 ? 63  PHE B O   1 
ATOM   980  C CB  . PHE B 1 32 ? -6.515  -16.970 -7.314  1.00 28.31 ? 63  PHE B CB  1 
ATOM   981  C CG  . PHE B 1 32 ? -7.271  -18.041 -8.045  1.00 32.91 ? 63  PHE B CG  1 
ATOM   982  C CD1 . PHE B 1 32 ? -8.456  -18.554 -7.522  1.00 33.52 ? 63  PHE B CD1 1 
ATOM   983  C CD2 . PHE B 1 32 ? -6.771  -18.583 -9.226  1.00 33.47 ? 63  PHE B CD2 1 
ATOM   984  C CE1 . PHE B 1 32 ? -9.132  -19.591 -8.160  1.00 33.59 ? 63  PHE B CE1 1 
ATOM   985  C CE2 . PHE B 1 32 ? -7.441  -19.623 -9.876  1.00 34.61 ? 63  PHE B CE2 1 
ATOM   986  C CZ  . PHE B 1 32 ? -8.622  -20.127 -9.340  1.00 35.08 ? 63  PHE B CZ  1 
ATOM   987  N N   . VAL B 1 33 ? -3.809  -16.053 -5.754  1.00 22.65 ? 64  VAL B N   1 
ATOM   988  C CA  . VAL B 1 33 ? -3.041  -15.010 -5.096  1.00 21.61 ? 64  VAL B CA  1 
ATOM   989  C C   . VAL B 1 33 ? -3.090  -13.685 -5.851  1.00 20.66 ? 64  VAL B C   1 
ATOM   990  O O   . VAL B 1 33 ? -3.214  -13.665 -7.072  1.00 21.11 ? 64  VAL B O   1 
ATOM   991  C CB  . VAL B 1 33 ? -1.570  -15.454 -4.951  1.00 21.89 ? 64  VAL B CB  1 
ATOM   992  C CG1 . VAL B 1 33 ? -0.727  -14.336 -4.373  1.00 23.38 ? 64  VAL B CG1 1 
ATOM   993  C CG2 . VAL B 1 33 ? -1.498  -16.684 -4.069  1.00 22.92 ? 64  VAL B CG2 1 
ATOM   994  N N   . GLY B 1 34 ? -3.007  -12.582 -5.111  1.00 19.05 ? 65  GLY B N   1 
ATOM   995  C CA  . GLY B 1 34 ? -3.000  -11.264 -5.725  1.00 16.29 ? 65  GLY B CA  1 
ATOM   996  C C   . GLY B 1 34 ? -4.322  -10.608 -6.082  1.00 15.24 ? 65  GLY B C   1 
ATOM   997  O O   . GLY B 1 34 ? -4.330  -9.583  -6.764  1.00 14.22 ? 65  GLY B O   1 
ATOM   998  N N   . ILE B 1 35 ? -5.442  -11.172 -5.637  1.00 12.88 ? 66  ILE B N   1 
ATOM   999  C CA  . ILE B 1 35 ? -6.732  -10.577 -5.954  1.00 12.95 ? 66  ILE B CA  1 
ATOM   1000 C C   . ILE B 1 35 ? -6.927  -9.332  -5.100  1.00 13.97 ? 66  ILE B C   1 
ATOM   1001 O O   . ILE B 1 35 ? -6.941  -9.397  -3.869  1.00 13.30 ? 66  ILE B O   1 
ATOM   1002 C CB  . ILE B 1 35 ? -7.895  -11.590 -5.744  1.00 15.02 ? 66  ILE B CB  1 
ATOM   1003 C CG1 . ILE B 1 35 ? -7.775  -12.719 -6.779  1.00 15.45 ? 66  ILE B CG1 1 
ATOM   1004 C CG2 . ILE B 1 35 ? -9.244  -10.894 -5.910  1.00 16.38 ? 66  ILE B CG2 1 
ATOM   1005 C CD1 . ILE B 1 35 ? -8.881  -13.746 -6.722  1.00 15.64 ? 66  ILE B CD1 1 
ATOM   1006 N N   . GLU B 1 36 ? -7.058  -8.193  -5.777  1.00 13.40 ? 67  GLU B N   1 
ATOM   1007 C CA  . GLU B 1 36 ? -7.212  -6.908  -5.116  1.00 13.95 ? 67  GLU B CA  1 
ATOM   1008 C C   . GLU B 1 36 ? -7.863  -5.907  -6.068  1.00 14.02 ? 67  GLU B C   1 
ATOM   1009 O O   . GLU B 1 36 ? -7.676  -5.973  -7.286  1.00 11.72 ? 67  GLU B O   1 
ATOM   1010 C CB  . GLU B 1 36 ? -5.829  -6.411  -4.683  1.00 15.59 ? 67  GLU B CB  1 
ATOM   1011 C CG  . GLU B 1 36 ? -5.754  -4.972  -4.241  1.00 22.63 ? 67  GLU B CG  1 
ATOM   1012 C CD  . GLU B 1 36 ? -4.326  -4.550  -3.929  1.00 26.29 ? 67  GLU B CD  1 
ATOM   1013 O OE1 . GLU B 1 36 ? -3.452  -4.689  -4.812  1.00 29.37 ? 67  GLU B OE1 1 
ATOM   1014 O OE2 . GLU B 1 36 ? -4.073  -4.083  -2.801  1.00 28.72 ? 67  GLU B OE2 1 
ATOM   1015 N N   . GLY B 1 37 ? -8.628  -4.981  -5.505  1.00 13.29 ? 68  GLY B N   1 
ATOM   1016 C CA  . GLY B 1 37 ? -9.300  -3.983  -6.318  1.00 15.66 ? 68  GLY B CA  1 
ATOM   1017 C C   . GLY B 1 37 ? -10.486 -3.390  -5.585  1.00 15.15 ? 68  GLY B C   1 
ATOM   1018 O O   . GLY B 1 37 ? -10.522 -3.395  -4.351  1.00 17.25 ? 68  GLY B O   1 
ATOM   1019 N N   . TYR B 1 38 ? -11.454 -2.878  -6.338  1.00 12.26 ? 69  TYR B N   1 
ATOM   1020 C CA  . TYR B 1 38 ? -12.642 -2.283  -5.742  1.00 13.37 ? 69  TYR B CA  1 
ATOM   1021 C C   . TYR B 1 38 ? -13.869 -3.173  -5.895  1.00 10.23 ? 69  TYR B C   1 
ATOM   1022 O O   . TYR B 1 38 ? -14.086 -3.768  -6.945  1.00 9.12  ? 69  TYR B O   1 
ATOM   1023 C CB  . TYR B 1 38 ? -12.937 -0.915  -6.366  1.00 15.51 ? 69  TYR B CB  1 
ATOM   1024 C CG  . TYR B 1 38 ? -11.954 0.164   -5.979  1.00 21.60 ? 69  TYR B CG  1 
ATOM   1025 C CD1 . TYR B 1 38 ? -10.782 0.368   -6.711  1.00 22.83 ? 69  TYR B CD1 1 
ATOM   1026 C CD2 . TYR B 1 38 ? -12.182 0.967   -4.863  1.00 22.89 ? 69  TYR B CD2 1 
ATOM   1027 C CE1 . TYR B 1 38 ? -9.863  1.345   -6.340  1.00 25.03 ? 69  TYR B CE1 1 
ATOM   1028 C CE2 . TYR B 1 38 ? -11.271 1.945   -4.481  1.00 26.03 ? 69  TYR B CE2 1 
ATOM   1029 C CZ  . TYR B 1 38 ? -10.114 2.129   -5.222  1.00 27.04 ? 69  TYR B CZ  1 
ATOM   1030 O OH  . TYR B 1 38 ? -9.206  3.089   -4.836  1.00 29.32 ? 69  TYR B OH  1 
ATOM   1031 N N   . VAL B 1 39 ? -14.663 -3.261  -4.831  1.00 9.60  ? 70  VAL B N   1 
ATOM   1032 C CA  . VAL B 1 39 ? -15.884 -4.061  -4.850  1.00 8.70  ? 70  VAL B CA  1 
ATOM   1033 C C   . VAL B 1 39 ? -16.885 -3.365  -5.766  1.00 9.70  ? 70  VAL B C   1 
ATOM   1034 O O   . VAL B 1 39 ? -17.289 -2.233  -5.491  1.00 10.00 ? 70  VAL B O   1 
ATOM   1035 C CB  . VAL B 1 39 ? -16.499 -4.169  -3.435  1.00 7.84  ? 70  VAL B CB  1 
ATOM   1036 C CG1 . VAL B 1 39 ? -17.846 -4.883  -3.505  1.00 9.92  ? 70  VAL B CG1 1 
ATOM   1037 C CG2 . VAL B 1 39 ? -15.549 -4.929  -2.504  1.00 10.90 ? 70  VAL B CG2 1 
ATOM   1038 N N   . ILE B 1 40 ? -17.274 -4.023  -6.858  1.00 9.79  ? 71  ILE B N   1 
ATOM   1039 C CA  . ILE B 1 40 ? -18.229 -3.416  -7.779  1.00 9.66  ? 71  ILE B CA  1 
ATOM   1040 C C   . ILE B 1 40 ? -19.627 -4.008  -7.669  1.00 10.13 ? 71  ILE B C   1 
ATOM   1041 O O   . ILE B 1 40 ? -20.574 -3.479  -8.248  1.00 9.02  ? 71  ILE B O   1 
ATOM   1042 C CB  . ILE B 1 40 ? -17.762 -3.503  -9.253  1.00 9.96  ? 71  ILE B CB  1 
ATOM   1043 C CG1 . ILE B 1 40 ? -17.688 -4.961  -9.714  1.00 9.03  ? 71  ILE B CG1 1 
ATOM   1044 C CG2 . ILE B 1 40 ? -16.422 -2.809  -9.406  1.00 7.39  ? 71  ILE B CG2 1 
ATOM   1045 C CD1 . ILE B 1 40 ? -17.481 -5.091  -11.231 1.00 11.56 ? 71  ILE B CD1 1 
ATOM   1046 N N   . ASP B 1 41 ? -19.756 -5.106  -6.933  1.00 9.28  ? 72  ASP B N   1 
ATOM   1047 C CA  . ASP B 1 41 ? -21.061 -5.717  -6.723  1.00 11.47 ? 72  ASP B CA  1 
ATOM   1048 C C   . ASP B 1 41 ? -20.981 -6.696  -5.559  1.00 11.57 ? 72  ASP B C   1 
ATOM   1049 O O   . ASP B 1 41 ? -19.895 -7.130  -5.173  1.00 11.68 ? 72  ASP B O   1 
ATOM   1050 C CB  . ASP B 1 41 ? -21.543 -6.441  -7.986  1.00 9.83  ? 72  ASP B CB  1 
ATOM   1051 C CG  . ASP B 1 41 ? -23.060 -6.587  -8.036  1.00 12.12 ? 72  ASP B CG  1 
ATOM   1052 O OD1 . ASP B 1 41 ? -23.743 -6.244  -7.042  1.00 12.76 ? 72  ASP B OD1 1 
ATOM   1053 O OD2 . ASP B 1 41 ? -23.575 -7.054  -9.072  1.00 13.41 ? 72  ASP B OD2 1 
ATOM   1054 N N   . GLU B 1 42 ? -22.134 -7.029  -4.989  1.00 12.80 ? 73  GLU B N   1 
ATOM   1055 C CA  . GLU B 1 42 ? -22.200 -7.969  -3.872  1.00 12.26 ? 73  GLU B CA  1 
ATOM   1056 C C   . GLU B 1 42 ? -23.499 -8.748  -3.928  1.00 12.91 ? 73  GLU B C   1 
ATOM   1057 O O   . GLU B 1 42 ? -24.557 -8.166  -4.123  1.00 13.14 ? 73  GLU B O   1 
ATOM   1058 C CB  . GLU B 1 42 ? -22.139 -7.244  -2.520  1.00 13.21 ? 73  GLU B CB  1 
ATOM   1059 C CG  . GLU B 1 42 ? -22.398 -8.188  -1.333  1.00 12.91 ? 73  GLU B CG  1 
ATOM   1060 C CD  . GLU B 1 42 ? -22.400 -7.490  0.020   1.00 15.09 ? 73  GLU B CD  1 
ATOM   1061 O OE1 . GLU B 1 42 ? -22.409 -6.243  0.059   1.00 15.81 ? 73  GLU B OE1 1 
ATOM   1062 O OE2 . GLU B 1 42 ? -22.410 -8.199  1.051   1.00 15.69 ? 73  GLU B OE2 1 
ATOM   1063 N N   . THR B 1 43 ? -23.412 -10.060 -3.757  1.00 12.82 ? 74  THR B N   1 
ATOM   1064 C CA  . THR B 1 43 ? -24.599 -10.911 -3.759  1.00 13.93 ? 74  THR B CA  1 
ATOM   1065 C C   . THR B 1 43 ? -24.636 -11.609 -2.406  1.00 14.19 ? 74  THR B C   1 
ATOM   1066 O O   . THR B 1 43 ? -23.795 -11.345 -1.547  1.00 13.13 ? 74  THR B O   1 
ATOM   1067 C CB  . THR B 1 43 ? -24.526 -11.974 -4.854  1.00 13.41 ? 74  THR B CB  1 
ATOM   1068 O OG1 . THR B 1 43 ? -23.372 -12.794 -4.637  1.00 13.81 ? 74  THR B OG1 1 
ATOM   1069 C CG2 . THR B 1 43 ? -24.432 -11.320 -6.233  1.00 14.23 ? 74  THR B CG2 1 
ATOM   1070 N N   . ARG B 1 44 ? -25.595 -12.505 -2.216  1.00 14.36 ? 75  ARG B N   1 
ATOM   1071 C CA  . ARG B 1 44 ? -25.694 -13.212 -0.948  1.00 14.86 ? 75  ARG B CA  1 
ATOM   1072 C C   . ARG B 1 44 ? -24.408 -13.931 -0.560  1.00 14.39 ? 75  ARG B C   1 
ATOM   1073 O O   . ARG B 1 44 ? -23.981 -13.859 0.591   1.00 14.63 ? 75  ARG B O   1 
ATOM   1074 C CB  . ARG B 1 44 ? -26.830 -14.237 -0.973  1.00 15.46 ? 75  ARG B CB  1 
ATOM   1075 C CG  . ARG B 1 44 ? -26.933 -15.009 0.347   1.00 18.69 ? 75  ARG B CG  1 
ATOM   1076 C CD  . ARG B 1 44 ? -27.987 -16.103 0.324   1.00 22.20 ? 75  ARG B CD  1 
ATOM   1077 N NE  . ARG B 1 44 ? -28.266 -16.583 1.676   1.00 26.18 ? 75  ARG B NE  1 
ATOM   1078 C CZ  . ARG B 1 44 ? -27.423 -17.293 2.419   1.00 29.62 ? 75  ARG B CZ  1 
ATOM   1079 N NH1 . ARG B 1 44 ? -26.229 -17.629 1.945   1.00 28.51 ? 75  ARG B NH1 1 
ATOM   1080 N NH2 . ARG B 1 44 ? -27.763 -17.650 3.652   1.00 30.40 ? 75  ARG B NH2 1 
ATOM   1081 N N   . ASN B 1 45 ? -23.786 -14.611 -1.517  1.00 14.05 ? 76  ASN B N   1 
ATOM   1082 C CA  . ASN B 1 45 ? -22.573 -15.374 -1.229  1.00 14.62 ? 76  ASN B CA  1 
ATOM   1083 C C   . ASN B 1 45 ? -21.301 -14.934 -1.940  1.00 15.45 ? 76  ASN B C   1 
ATOM   1084 O O   . ASN B 1 45 ? -20.233 -15.485 -1.672  1.00 15.07 ? 76  ASN B O   1 
ATOM   1085 C CB  . ASN B 1 45 ? -22.802 -16.856 -1.561  1.00 19.17 ? 76  ASN B CB  1 
ATOM   1086 C CG  . ASN B 1 45 ? -24.047 -17.420 -0.901  1.00 20.35 ? 76  ASN B CG  1 
ATOM   1087 O OD1 . ASN B 1 45 ? -24.199 -17.360 0.319   1.00 19.69 ? 76  ASN B OD1 1 
ATOM   1088 N ND2 . ASN B 1 45 ? -24.945 -17.974 -1.712  1.00 22.27 ? 76  ASN B ND2 1 
ATOM   1089 N N   . MET B 1 46 ? -21.396 -13.956 -2.834  1.00 15.57 ? 77  MET B N   1 
ATOM   1090 C CA  . MET B 1 46 ? -20.224 -13.534 -3.585  1.00 15.99 ? 77  MET B CA  1 
ATOM   1091 C C   . MET B 1 46 ? -19.905 -12.045 -3.504  1.00 14.68 ? 77  MET B C   1 
ATOM   1092 O O   . MET B 1 46 ? -20.730 -11.230 -3.103  1.00 15.12 ? 77  MET B O   1 
ATOM   1093 C CB  . MET B 1 46 ? -20.393 -13.891 -5.070  1.00 17.21 ? 77  MET B CB  1 
ATOM   1094 C CG  . MET B 1 46 ? -21.012 -15.263 -5.382  1.00 20.48 ? 77  MET B CG  1 
ATOM   1095 S SD  . MET B 1 46 ? -19.948 -16.704 -5.092  1.00 23.03 ? 77  MET B SD  1 
ATOM   1096 C CE  . MET B 1 46 ? -18.768 -16.562 -6.392  1.00 20.20 ? 77  MET B CE  1 
ATOM   1097 N N   . LEU B 1 47 ? -18.684 -11.716 -3.903  1.00 12.53 ? 78  LEU B N   1 
ATOM   1098 C CA  . LEU B 1 47 ? -18.207 -10.344 -3.971  1.00 13.49 ? 78  LEU B CA  1 
ATOM   1099 C C   . LEU B 1 47 ? -17.595 -10.219 -5.359  1.00 13.80 ? 78  LEU B C   1 
ATOM   1100 O O   . LEU B 1 47 ? -16.825 -11.085 -5.778  1.00 15.47 ? 78  LEU B O   1 
ATOM   1101 C CB  . LEU B 1 47 ? -17.116 -10.076 -2.935  1.00 14.38 ? 78  LEU B CB  1 
ATOM   1102 C CG  . LEU B 1 47 ? -17.446 -9.272  -1.680  1.00 18.45 ? 78  LEU B CG  1 
ATOM   1103 C CD1 . LEU B 1 47 ? -16.134 -8.769  -1.075  1.00 15.89 ? 78  LEU B CD1 1 
ATOM   1104 C CD2 . LEU B 1 47 ? -18.353 -8.090  -2.018  1.00 16.57 ? 78  LEU B CD2 1 
ATOM   1105 N N   . VAL B 1 48 ? -17.953 -9.170  -6.086  1.00 11.26 ? 79  VAL B N   1 
ATOM   1106 C CA  . VAL B 1 48 ? -17.389 -8.968  -7.409  1.00 11.16 ? 79  VAL B CA  1 
ATOM   1107 C C   . VAL B 1 48 ? -16.356 -7.866  -7.245  1.00 12.76 ? 79  VAL B C   1 
ATOM   1108 O O   . VAL B 1 48 ? -16.687 -6.754  -6.827  1.00 11.09 ? 79  VAL B O   1 
ATOM   1109 C CB  . VAL B 1 48 ? -18.457 -8.533  -8.428  1.00 11.92 ? 79  VAL B CB  1 
ATOM   1110 C CG1 . VAL B 1 48 ? -17.814 -8.375  -9.806  1.00 13.57 ? 79  VAL B CG1 1 
ATOM   1111 C CG2 . VAL B 1 48 ? -19.575 -9.571  -8.484  1.00 13.50 ? 79  VAL B CG2 1 
ATOM   1112 N N   . ILE B 1 49 ? -15.109 -8.190  -7.572  1.00 13.33 ? 80  ILE B N   1 
ATOM   1113 C CA  . ILE B 1 49 ? -13.998 -7.263  -7.423  1.00 14.24 ? 80  ILE B CA  1 
ATOM   1114 C C   . ILE B 1 49 ? -13.366 -6.883  -8.756  1.00 15.72 ? 80  ILE B C   1 
ATOM   1115 O O   . ILE B 1 49 ? -13.111 -7.737  -9.608  1.00 14.98 ? 80  ILE B O   1 
ATOM   1116 C CB  . ILE B 1 49 ? -12.921 -7.883  -6.505  1.00 14.10 ? 80  ILE B CB  1 
ATOM   1117 C CG1 . ILE B 1 49 ? -13.552 -8.252  -5.162  1.00 15.21 ? 80  ILE B CG1 1 
ATOM   1118 C CG2 . ILE B 1 49 ? -11.767 -6.909  -6.294  1.00 14.23 ? 80  ILE B CG2 1 
ATOM   1119 C CD1 . ILE B 1 49 ? -12.696 -9.169  -4.315  1.00 16.91 ? 80  ILE B CD1 1 
ATOM   1120 N N   . ALA B 1 50 ? -13.112 -5.589  -8.927  1.00 16.56 ? 81  ALA B N   1 
ATOM   1121 C CA  . ALA B 1 50 ? -12.507 -5.093  -10.154 1.00 17.16 ? 81  ALA B CA  1 
ATOM   1122 C C   . ALA B 1 50 ? -11.092 -4.609  -9.887  1.00 16.53 ? 81  ALA B C   1 
ATOM   1123 O O   . ALA B 1 50 ? -10.890 -3.611  -9.199  1.00 16.73 ? 81  ALA B O   1 
ATOM   1124 C CB  . ALA B 1 50 ? -13.345 -3.958  -10.735 1.00 14.52 ? 81  ALA B CB  1 
ATOM   1125 N N   . GLY B 1 51 ? -10.124 -5.345  -10.422 1.00 17.69 ? 82  GLY B N   1 
ATOM   1126 C CA  . GLY B 1 51 ? -8.723  -4.991  -10.281 1.00 19.39 ? 82  GLY B CA  1 
ATOM   1127 C C   . GLY B 1 51 ? -8.086  -5.172  -11.649 1.00 20.22 ? 82  GLY B C   1 
ATOM   1128 O O   . GLY B 1 51 ? -8.627  -4.679  -12.642 1.00 18.94 ? 82  GLY B O   1 
ATOM   1129 N N   . ASP B 1 52 ? -6.951  -5.869  -11.717 1.00 20.07 ? 83  ASP B N   1 
ATOM   1130 C CA  . ASP B 1 52 ? -6.290  -6.115  -13.001 1.00 21.00 ? 83  ASP B CA  1 
ATOM   1131 C C   . ASP B 1 52 ? -7.215  -6.980  -13.838 1.00 20.83 ? 83  ASP B C   1 
ATOM   1132 O O   . ASP B 1 52 ? -7.139  -6.997  -15.065 1.00 23.42 ? 83  ASP B O   1 
ATOM   1133 C CB  . ASP B 1 52 ? -4.967  -6.859  -12.812 1.00 22.60 ? 83  ASP B CB  1 
ATOM   1134 C CG  . ASP B 1 52 ? -3.913  -6.013  -12.153 1.00 23.08 ? 83  ASP B CG  1 
ATOM   1135 O OD1 . ASP B 1 52 ? -4.142  -4.795  -11.981 1.00 22.04 ? 83  ASP B OD1 1 
ATOM   1136 O OD2 . ASP B 1 52 ? -2.849  -6.570  -11.818 1.00 26.24 ? 83  ASP B OD2 1 
ATOM   1137 N N   . ARG B 1 53 ? -8.079  -7.711  -13.145 1.00 20.79 ? 84  ARG B N   1 
ATOM   1138 C CA  . ARG B 1 53 ? -9.060  -8.587  -13.770 1.00 19.50 ? 84  ARG B CA  1 
ATOM   1139 C C   . ARG B 1 53 ? -10.357 -8.372  -12.991 1.00 19.03 ? 84  ARG B C   1 
ATOM   1140 O O   . ARG B 1 53 ? -10.359 -7.728  -11.939 1.00 16.46 ? 84  ARG B O   1 
ATOM   1141 C CB  . ARG B 1 53 ? -8.639  -10.053 -13.625 1.00 20.53 ? 84  ARG B CB  1 
ATOM   1142 C CG  . ARG B 1 53 ? -7.242  -10.395 -14.143 1.00 21.99 ? 84  ARG B CG  1 
ATOM   1143 C CD  . ARG B 1 53 ? -7.221  -10.576 -15.654 1.00 23.22 ? 84  ARG B CD  1 
ATOM   1144 N NE  . ARG B 1 53 ? -5.932  -11.074 -16.131 1.00 25.34 ? 84  ARG B NE  1 
ATOM   1145 C CZ  . ARG B 1 53 ? -4.820  -10.347 -16.210 1.00 24.93 ? 84  ARG B CZ  1 
ATOM   1146 N NH1 . ARG B 1 53 ? -4.830  -9.073  -15.845 1.00 26.00 ? 84  ARG B NH1 1 
ATOM   1147 N NH2 . ARG B 1 53 ? -3.695  -10.896 -16.654 1.00 23.74 ? 84  ARG B NH2 1 
ATOM   1148 N N   . ILE B 1 54 ? -11.459 -8.890  -13.520 1.00 16.40 ? 85  ILE B N   1 
ATOM   1149 C CA  . ILE B 1 54 ? -12.735 -8.805  -12.831 1.00 14.54 ? 85  ILE B CA  1 
ATOM   1150 C C   . ILE B 1 54 ? -12.875 -10.174 -12.188 1.00 15.03 ? 85  ILE B C   1 
ATOM   1151 O O   . ILE B 1 54 ? -12.804 -11.186 -12.882 1.00 15.62 ? 85  ILE B O   1 
ATOM   1152 C CB  . ILE B 1 54 ? -13.908 -8.599  -13.802 1.00 15.21 ? 85  ILE B CB  1 
ATOM   1153 C CG1 . ILE B 1 54 ? -13.808 -7.223  -14.471 1.00 15.06 ? 85  ILE B CG1 1 
ATOM   1154 C CG2 . ILE B 1 54 ? -15.223 -8.750  -13.051 1.00 15.55 ? 85  ILE B CG2 1 
ATOM   1155 C CD1 . ILE B 1 54 ? -13.841 -6.054  -13.502 1.00 12.95 ? 85  ILE B CD1 1 
ATOM   1156 N N   . TRP B 1 55 ? -13.052 -10.209 -10.872 1.00 13.43 ? 86  TRP B N   1 
ATOM   1157 C CA  . TRP B 1 55 ? -13.187 -11.472 -10.153 1.00 15.10 ? 86  TRP B CA  1 
ATOM   1158 C C   . TRP B 1 55 ? -14.501 -11.600 -9.401  1.00 15.22 ? 86  TRP B C   1 
ATOM   1159 O O   . TRP B 1 55 ? -15.016 -10.622 -8.864  1.00 15.42 ? 86  TRP B O   1 
ATOM   1160 C CB  . TRP B 1 55 ? -12.058 -11.649 -9.126  1.00 16.65 ? 86  TRP B CB  1 
ATOM   1161 C CG  . TRP B 1 55 ? -10.731 -12.033 -9.693  1.00 20.47 ? 86  TRP B CG  1 
ATOM   1162 C CD1 . TRP B 1 55 ? -9.771  -11.198 -10.180 1.00 21.06 ? 86  TRP B CD1 1 
ATOM   1163 C CD2 . TRP B 1 55 ? -10.221 -13.363 -9.833  1.00 21.73 ? 86  TRP B CD2 1 
ATOM   1164 N NE1 . TRP B 1 55 ? -8.688  -11.928 -10.617 1.00 23.13 ? 86  TRP B NE1 1 
ATOM   1165 C CE2 . TRP B 1 55 ? -8.940  -13.260 -10.416 1.00 23.20 ? 86  TRP B CE2 1 
ATOM   1166 C CE3 . TRP B 1 55 ? -10.723 -14.636 -9.522  1.00 25.72 ? 86  TRP B CE3 1 
ATOM   1167 C CZ2 . TRP B 1 55 ? -8.149  -14.382 -10.696 1.00 26.84 ? 86  TRP B CZ2 1 
ATOM   1168 C CZ3 . TRP B 1 55 ? -9.938  -15.755 -9.800  1.00 26.98 ? 86  TRP B CZ3 1 
ATOM   1169 C CH2 . TRP B 1 55 ? -8.663  -15.617 -10.381 1.00 27.16 ? 86  TRP B CH2 1 
ATOM   1170 N N   . LYS B 1 56 ? -15.038 -12.814 -9.369  1.00 13.99 ? 87  LYS B N   1 
ATOM   1171 C CA  . LYS B 1 56 ? -16.258 -13.096 -8.624  1.00 16.15 ? 87  LYS B CA  1 
ATOM   1172 C C   . LYS B 1 56 ? -15.799 -14.132 -7.608  1.00 13.76 ? 87  LYS B C   1 
ATOM   1173 O O   . LYS B 1 56 ? -15.521 -15.274 -7.973  1.00 13.77 ? 87  LYS B O   1 
ATOM   1174 C CB  . LYS B 1 56 ? -17.333 -13.701 -9.526  1.00 21.44 ? 87  LYS B CB  1 
ATOM   1175 C CG  . LYS B 1 56 ? -18.616 -14.056 -8.789  1.00 26.51 ? 87  LYS B CG  1 
ATOM   1176 C CD  . LYS B 1 56 ? -19.508 -14.944 -9.646  1.00 32.54 ? 87  LYS B CD  1 
ATOM   1177 C CE  . LYS B 1 56 ? -20.745 -15.388 -8.886  1.00 34.99 ? 87  LYS B CE  1 
ATOM   1178 N NZ  . LYS B 1 56 ? -21.482 -16.454 -9.625  1.00 37.25 ? 87  LYS B NZ  1 
ATOM   1179 N N   . VAL B 1 57 ? -15.708 -13.738 -6.342  1.00 12.04 ? 88  VAL B N   1 
ATOM   1180 C CA  . VAL B 1 57 ? -15.234 -14.650 -5.309  1.00 12.42 ? 88  VAL B CA  1 
ATOM   1181 C C   . VAL B 1 57 ? -16.261 -14.965 -4.220  1.00 13.19 ? 88  VAL B C   1 
ATOM   1182 O O   . VAL B 1 57 ? -17.102 -14.137 -3.884  1.00 12.71 ? 88  VAL B O   1 
ATOM   1183 C CB  . VAL B 1 57 ? -13.943 -14.098 -4.649  1.00 14.03 ? 88  VAL B CB  1 
ATOM   1184 C CG1 . VAL B 1 57 ? -12.914 -13.757 -5.726  1.00 13.08 ? 88  VAL B CG1 1 
ATOM   1185 C CG2 . VAL B 1 57 ? -14.254 -12.868 -3.829  1.00 13.31 ? 88  VAL B CG2 1 
ATOM   1186 N N   . PRO B 1 58 ? -16.208 -16.188 -3.667  1.00 12.73 ? 89  PRO B N   1 
ATOM   1187 C CA  . PRO B 1 58 ? -17.142 -16.593 -2.614  1.00 11.57 ? 89  PRO B CA  1 
ATOM   1188 C C   . PRO B 1 58 ? -16.737 -16.055 -1.242  1.00 11.24 ? 89  PRO B C   1 
ATOM   1189 O O   . PRO B 1 58 ? -15.589 -16.191 -0.813  1.00 8.48  ? 89  PRO B O   1 
ATOM   1190 C CB  . PRO B 1 58 ? -17.099 -18.116 -2.689  1.00 12.85 ? 89  PRO B CB  1 
ATOM   1191 C CG  . PRO B 1 58 ? -15.687 -18.380 -3.098  1.00 12.66 ? 89  PRO B CG  1 
ATOM   1192 C CD  . PRO B 1 58 ? -15.434 -17.342 -4.159  1.00 12.11 ? 89  PRO B CD  1 
ATOM   1193 N N   . LYS B 1 59 ? -17.698 -15.445 -0.560  1.00 10.82 ? 90  LYS B N   1 
ATOM   1194 C CA  . LYS B 1 59 ? -17.461 -14.869 0.759   1.00 11.58 ? 90  LYS B CA  1 
ATOM   1195 C C   . LYS B 1 59 ? -17.020 -15.884 1.805   1.00 13.15 ? 90  LYS B C   1 
ATOM   1196 O O   . LYS B 1 59 ? -16.022 -15.683 2.498   1.00 12.83 ? 90  LYS B O   1 
ATOM   1197 C CB  . LYS B 1 59 ? -18.730 -14.183 1.267   1.00 10.88 ? 90  LYS B CB  1 
ATOM   1198 C CG  . LYS B 1 59 ? -19.186 -12.973 0.473   1.00 7.81  ? 90  LYS B CG  1 
ATOM   1199 C CD  . LYS B 1 59 ? -20.522 -12.485 1.030   1.00 8.58  ? 90  LYS B CD  1 
ATOM   1200 C CE  . LYS B 1 59 ? -21.009 -11.220 0.353   1.00 7.32  ? 90  LYS B CE  1 
ATOM   1201 N NZ  . LYS B 1 59 ? -22.340 -10.809 0.916   1.00 9.30  ? 90  LYS B NZ  1 
ATOM   1202 N N   . ASP B 1 60 ? -17.773 -16.973 1.911   1.00 13.31 ? 91  ASP B N   1 
ATOM   1203 C CA  . ASP B 1 60 ? -17.513 -18.006 2.910   1.00 15.06 ? 91  ASP B CA  1 
ATOM   1204 C C   . ASP B 1 60 ? -16.092 -18.561 3.016   1.00 13.76 ? 91  ASP B C   1 
ATOM   1205 O O   . ASP B 1 60 ? -15.655 -18.909 4.111   1.00 13.93 ? 91  ASP B O   1 
ATOM   1206 C CB  . ASP B 1 60 ? -18.497 -19.170 2.726   1.00 16.44 ? 91  ASP B CB  1 
ATOM   1207 C CG  . ASP B 1 60 ? -18.230 -19.966 1.465   1.00 17.65 ? 91  ASP B CG  1 
ATOM   1208 O OD1 . ASP B 1 60 ? -17.545 -19.446 0.564   1.00 18.16 ? 91  ASP B OD1 1 
ATOM   1209 O OD2 . ASP B 1 60 ? -18.715 -21.114 1.370   1.00 21.05 ? 91  ASP B OD2 1 
ATOM   1210 N N   . VAL B 1 61 ? -15.363 -18.636 1.908   1.00 11.75 ? 92  VAL B N   1 
ATOM   1211 C CA  . VAL B 1 61 ? -14.014 -19.192 1.960   1.00 10.69 ? 92  VAL B CA  1 
ATOM   1212 C C   . VAL B 1 61 ? -12.898 -18.163 1.842   1.00 11.10 ? 92  VAL B C   1 
ATOM   1213 O O   . VAL B 1 61 ? -11.723 -18.523 1.745   1.00 11.17 ? 92  VAL B O   1 
ATOM   1214 C CB  . VAL B 1 61 ? -13.806 -20.256 0.850   1.00 13.07 ? 92  VAL B CB  1 
ATOM   1215 C CG1 . VAL B 1 61 ? -14.803 -21.397 1.026   1.00 12.24 ? 92  VAL B CG1 1 
ATOM   1216 C CG2 . VAL B 1 61 ? -13.951 -19.614 -0.527  1.00 11.90 ? 92  VAL B CG2 1 
ATOM   1217 N N   . SER B 1 62 ? -13.254 -16.885 1.863   1.00 10.30 ? 93  SER B N   1 
ATOM   1218 C CA  . SER B 1 62 ? -12.260 -15.834 1.733   1.00 9.10  ? 93  SER B CA  1 
ATOM   1219 C C   . SER B 1 62 ? -11.997 -15.099 3.037   1.00 9.55  ? 93  SER B C   1 
ATOM   1220 O O   . SER B 1 62 ? -12.840 -15.070 3.927   1.00 8.82  ? 93  SER B O   1 
ATOM   1221 C CB  . SER B 1 62 ? -12.722 -14.814 0.687   1.00 9.21  ? 93  SER B CB  1 
ATOM   1222 O OG  . SER B 1 62 ? -13.053 -15.435 -0.544  1.00 10.43 ? 93  SER B OG  1 
ATOM   1223 N N   . ILE B 1 63 ? -10.799 -14.536 3.152   1.00 9.48  ? 94  ILE B N   1 
ATOM   1224 C CA  . ILE B 1 63 ? -10.435 -13.715 4.298   1.00 9.62  ? 94  ILE B CA  1 
ATOM   1225 C C   . ILE B 1 63 ? -10.155 -12.385 3.605   1.00 9.85  ? 94  ILE B C   1 
ATOM   1226 O O   . ILE B 1 63 ? -9.233  -12.291 2.795   1.00 8.94  ? 94  ILE B O   1 
ATOM   1227 C CB  . ILE B 1 63 ? -9.159  -14.202 5.001   1.00 11.73 ? 94  ILE B CB  1 
ATOM   1228 C CG1 . ILE B 1 63 ? -9.325  -15.660 5.446   1.00 9.23  ? 94  ILE B CG1 1 
ATOM   1229 C CG2 . ILE B 1 63 ? -8.892  -13.321 6.221   1.00 12.60 ? 94  ILE B CG2 1 
ATOM   1230 C CD1 . ILE B 1 63 ? -10.447 -15.872 6.454   1.00 13.18 ? 94  ILE B CD1 1 
ATOM   1231 N N   . PHE B 1 64 ? -10.962 -11.370 3.895   1.00 10.09 ? 95  PHE B N   1 
ATOM   1232 C CA  . PHE B 1 64 ? -10.812 -10.074 3.241   1.00 10.86 ? 95  PHE B CA  1 
ATOM   1233 C C   . PHE B 1 64 ? -10.151 -8.993  4.076   1.00 12.18 ? 95  PHE B C   1 
ATOM   1234 O O   . PHE B 1 64 ? -10.210 -9.009  5.308   1.00 11.10 ? 95  PHE B O   1 
ATOM   1235 C CB  . PHE B 1 64 ? -12.173 -9.517  2.814   1.00 11.02 ? 95  PHE B CB  1 
ATOM   1236 C CG  . PHE B 1 64 ? -12.964 -10.415 1.906   1.00 13.10 ? 95  PHE B CG  1 
ATOM   1237 C CD1 . PHE B 1 64 ? -14.124 -11.035 2.366   1.00 12.30 ? 95  PHE B CD1 1 
ATOM   1238 C CD2 . PHE B 1 64 ? -12.589 -10.595 0.578   1.00 10.46 ? 95  PHE B CD2 1 
ATOM   1239 C CE1 . PHE B 1 64 ? -14.908 -11.818 1.514   1.00 12.79 ? 95  PHE B CE1 1 
ATOM   1240 C CE2 . PHE B 1 64 ? -13.365 -11.378 -0.283  1.00 11.33 ? 95  PHE B CE2 1 
ATOM   1241 C CZ  . PHE B 1 64 ? -14.531 -11.988 0.187   1.00 9.00  ? 95  PHE B CZ  1 
ATOM   1242 N N   . GLU B 1 65 ? -9.525  -8.047  3.384   1.00 12.49 ? 96  GLU B N   1 
ATOM   1243 C CA  . GLU B 1 65 ? -8.915  -6.894  4.030   1.00 12.40 ? 96  GLU B CA  1 
ATOM   1244 C C   . GLU B 1 65 ? -9.502  -5.696  3.294   1.00 13.39 ? 96  GLU B C   1 
ATOM   1245 O O   . GLU B 1 65 ? -9.114  -5.406  2.166   1.00 12.60 ? 96  GLU B O   1 
ATOM   1246 C CB  . GLU B 1 65 ? -7.389  -6.866  3.871   1.00 15.01 ? 96  GLU B CB  1 
ATOM   1247 C CG  . GLU B 1 65 ? -6.752  -5.729  4.671   1.00 18.12 ? 96  GLU B CG  1 
ATOM   1248 C CD  . GLU B 1 65 ? -5.337  -5.381  4.232   1.00 22.40 ? 96  GLU B CD  1 
ATOM   1249 O OE1 . GLU B 1 65 ? -5.179  -4.776  3.155   1.00 22.86 ? 96  GLU B OE1 1 
ATOM   1250 O OE2 . GLU B 1 65 ? -4.382  -5.712  4.969   1.00 24.39 ? 96  GLU B OE2 1 
ATOM   1251 N N   . PHE B 1 66 ? -10.461 -5.024  3.918   1.00 12.52 ? 97  PHE B N   1 
ATOM   1252 C CA  . PHE B 1 66 ? -11.071 -3.859  3.304   1.00 13.96 ? 97  PHE B CA  1 
ATOM   1253 C C   . PHE B 1 66 ? -10.324 -2.607  3.744   1.00 17.31 ? 97  PHE B C   1 
ATOM   1254 O O   . PHE B 1 66 ? -9.692  -2.590  4.795   1.00 16.84 ? 97  PHE B O   1 
ATOM   1255 C CB  . PHE B 1 66 ? -12.540 -3.743  3.708   1.00 13.80 ? 97  PHE B CB  1 
ATOM   1256 C CG  . PHE B 1 66 ? -13.387 -4.880  3.230   1.00 13.31 ? 97  PHE B CG  1 
ATOM   1257 C CD1 . PHE B 1 66 ? -13.485 -6.052  3.973   1.00 12.07 ? 97  PHE B CD1 1 
ATOM   1258 C CD2 . PHE B 1 66 ? -14.062 -4.794  2.020   1.00 12.03 ? 97  PHE B CD2 1 
ATOM   1259 C CE1 . PHE B 1 66 ? -14.248 -7.124  3.512   1.00 11.99 ? 97  PHE B CE1 1 
ATOM   1260 C CE2 . PHE B 1 66 ? -14.824 -5.860  1.551   1.00 14.50 ? 97  PHE B CE2 1 
ATOM   1261 C CZ  . PHE B 1 66 ? -14.917 -7.028  2.301   1.00 10.44 ? 97  PHE B CZ  1 
ATOM   1262 N N   . GLU B 1 67 ? -10.396 -1.564  2.930   1.00 19.22 ? 98  GLU B N   1 
ATOM   1263 C CA  . GLU B 1 67 ? -9.732  -0.314  3.251   1.00 22.25 ? 98  GLU B CA  1 
ATOM   1264 C C   . GLU B 1 67 ? -10.777 0.767   3.507   1.00 22.12 ? 98  GLU B C   1 
ATOM   1265 O O   . GLU B 1 67 ? -11.578 1.082   2.630   1.00 21.07 ? 98  GLU B O   1 
ATOM   1266 C CB  . GLU B 1 67 ? -8.826  0.109   2.094   1.00 24.37 ? 98  GLU B CB  1 
ATOM   1267 C CG  . GLU B 1 67 ? -7.891  1.258   2.427   1.00 26.17 ? 98  GLU B CG  1 
ATOM   1268 C CD  . GLU B 1 67 ? -7.140  1.763   1.210   1.00 28.06 ? 98  GLU B CD  1 
ATOM   1269 O OE1 . GLU B 1 67 ? -6.553  0.936   0.477   1.00 29.18 ? 98  GLU B OE1 1 
ATOM   1270 O OE2 . GLU B 1 67 ? -7.135  2.991   0.987   1.00 31.28 ? 98  GLU B OE2 1 
ATOM   1271 N N   . ALA B 1 68 ? -10.777 1.316   4.716   1.00 23.28 ? 99  ALA B N   1 
ATOM   1272 C CA  . ALA B 1 68 ? -11.717 2.372   5.066   1.00 26.31 ? 99  ALA B CA  1 
ATOM   1273 C C   . ALA B 1 68 ? -11.272 3.641   4.345   1.00 28.24 ? 99  ALA B C   1 
ATOM   1274 O O   . ALA B 1 68 ? -10.129 3.735   3.893   1.00 27.10 ? 99  ALA B O   1 
ATOM   1275 C CB  . ALA B 1 68 ? -11.725 2.594   6.578   1.00 24.97 ? 99  ALA B CB  1 
ATOM   1276 N N   . ASP B 1 69 ? -12.169 4.616   4.233   1.00 30.58 ? 100 ASP B N   1 
ATOM   1277 C CA  . ASP B 1 69 ? -11.833 5.861   3.553   1.00 33.87 ? 100 ASP B CA  1 
ATOM   1278 C C   . ASP B 1 69 ? -10.648 6.573   4.194   1.00 34.07 ? 100 ASP B C   1 
ATOM   1279 O O   . ASP B 1 69 ? -9.943  7.327   3.524   1.00 35.23 ? 100 ASP B O   1 
ATOM   1280 C CB  . ASP B 1 69 ? -13.042 6.803   3.511   1.00 35.34 ? 100 ASP B CB  1 
ATOM   1281 C CG  . ASP B 1 69 ? -14.168 6.274   2.635   1.00 38.93 ? 100 ASP B CG  1 
ATOM   1282 O OD1 . ASP B 1 69 ? -13.877 5.781   1.522   1.00 39.84 ? 100 ASP B OD1 1 
ATOM   1283 O OD2 . ASP B 1 69 ? -15.344 6.358   3.055   1.00 37.80 ? 100 ASP B OD2 1 
ATOM   1284 N N   . ASP B 1 70 ? -10.422 6.335   5.484   1.00 34.88 ? 101 ASP B N   1 
ATOM   1285 C CA  . ASP B 1 70 ? -9.307  6.979   6.173   1.00 35.54 ? 101 ASP B CA  1 
ATOM   1286 C C   . ASP B 1 70 ? -8.009  6.196   5.989   1.00 35.32 ? 101 ASP B C   1 
ATOM   1287 O O   . ASP B 1 70 ? -6.943  6.630   6.429   1.00 35.32 ? 101 ASP B O   1 
ATOM   1288 C CB  . ASP B 1 70 ? -9.611  7.140   7.669   1.00 38.62 ? 101 ASP B CB  1 
ATOM   1289 C CG  . ASP B 1 70 ? -9.722  5.813   8.396   1.00 41.48 ? 101 ASP B CG  1 
ATOM   1290 O OD1 . ASP B 1 70 ? -8.802  4.981   8.258   1.00 41.51 ? 101 ASP B OD1 1 
ATOM   1291 O OD2 . ASP B 1 70 ? -10.724 5.605   9.116   1.00 42.31 ? 101 ASP B OD2 1 
ATOM   1292 N N   . GLY B 1 71 ? -8.101  5.041   5.337   1.00 32.88 ? 102 GLY B N   1 
ATOM   1293 C CA  . GLY B 1 71 ? -6.918  4.231   5.110   1.00 30.75 ? 102 GLY B CA  1 
ATOM   1294 C C   . GLY B 1 71 ? -6.794  3.032   6.032   1.00 28.67 ? 102 GLY B C   1 
ATOM   1295 O O   . GLY B 1 71 ? -5.969  2.148   5.790   1.00 28.87 ? 102 GLY B O   1 
ATOM   1296 N N   . THR B 1 72 ? -7.602  2.993   7.090   1.00 25.76 ? 103 THR B N   1 
ATOM   1297 C CA  . THR B 1 72 ? -7.560  1.877   8.032   1.00 25.96 ? 103 THR B CA  1 
ATOM   1298 C C   . THR B 1 72 ? -7.815  0.567   7.296   1.00 23.89 ? 103 THR B C   1 
ATOM   1299 O O   . THR B 1 72 ? -8.686  0.487   6.430   1.00 22.86 ? 103 THR B O   1 
ATOM   1300 C CB  . THR B 1 72 ? -8.625  2.010   9.147   1.00 26.79 ? 103 THR B CB  1 
ATOM   1301 O OG1 . THR B 1 72 ? -8.432  3.236   9.860   1.00 27.76 ? 103 THR B OG1 1 
ATOM   1302 C CG2 . THR B 1 72 ? -8.511  0.845   10.136  1.00 28.95 ? 103 THR B CG2 1 
ATOM   1303 N N   . LYS B 1 73 ? -7.049  -0.458  7.649   1.00 22.60 ? 104 LYS B N   1 
ATOM   1304 C CA  . LYS B 1 73 ? -7.191  -1.766  7.030   1.00 21.58 ? 104 LYS B CA  1 
ATOM   1305 C C   . LYS B 1 73 ? -8.021  -2.659  7.947   1.00 20.81 ? 104 LYS B C   1 
ATOM   1306 O O   . LYS B 1 73 ? -7.623  -2.929  9.075   1.00 20.71 ? 104 LYS B O   1 
ATOM   1307 C CB  . LYS B 1 73 ? -5.811  -2.382  6.804   1.00 24.08 ? 104 LYS B CB  1 
ATOM   1308 C CG  . LYS B 1 73 ? -4.859  -1.495  6.005   1.00 26.76 ? 104 LYS B CG  1 
ATOM   1309 C CD  . LYS B 1 73 ? -5.392  -1.222  4.605   1.00 28.04 ? 104 LYS B CD  1 
ATOM   1310 C CE  . LYS B 1 73 ? -4.385  -0.435  3.779   1.00 32.27 ? 104 LYS B CE  1 
ATOM   1311 N NZ  . LYS B 1 73 ? -4.861  -0.230  2.378   1.00 36.73 ? 104 LYS B NZ  1 
ATOM   1312 N N   . ILE B 1 74 ? -9.176  -3.104  7.461   1.00 15.91 ? 105 ILE B N   1 
ATOM   1313 C CA  . ILE B 1 74 ? -10.057 -3.962  8.241   1.00 13.45 ? 105 ILE B CA  1 
ATOM   1314 C C   . ILE B 1 74 ? -10.018 -5.399  7.713   1.00 13.52 ? 105 ILE B C   1 
ATOM   1315 O O   . ILE B 1 74 ? -10.473 -5.673  6.600   1.00 11.84 ? 105 ILE B O   1 
ATOM   1316 C CB  . ILE B 1 74 ? -11.519 -3.449  8.184   1.00 12.88 ? 105 ILE B CB  1 
ATOM   1317 C CG1 . ILE B 1 74 ? -11.585 -2.002  8.676   1.00 13.43 ? 105 ILE B CG1 1 
ATOM   1318 C CG2 . ILE B 1 74 ? -12.417 -4.325  9.042   1.00 14.79 ? 105 ILE B CG2 1 
ATOM   1319 C CD1 . ILE B 1 74 ? -12.928 -1.331  8.448   1.00 17.65 ? 105 ILE B CD1 1 
ATOM   1320 N N   . LYS B 1 75 ? -9.455  -6.304  8.505   1.00 14.67 ? 106 LYS B N   1 
ATOM   1321 C CA  . LYS B 1 75 ? -9.376  -7.710  8.128   1.00 14.76 ? 106 LYS B CA  1 
ATOM   1322 C C   . LYS B 1 75 ? -10.528 -8.462  8.778   1.00 13.05 ? 106 LYS B C   1 
ATOM   1323 O O   . LYS B 1 75 ? -10.834 -8.236  9.945   1.00 10.90 ? 106 LYS B O   1 
ATOM   1324 C CB  . LYS B 1 75 ? -8.047  -8.313  8.581   1.00 15.33 ? 106 LYS B CB  1 
ATOM   1325 C CG  . LYS B 1 75 ? -6.847  -7.798  7.808   1.00 18.46 ? 106 LYS B CG  1 
ATOM   1326 C CD  . LYS B 1 75 ? -5.589  -8.551  8.189   1.00 20.63 ? 106 LYS B CD  1 
ATOM   1327 C CE  . LYS B 1 75 ? -4.387  -8.024  7.423   1.00 22.16 ? 106 LYS B CE  1 
ATOM   1328 N NZ  . LYS B 1 75 ? -3.133  -8.692  7.849   1.00 22.51 ? 106 LYS B NZ  1 
ATOM   1329 N N   . ILE B 1 76 ? -11.162 -9.354  8.025   1.00 11.81 ? 107 ILE B N   1 
ATOM   1330 C CA  . ILE B 1 76 ? -12.287 -10.121 8.547   1.00 11.08 ? 107 ILE B CA  1 
ATOM   1331 C C   . ILE B 1 76 ? -12.606 -11.297 7.633   1.00 11.31 ? 107 ILE B C   1 
ATOM   1332 O O   . ILE B 1 76 ? -12.532 -11.177 6.410   1.00 12.30 ? 107 ILE B O   1 
ATOM   1333 C CB  . ILE B 1 76 ? -13.545 -9.220  8.671   1.00 13.56 ? 107 ILE B CB  1 
ATOM   1334 C CG1 . ILE B 1 76 ? -14.690 -9.985  9.335   1.00 12.37 ? 107 ILE B CG1 1 
ATOM   1335 C CG2 . ILE B 1 76 ? -13.961 -8.716  7.288   1.00 14.83 ? 107 ILE B CG2 1 
ATOM   1336 C CD1 . ILE B 1 76 ? -15.913 -9.130  9.615   1.00 11.04 ? 107 ILE B CD1 1 
ATOM   1337 N N   . PRO B 1 77 ? -12.947 -12.460 8.214   1.00 11.26 ? 108 PRO B N   1 
ATOM   1338 C CA  . PRO B 1 77 ? -13.268 -13.606 7.359   1.00 10.89 ? 108 PRO B CA  1 
ATOM   1339 C C   . PRO B 1 77 ? -14.546 -13.286 6.604   1.00 9.91  ? 108 PRO B C   1 
ATOM   1340 O O   . PRO B 1 77 ? -15.465 -12.687 7.164   1.00 10.12 ? 108 PRO B O   1 
ATOM   1341 C CB  . PRO B 1 77 ? -13.467 -14.742 8.359   1.00 10.98 ? 108 PRO B CB  1 
ATOM   1342 C CG  . PRO B 1 77 ? -12.565 -14.344 9.497   1.00 9.82  ? 108 PRO B CG  1 
ATOM   1343 C CD  . PRO B 1 77 ? -12.864 -12.873 9.627   1.00 8.84  ? 108 PRO B CD  1 
ATOM   1344 N N   . GLY B 1 78 ? -14.603 -13.685 5.342   1.00 9.68  ? 109 GLY B N   1 
ATOM   1345 C CA  . GLY B 1 78 ? -15.787 -13.422 4.548   1.00 11.30 ? 109 GLY B CA  1 
ATOM   1346 C C   . GLY B 1 78 ? -17.047 -14.088 5.068   1.00 10.31 ? 109 GLY B C   1 
ATOM   1347 O O   . GLY B 1 78 ? -18.148 -13.616 4.798   1.00 11.04 ? 109 GLY B O   1 
ATOM   1348 N N   . GLU B 1 79 ? -16.898 -15.182 5.812   1.00 12.99 ? 110 GLU B N   1 
ATOM   1349 C CA  . GLU B 1 79 ? -18.062 -15.887 6.345   1.00 14.04 ? 110 GLU B CA  1 
ATOM   1350 C C   . GLU B 1 79 ? -18.959 -14.934 7.132   1.00 11.79 ? 110 GLU B C   1 
ATOM   1351 O O   . GLU B 1 79 ? -20.176 -15.093 7.146   1.00 10.94 ? 110 GLU B O   1 
ATOM   1352 C CB  . GLU B 1 79 ? -17.630 -17.040 7.261   1.00 18.03 ? 110 GLU B CB  1 
ATOM   1353 C CG  . GLU B 1 79 ? -16.769 -18.098 6.580   1.00 28.73 ? 110 GLU B CG  1 
ATOM   1354 C CD  . GLU B 1 79 ? -16.452 -19.284 7.484   1.00 33.28 ? 110 GLU B CD  1 
ATOM   1355 O OE1 . GLU B 1 79 ? -15.955 -19.061 8.612   1.00 36.81 ? 110 GLU B OE1 1 
ATOM   1356 O OE2 . GLU B 1 79 ? -16.695 -20.438 7.061   1.00 36.19 ? 110 GLU B OE2 1 
ATOM   1357 N N   . ARG B 1 80 ? -18.353 -13.945 7.785   1.00 10.33 ? 111 ARG B N   1 
ATOM   1358 C CA  . ARG B 1 80 ? -19.112 -12.986 8.586   1.00 10.28 ? 111 ARG B CA  1 
ATOM   1359 C C   . ARG B 1 80 ? -19.911 -12.019 7.727   1.00 11.36 ? 111 ARG B C   1 
ATOM   1360 O O   . ARG B 1 80 ? -20.782 -11.314 8.230   1.00 11.27 ? 111 ARG B O   1 
ATOM   1361 C CB  . ARG B 1 80 ? -18.172 -12.185 9.495   1.00 10.72 ? 111 ARG B CB  1 
ATOM   1362 C CG  . ARG B 1 80 ? -17.416 -13.023 10.518  1.00 6.91  ? 111 ARG B CG  1 
ATOM   1363 C CD  . ARG B 1 80 ? -18.351 -13.727 11.483  1.00 11.44 ? 111 ARG B CD  1 
ATOM   1364 N NE  . ARG B 1 80 ? -17.621 -14.316 12.603  1.00 14.04 ? 111 ARG B NE  1 
ATOM   1365 C CZ  . ARG B 1 80 ? -18.184 -15.010 13.590  1.00 17.21 ? 111 ARG B CZ  1 
ATOM   1366 N NH1 . ARG B 1 80 ? -19.498 -15.215 13.604  1.00 14.64 ? 111 ARG B NH1 1 
ATOM   1367 N NH2 . ARG B 1 80 ? -17.432 -15.490 14.574  1.00 14.60 ? 111 ARG B NH2 1 
ATOM   1368 N N   . LEU B 1 81 ? -19.607 -11.987 6.434   1.00 10.31 ? 112 LEU B N   1 
ATOM   1369 C CA  . LEU B 1 81 ? -20.292 -11.086 5.518   1.00 13.07 ? 112 LEU B CA  1 
ATOM   1370 C C   . LEU B 1 81 ? -21.297 -11.780 4.598   1.00 11.68 ? 112 LEU B C   1 
ATOM   1371 O O   . LEU B 1 81 ? -21.813 -11.162 3.672   1.00 13.45 ? 112 LEU B O   1 
ATOM   1372 C CB  . LEU B 1 81 ? -19.265 -10.326 4.678   1.00 12.75 ? 112 LEU B CB  1 
ATOM   1373 C CG  . LEU B 1 81 ? -18.239 -9.523  5.482   1.00 11.83 ? 112 LEU B CG  1 
ATOM   1374 C CD1 . LEU B 1 81 ? -17.243 -8.863  4.533   1.00 10.67 ? 112 LEU B CD1 1 
ATOM   1375 C CD2 . LEU B 1 81 ? -18.957 -8.488  6.336   1.00 13.50 ? 112 LEU B CD2 1 
ATOM   1376 N N   . VAL B 1 82 ? -21.574 -13.056 4.848   1.00 14.01 ? 113 VAL B N   1 
ATOM   1377 C CA  . VAL B 1 82 ? -22.537 -13.787 4.027   1.00 14.01 ? 113 VAL B CA  1 
ATOM   1378 C C   . VAL B 1 82 ? -23.908 -13.138 4.183   1.00 16.18 ? 113 VAL B C   1 
ATOM   1379 O O   . VAL B 1 82 ? -24.300 -12.762 5.289   1.00 14.78 ? 113 VAL B O   1 
ATOM   1380 C CB  . VAL B 1 82 ? -22.624 -15.273 4.439   1.00 15.31 ? 113 VAL B CB  1 
ATOM   1381 C CG1 . VAL B 1 82 ? -23.809 -15.943 3.747   1.00 14.11 ? 113 VAL B CG1 1 
ATOM   1382 C CG2 . VAL B 1 82 ? -21.326 -15.990 4.067   1.00 13.47 ? 113 VAL B CG2 1 
ATOM   1383 N N   . GLY B 1 83 ? -24.619 -12.994 3.068   1.00 16.24 ? 114 GLY B N   1 
ATOM   1384 C CA  . GLY B 1 83 ? -25.931 -12.379 3.092   1.00 16.59 ? 114 GLY B CA  1 
ATOM   1385 C C   . GLY B 1 83 ? -26.007 -11.173 2.174   1.00 17.23 ? 114 GLY B C   1 
ATOM   1386 O O   . GLY B 1 83 ? -25.015 -10.466 1.981   1.00 15.71 ? 114 GLY B O   1 
ATOM   1387 N N   . ARG B 1 84 ? -27.183 -10.936 1.598   1.00 16.85 ? 115 ARG B N   1 
ATOM   1388 C CA  . ARG B 1 84 ? -27.384 -9.800  0.705   1.00 18.50 ? 115 ARG B CA  1 
ATOM   1389 C C   . ARG B 1 84 ? -27.231 -8.483  1.462   1.00 17.52 ? 115 ARG B C   1 
ATOM   1390 O O   . ARG B 1 84 ? -27.614 -8.379  2.627   1.00 18.45 ? 115 ARG B O   1 
ATOM   1391 C CB  . ARG B 1 84 ? -28.775 -9.872  0.065   1.00 21.45 ? 115 ARG B CB  1 
ATOM   1392 C CG  . ARG B 1 84 ? -28.912 -10.954 -0.999  1.00 23.49 ? 115 ARG B CG  1 
ATOM   1393 C CD  . ARG B 1 84 ? -30.353 -11.098 -1.449  1.00 25.89 ? 115 ARG B CD  1 
ATOM   1394 N NE  . ARG B 1 84 ? -31.160 -11.747 -0.422  1.00 29.84 ? 115 ARG B NE  1 
ATOM   1395 C CZ  . ARG B 1 84 ? -32.301 -11.261 0.056   1.00 31.21 ? 115 ARG B CZ  1 
ATOM   1396 N NH1 . ARG B 1 84 ? -32.779 -10.110 -0.400  1.00 30.33 ? 115 ARG B NH1 1 
ATOM   1397 N NH2 . ARG B 1 84 ? -32.960 -11.929 0.995   1.00 33.09 ? 115 ARG B NH2 1 
ATOM   1398 N N   . PRO B 1 85 ? -26.665 -7.459  0.805   1.00 17.50 ? 116 PRO B N   1 
ATOM   1399 C CA  . PRO B 1 85 ? -26.443 -6.133  1.394   1.00 18.57 ? 116 PRO B CA  1 
ATOM   1400 C C   . PRO B 1 85 ? -27.626 -5.554  2.171   1.00 19.73 ? 116 PRO B C   1 
ATOM   1401 O O   . PRO B 1 85 ? -27.458 -5.052  3.285   1.00 18.03 ? 116 PRO B O   1 
ATOM   1402 C CB  . PRO B 1 85 ? -26.084 -5.279  0.183   1.00 19.42 ? 116 PRO B CB  1 
ATOM   1403 C CG  . PRO B 1 85 ? -25.354 -6.249  -0.687  1.00 18.86 ? 116 PRO B CG  1 
ATOM   1404 C CD  . PRO B 1 85 ? -26.207 -7.489  -0.595  1.00 17.68 ? 116 PRO B CD  1 
ATOM   1405 N N   . GLU B 1 86 ? -28.818 -5.615  1.581   1.00 19.73 ? 117 GLU B N   1 
ATOM   1406 C CA  . GLU B 1 86 ? -30.010 -5.072  2.225   1.00 21.31 ? 117 GLU B CA  1 
ATOM   1407 C C   . GLU B 1 86 ? -30.362 -5.833  3.499   1.00 20.39 ? 117 GLU B C   1 
ATOM   1408 O O   . GLU B 1 86 ? -30.879 -5.252  4.455   1.00 20.27 ? 117 GLU B O   1 
ATOM   1409 C CB  . GLU B 1 86 ? -31.199 -5.089  1.253   1.00 23.22 ? 117 GLU B CB  1 
ATOM   1410 C CG  . GLU B 1 86 ? -31.672 -6.477  0.871   1.00 27.96 ? 117 GLU B CG  1 
ATOM   1411 C CD  . GLU B 1 86 ? -32.733 -6.455  -0.209  1.00 31.70 ? 117 GLU B CD  1 
ATOM   1412 O OE1 . GLU B 1 86 ? -33.764 -5.774  -0.017  1.00 32.65 ? 117 GLU B OE1 1 
ATOM   1413 O OE2 . GLU B 1 86 ? -32.534 -7.122  -1.250  1.00 36.28 ? 117 GLU B OE2 1 
ATOM   1414 N N   . MET B 1 87 ? -30.073 -7.130  3.516   1.00 19.92 ? 118 MET B N   1 
ATOM   1415 C CA  . MET B 1 87 ? -30.357 -7.947  4.688   1.00 18.54 ? 118 MET B CA  1 
ATOM   1416 C C   . MET B 1 87 ? -29.289 -7.774  5.769   1.00 18.57 ? 118 MET B C   1 
ATOM   1417 O O   . MET B 1 87 ? -29.599 -7.776  6.962   1.00 18.65 ? 118 MET B O   1 
ATOM   1418 C CB  . MET B 1 87 ? -30.468 -9.422  4.295   1.00 20.49 ? 118 MET B CB  1 
ATOM   1419 C CG  . MET B 1 87 ? -31.584 -9.726  3.303   1.00 22.10 ? 118 MET B CG  1 
ATOM   1420 S SD  . MET B 1 87 ? -33.194 -9.033  3.778   1.00 23.99 ? 118 MET B SD  1 
ATOM   1421 C CE  . MET B 1 87 ? -33.595 -10.053 5.193   1.00 24.19 ? 118 MET B CE  1 
ATOM   1422 N N   . ARG B 1 88 ? -28.028 -7.633  5.362   1.00 17.03 ? 119 ARG B N   1 
ATOM   1423 C CA  . ARG B 1 88 ? -26.957 -7.438  6.338   1.00 15.04 ? 119 ARG B CA  1 
ATOM   1424 C C   . ARG B 1 88 ? -27.226 -6.158  7.128   1.00 12.92 ? 119 ARG B C   1 
ATOM   1425 O O   . ARG B 1 88 ? -26.801 -6.029  8.278   1.00 11.34 ? 119 ARG B O   1 
ATOM   1426 C CB  . ARG B 1 88 ? -25.581 -7.340  5.654   1.00 11.90 ? 119 ARG B CB  1 
ATOM   1427 C CG  . ARG B 1 88 ? -25.066 -8.655  5.079   1.00 13.30 ? 119 ARG B CG  1 
ATOM   1428 C CD  . ARG B 1 88 ? -23.575 -8.592  4.715   1.00 10.89 ? 119 ARG B CD  1 
ATOM   1429 N NE  . ARG B 1 88 ? -23.267 -7.591  3.692   1.00 10.88 ? 119 ARG B NE  1 
ATOM   1430 C CZ  . ARG B 1 88 ? -22.835 -6.360  3.950   1.00 12.40 ? 119 ARG B CZ  1 
ATOM   1431 N NH1 . ARG B 1 88 ? -22.658 -5.971  5.204   1.00 9.06  ? 119 ARG B NH1 1 
ATOM   1432 N NH2 . ARG B 1 88 ? -22.579 -5.517  2.952   1.00 10.90 ? 119 ARG B NH2 1 
ATOM   1433 N N   . LEU B 1 89 ? -27.925 -5.213  6.507   1.00 12.39 ? 120 LEU B N   1 
ATOM   1434 C CA  . LEU B 1 89 ? -28.251 -3.955  7.176   1.00 12.79 ? 120 LEU B CA  1 
ATOM   1435 C C   . LEU B 1 89 ? -29.102 -4.211  8.417   1.00 12.03 ? 120 LEU B C   1 
ATOM   1436 O O   . LEU B 1 89 ? -29.102 -3.406  9.342   1.00 11.68 ? 120 LEU B O   1 
ATOM   1437 C CB  . LEU B 1 89 ? -28.998 -3.005  6.225   1.00 13.68 ? 120 LEU B CB  1 
ATOM   1438 C CG  . LEU B 1 89 ? -28.173 -2.249  5.172   1.00 15.46 ? 120 LEU B CG  1 
ATOM   1439 C CD1 . LEU B 1 89 ? -29.092 -1.373  4.327   1.00 17.77 ? 120 LEU B CD1 1 
ATOM   1440 C CD2 . LEU B 1 89 ? -27.122 -1.383  5.862   1.00 16.59 ? 120 LEU B CD2 1 
ATOM   1441 N N   . LYS B 1 90 ? -29.823 -5.332  8.432   1.00 12.58 ? 121 LYS B N   1 
ATOM   1442 C CA  . LYS B 1 90 ? -30.675 -5.688  9.569   1.00 14.90 ? 121 LYS B CA  1 
ATOM   1443 C C   . LYS B 1 90 ? -29.872 -5.847  10.852  1.00 14.17 ? 121 LYS B C   1 
ATOM   1444 O O   . LYS B 1 90 ? -30.366 -5.555  11.939  1.00 14.23 ? 121 LYS B O   1 
ATOM   1445 C CB  . LYS B 1 90 ? -31.423 -7.002  9.306   1.00 15.75 ? 121 LYS B CB  1 
ATOM   1446 C CG  . LYS B 1 90 ? -32.515 -6.926  8.264   1.00 21.20 ? 121 LYS B CG  1 
ATOM   1447 C CD  . LYS B 1 90 ? -33.234 -8.266  8.117   1.00 24.04 ? 121 LYS B CD  1 
ATOM   1448 C CE  . LYS B 1 90 ? -33.832 -8.725  9.443   1.00 27.16 ? 121 LYS B CE  1 
ATOM   1449 N NZ  . LYS B 1 90 ? -34.521 -10.048 9.330   1.00 30.40 ? 121 LYS B NZ  1 
ATOM   1450 N N   . LYS B 1 91 ? -28.635 -6.318  10.724  1.00 13.40 ? 122 LYS B N   1 
ATOM   1451 C CA  . LYS B 1 91 ? -27.783 -6.534  11.884  1.00 14.10 ? 122 LYS B CA  1 
ATOM   1452 C C   . LYS B 1 91 ? -27.435 -5.241  12.625  1.00 14.20 ? 122 LYS B C   1 
ATOM   1453 O O   . LYS B 1 91 ? -26.881 -5.279  13.721  1.00 13.60 ? 122 LYS B O   1 
ATOM   1454 C CB  . LYS B 1 91 ? -26.510 -7.278  11.462  1.00 16.92 ? 122 LYS B CB  1 
ATOM   1455 C CG  . LYS B 1 91 ? -26.813 -8.633  10.827  1.00 19.31 ? 122 LYS B CG  1 
ATOM   1456 C CD  . LYS B 1 91 ? -25.555 -9.431  10.533  1.00 23.16 ? 122 LYS B CD  1 
ATOM   1457 C CE  . LYS B 1 91 ? -25.897 -10.733 9.817   1.00 25.09 ? 122 LYS B CE  1 
ATOM   1458 N NZ  . LYS B 1 91 ? -24.687 -11.556 9.526   1.00 28.44 ? 122 LYS B NZ  1 
ATOM   1459 N N   . ARG B 1 92 ? -27.767 -4.103  12.027  1.00 12.46 ? 123 ARG B N   1 
ATOM   1460 C CA  . ARG B 1 92 ? -27.520 -2.815  12.659  1.00 13.74 ? 123 ARG B CA  1 
ATOM   1461 C C   . ARG B 1 92 ? -28.578 -2.650  13.752  1.00 14.69 ? 123 ARG B C   1 
ATOM   1462 O O   . ARG B 1 92 ? -28.332 -2.016  14.779  1.00 13.83 ? 123 ARG B O   1 
ATOM   1463 C CB  . ARG B 1 92 ? -27.643 -1.692  11.624  1.00 17.86 ? 123 ARG B CB  1 
ATOM   1464 C CG  . ARG B 1 92 ? -27.584 -0.264  12.177  1.00 23.39 ? 123 ARG B CG  1 
ATOM   1465 C CD  . ARG B 1 92 ? -26.161 0.218   12.286  1.00 27.67 ? 123 ARG B CD  1 
ATOM   1466 N NE  . ARG B 1 92 ? -26.021 1.640   12.605  1.00 27.89 ? 123 ARG B NE  1 
ATOM   1467 C CZ  . ARG B 1 92 ? -26.426 2.640   11.828  1.00 30.07 ? 123 ARG B CZ  1 
ATOM   1468 N NH1 . ARG B 1 92 ? -27.013 2.394   10.665  1.00 32.72 ? 123 ARG B NH1 1 
ATOM   1469 N NH2 . ARG B 1 92 ? -26.224 3.893   12.207  1.00 29.46 ? 123 ARG B NH2 1 
ATOM   1470 N N   . TRP B 1 93 ? -29.754 -3.234  13.517  1.00 13.35 ? 124 TRP B N   1 
ATOM   1471 C CA  . TRP B 1 93 ? -30.873 -3.182  14.458  1.00 13.38 ? 124 TRP B CA  1 
ATOM   1472 C C   . TRP B 1 93 ? -30.593 -4.128  15.626  1.00 14.18 ? 124 TRP B C   1 
ATOM   1473 O O   . TRP B 1 93 ? -30.304 -5.309  15.421  1.00 14.96 ? 124 TRP B O   1 
ATOM   1474 C CB  . TRP B 1 93 ? -32.175 -3.604  13.759  1.00 11.88 ? 124 TRP B CB  1 
ATOM   1475 C CG  . TRP B 1 93 ? -32.599 -2.699  12.633  1.00 10.82 ? 124 TRP B CG  1 
ATOM   1476 C CD1 . TRP B 1 93 ? -31.843 -2.311  11.564  1.00 10.83 ? 124 TRP B CD1 1 
ATOM   1477 C CD2 . TRP B 1 93 ? -33.878 -2.073  12.470  1.00 8.86  ? 124 TRP B CD2 1 
ATOM   1478 N NE1 . TRP B 1 93 ? -32.570 -1.479  10.745  1.00 11.39 ? 124 TRP B NE1 1 
ATOM   1479 C CE2 . TRP B 1 93 ? -33.823 -1.315  11.278  1.00 11.14 ? 124 TRP B CE2 1 
ATOM   1480 C CE3 . TRP B 1 93 ? -35.065 -2.077  13.214  1.00 9.54  ? 124 TRP B CE3 1 
ATOM   1481 C CZ2 . TRP B 1 93 ? -34.910 -0.565  10.813  1.00 9.44  ? 124 TRP B CZ2 1 
ATOM   1482 C CZ3 . TRP B 1 93 ? -36.154 -1.327  12.750  1.00 7.38  ? 124 TRP B CZ3 1 
ATOM   1483 C CH2 . TRP B 1 93 ? -36.065 -0.584  11.561  1.00 10.05 ? 124 TRP B CH2 1 
ATOM   1484 N N   . LYS B 1 94 ? -30.685 -3.622  16.852  1.00 13.56 ? 125 LYS B N   1 
ATOM   1485 C CA  . LYS B 1 94 ? -30.407 -4.455  18.019  1.00 16.35 ? 125 LYS B CA  1 
ATOM   1486 C C   . LYS B 1 94 ? -31.635 -4.789  18.853  1.00 16.20 ? 125 LYS B C   1 
ATOM   1487 O O   . LYS B 1 94 ? -32.413 -3.907  19.205  1.00 16.36 ? 125 LYS B O   1 
ATOM   1488 C CB  . LYS B 1 94 ? -29.371 -3.773  18.920  1.00 16.24 ? 125 LYS B CB  1 
ATOM   1489 C CG  . LYS B 1 94 ? -28.056 -3.459  18.230  1.00 19.90 ? 125 LYS B CG  1 
ATOM   1490 C CD  . LYS B 1 94 ? -27.390 -4.720  17.715  1.00 21.57 ? 125 LYS B CD  1 
ATOM   1491 C CE  . LYS B 1 94 ? -26.103 -4.397  16.985  1.00 25.34 ? 125 LYS B CE  1 
ATOM   1492 N NZ  . LYS B 1 94 ? -25.464 -5.627  16.452  1.00 31.19 ? 125 LYS B NZ  1 
ATOM   1493 N N   . LYS B 1 95 ? -31.813 -6.070  19.153  1.00 16.91 ? 126 LYS B N   1 
ATOM   1494 C CA  . LYS B 1 95 ? -32.930 -6.503  19.984  1.00 18.70 ? 126 LYS B CA  1 
ATOM   1495 C C   . LYS B 1 95 ? -32.326 -6.930  21.311  1.00 19.56 ? 126 LYS B C   1 
ATOM   1496 O O   . LYS B 1 95 ? -31.646 -7.957  21.394  1.00 20.10 ? 126 LYS B O   1 
ATOM   1497 C CB  . LYS B 1 95 ? -33.674 -7.681  19.358  1.00 20.31 ? 126 LYS B CB  1 
ATOM   1498 C CG  . LYS B 1 95 ? -34.838 -8.170  20.219  1.00 24.49 ? 126 LYS B CG  1 
ATOM   1499 C CD  . LYS B 1 95 ? -35.665 -9.235  19.515  1.00 27.65 ? 126 LYS B CD  1 
ATOM   1500 C CE  . LYS B 1 95 ? -34.839 -10.472 19.210  1.00 30.22 ? 126 LYS B CE  1 
ATOM   1501 N NZ  . LYS B 1 95 ? -35.642 -11.496 18.493  1.00 31.90 ? 126 LYS B NZ  1 
ATOM   1502 N N   . TRP B 1 96 ? -32.564 -6.135  22.345  1.00 18.38 ? 127 TRP B N   1 
ATOM   1503 C CA  . TRP B 1 96 ? -32.013 -6.433  23.655  1.00 20.67 ? 127 TRP B CA  1 
ATOM   1504 C C   . TRP B 1 96 ? -33.069 -6.933  24.629  1.00 22.02 ? 127 TRP B C   1 
ATOM   1505 O O   . TRP B 1 96 ? -32.942 -6.639  25.838  1.00 22.08 ? 127 TRP B O   1 
ATOM   1506 C CB  . TRP B 1 96 ? -31.328 -5.184  24.217  1.00 20.35 ? 127 TRP B CB  1 
ATOM   1507 C CG  . TRP B 1 96 ? -30.173 -4.700  23.376  1.00 21.42 ? 127 TRP B CG  1 
ATOM   1508 C CD1 . TRP B 1 96 ? -29.366 -5.459  22.576  1.00 21.82 ? 127 TRP B CD1 1 
ATOM   1509 C CD2 . TRP B 1 96 ? -29.652 -3.366  23.319  1.00 21.75 ? 127 TRP B CD2 1 
ATOM   1510 N NE1 . TRP B 1 96 ? -28.371 -4.683  22.030  1.00 23.11 ? 127 TRP B NE1 1 
ATOM   1511 C CE2 . TRP B 1 96 ? -28.522 -3.395  22.468  1.00 22.48 ? 127 TRP B CE2 1 
ATOM   1512 C CE3 . TRP B 1 96 ? -30.025 -2.149  23.907  1.00 21.77 ? 127 TRP B CE3 1 
ATOM   1513 C CZ2 . TRP B 1 96 ? -27.762 -2.253  22.191  1.00 23.28 ? 127 TRP B CZ2 1 
ATOM   1514 C CZ3 . TRP B 1 96 ? -29.269 -1.014  23.633  1.00 22.10 ? 127 TRP B CZ3 1 
ATOM   1515 C CH2 . TRP B 1 96 ? -28.149 -1.075  22.782  1.00 23.48 ? 127 TRP B CH2 1 
ATOM   1516 O OXT . TRP B 1 96 ? -33.996 -7.635  24.170  1.00 23.20 ? 127 TRP B OXT 1 
HETATM 1517 S S   . SO4 C 2 .  ? 7.402   7.570   9.353   1.00 43.38 ? 502 SO4 A S   1 
HETATM 1518 O O1  . SO4 C 2 .  ? 8.837   7.941   10.017  1.00 43.93 ? 502 SO4 A O1  1 
HETATM 1519 O O2  . SO4 C 2 .  ? 6.569   8.735   9.590   1.00 44.06 ? 502 SO4 A O2  1 
HETATM 1520 O O3  . SO4 C 2 .  ? 7.549   7.303   8.087   1.00 43.39 ? 502 SO4 A O3  1 
HETATM 1521 O O4  . SO4 C 2 .  ? 6.943   6.477   10.171  1.00 44.63 ? 502 SO4 A O4  1 
HETATM 1522 S S   . SO4 D 2 .  ? -25.258 -15.885 -5.338  1.00 38.29 ? 501 SO4 B S   1 
HETATM 1523 O O1  . SO4 D 2 .  ? -25.032 -15.052 -3.970  1.00 37.04 ? 501 SO4 B O1  1 
HETATM 1524 O O2  . SO4 D 2 .  ? -26.610 -15.550 -5.751  1.00 38.91 ? 501 SO4 B O2  1 
HETATM 1525 O O3  . SO4 D 2 .  ? -24.359 -15.553 -6.225  1.00 39.20 ? 501 SO4 B O3  1 
HETATM 1526 O O4  . SO4 D 2 .  ? -25.219 -17.254 -4.890  1.00 38.24 ? 501 SO4 B O4  1 
HETATM 1527 O O   . HOH E 3 .  ? 7.000   11.929  3.009   1.00 13.69 ? 503 HOH A O   1 
HETATM 1528 O O   . HOH E 3 .  ? 8.568   14.198  -4.313  1.00 12.31 ? 504 HOH A O   1 
HETATM 1529 O O   . HOH E 3 .  ? 13.128  -1.916  -0.562  1.00 13.94 ? 505 HOH A O   1 
HETATM 1530 O O   . HOH E 3 .  ? 18.683  -9.095  -7.652  1.00 33.90 ? 506 HOH A O   1 
HETATM 1531 O O   . HOH E 3 .  ? 24.525  17.919  6.411   1.00 16.76 ? 507 HOH A O   1 
HETATM 1532 O O   . HOH E 3 .  ? 27.002  11.771  9.675   1.00 22.27 ? 508 HOH A O   1 
HETATM 1533 O O   . HOH E 3 .  ? 15.967  1.066   2.237   1.00 10.86 ? 509 HOH A O   1 
HETATM 1534 O O   . HOH E 3 .  ? 25.953  4.763   -3.551  1.00 26.02 ? 510 HOH A O   1 
HETATM 1535 O O   . HOH E 3 .  ? 7.460   3.340   8.605   1.00 20.19 ? 511 HOH A O   1 
HETATM 1536 O O   . HOH E 3 .  ? 17.148  -4.041  -2.818  1.00 19.07 ? 512 HOH A O   1 
HETATM 1537 O O   . HOH E 3 .  ? 15.876  -1.401  3.292   1.00 25.05 ? 513 HOH A O   1 
HETATM 1538 O O   . HOH E 3 .  ? 4.445   10.734  2.817   1.00 18.68 ? 514 HOH A O   1 
HETATM 1539 O O   . HOH E 3 .  ? 26.579  11.648  -5.160  1.00 32.60 ? 515 HOH A O   1 
HETATM 1540 O O   . HOH E 3 .  ? 16.312  0.064   9.294   1.00 18.82 ? 516 HOH A O   1 
HETATM 1541 O O   . HOH E 3 .  ? 3.628   6.457   -7.170  1.00 30.90 ? 517 HOH A O   1 
HETATM 1542 O O   . HOH E 3 .  ? 27.282  14.525  -2.460  1.00 24.02 ? 518 HOH A O   1 
HETATM 1543 O O   . HOH E 3 .  ? 15.175  9.991   -13.769 1.00 19.03 ? 519 HOH A O   1 
HETATM 1544 O O   . HOH E 3 .  ? 18.294  26.933  -1.839  1.00 33.06 ? 520 HOH A O   1 
HETATM 1545 O O   . HOH E 3 .  ? 25.866  19.860  -1.174  1.00 37.96 ? 521 HOH A O   1 
HETATM 1546 O O   . HOH E 3 .  ? 25.249  17.842  3.115   1.00 21.77 ? 522 HOH A O   1 
HETATM 1547 O O   . HOH E 3 .  ? 24.979  9.489   -14.103 1.00 29.97 ? 523 HOH A O   1 
HETATM 1548 O O   . HOH E 3 .  ? 19.991  25.952  4.799   1.00 20.69 ? 524 HOH A O   1 
HETATM 1549 O O   . HOH E 3 .  ? 9.556   1.503   -11.680 1.00 33.46 ? 525 HOH A O   1 
HETATM 1550 O O   . HOH E 3 .  ? 17.030  -1.098  -16.432 1.00 32.08 ? 526 HOH A O   1 
HETATM 1551 O O   . HOH E 3 .  ? 24.666  3.734   5.166   1.00 30.17 ? 527 HOH A O   1 
HETATM 1552 O O   . HOH E 3 .  ? 19.449  4.352   -14.203 1.00 23.48 ? 528 HOH A O   1 
HETATM 1553 O O   . HOH E 3 .  ? 4.319   15.844  -3.071  1.00 35.63 ? 529 HOH A O   1 
HETATM 1554 O O   . HOH E 3 .  ? 2.452   7.094   3.710   1.00 28.98 ? 530 HOH A O   1 
HETATM 1555 O O   . HOH E 3 .  ? 23.430  0.164   -11.717 1.00 27.48 ? 531 HOH A O   1 
HETATM 1556 O O   . HOH E 3 .  ? 6.212   4.593   -6.951  1.00 23.48 ? 532 HOH A O   1 
HETATM 1557 O O   . HOH E 3 .  ? 11.201  -8.469  -3.484  1.00 20.39 ? 533 HOH A O   1 
HETATM 1558 O O   . HOH E 3 .  ? 13.035  25.059  -3.811  1.00 17.42 ? 534 HOH A O   1 
HETATM 1559 O O   . HOH E 3 .  ? 15.563  7.797   14.930  1.00 20.02 ? 535 HOH A O   1 
HETATM 1560 O O   . HOH E 3 .  ? -3.882  -8.248  -9.221  1.00 33.18 ? 536 HOH A O   1 
HETATM 1561 O O   . HOH E 3 .  ? 13.845  -0.010  7.470   1.00 43.17 ? 537 HOH A O   1 
HETATM 1562 O O   . HOH E 3 .  ? 27.278  16.116  3.803   1.00 21.91 ? 538 HOH A O   1 
HETATM 1563 O O   . HOH E 3 .  ? 17.835  9.990   -13.617 1.00 38.59 ? 539 HOH A O   1 
HETATM 1564 O O   . HOH E 3 .  ? 24.055  11.490  -5.783  1.00 32.79 ? 540 HOH A O   1 
HETATM 1565 O O   . HOH E 3 .  ? 8.225   2.711   -4.548  1.00 21.57 ? 541 HOH A O   1 
HETATM 1566 O O   . HOH E 3 .  ? 10.143  -2.347  5.694   1.00 20.40 ? 542 HOH A O   1 
HETATM 1567 O O   . HOH E 3 .  ? 12.839  27.083  2.919   1.00 20.87 ? 543 HOH A O   1 
HETATM 1568 O O   . HOH E 3 .  ? 27.587  -7.081  -7.629  1.00 41.27 ? 544 HOH A O   1 
HETATM 1569 O O   . HOH E 3 .  ? 2.721   10.926  0.468   1.00 27.35 ? 545 HOH A O   1 
HETATM 1570 O O   . HOH E 3 .  ? 1.122   9.059   1.646   1.00 35.90 ? 546 HOH A O   1 
HETATM 1571 O O   . HOH E 3 .  ? 16.159  2.598   -15.879 1.00 21.04 ? 547 HOH A O   1 
HETATM 1572 O O   . HOH E 3 .  ? 22.018  3.215   -12.690 1.00 29.53 ? 548 HOH A O   1 
HETATM 1573 O O   . HOH E 3 .  ? 13.649  4.790   -16.869 1.00 31.66 ? 549 HOH A O   1 
HETATM 1574 O O   . HOH E 3 .  ? 16.371  -6.962  -11.643 1.00 35.64 ? 550 HOH A O   1 
HETATM 1575 O O   . HOH E 3 .  ? 9.545   26.505  2.914   1.00 41.64 ? 551 HOH A O   1 
HETATM 1576 O O   . HOH E 3 .  ? 20.164  25.110  0.917   1.00 17.32 ? 552 HOH A O   1 
HETATM 1577 O O   . HOH E 3 .  ? 5.424   -4.179  -15.671 1.00 32.90 ? 553 HOH A O   1 
HETATM 1578 O O   . HOH E 3 .  ? 9.730   1.660   9.263   1.00 32.95 ? 554 HOH A O   1 
HETATM 1579 O O   . HOH E 3 .  ? 11.319  -0.751  7.600   1.00 27.19 ? 555 HOH A O   1 
HETATM 1580 O O   . HOH E 3 .  ? 3.925   10.712  -7.920  1.00 34.78 ? 556 HOH A O   1 
HETATM 1581 O O   . HOH E 3 .  ? 26.909  -0.366  -2.127  1.00 35.71 ? 557 HOH A O   1 
HETATM 1582 O O   . HOH E 3 .  ? 22.388  -3.836  -5.673  1.00 27.82 ? 558 HOH A O   1 
HETATM 1583 O O   . HOH E 3 .  ? 12.498  -1.642  -15.612 1.00 41.30 ? 559 HOH A O   1 
HETATM 1584 O O   . HOH E 3 .  ? 8.098   -4.166  -19.582 1.00 32.45 ? 560 HOH A O   1 
HETATM 1585 O O   . HOH E 3 .  ? 5.959   -1.659  -19.698 1.00 28.58 ? 561 HOH A O   1 
HETATM 1586 O O   . HOH E 3 .  ? 15.019  -1.775  5.580   1.00 29.00 ? 562 HOH A O   1 
HETATM 1587 O O   . HOH E 3 .  ? 3.777   -6.507  -7.007  1.00 24.52 ? 563 HOH A O   1 
HETATM 1588 O O   . HOH E 3 .  ? 12.893  8.069   12.088  1.00 29.86 ? 564 HOH A O   1 
HETATM 1589 O O   . HOH E 3 .  ? 13.814  -9.182  -4.572  1.00 25.89 ? 565 HOH A O   1 
HETATM 1590 O O   . HOH E 3 .  ? 15.811  -8.045  -3.375  1.00 27.12 ? 566 HOH A O   1 
HETATM 1591 O O   . HOH E 3 .  ? 13.491  -6.949  -11.362 1.00 20.62 ? 567 HOH A O   1 
HETATM 1592 O O   . HOH E 3 .  ? 10.707  -6.434  -11.691 1.00 23.63 ? 568 HOH A O   1 
HETATM 1593 O O   . HOH E 3 .  ? 31.059  16.943  7.693   1.00 30.45 ? 569 HOH A O   1 
HETATM 1594 O O   . HOH E 3 .  ? 24.050  1.324   -13.870 1.00 24.33 ? 570 HOH A O   1 
HETATM 1595 O O   . HOH E 3 .  ? 11.817  -3.004  -11.529 1.00 40.91 ? 571 HOH A O   1 
HETATM 1596 O O   . HOH E 3 .  ? 15.786  -7.990  -0.663  1.00 28.27 ? 572 HOH A O   1 
HETATM 1597 O O   . HOH E 3 .  ? 32.886  12.328  0.010   1.00 45.46 ? 573 HOH A O   1 
HETATM 1598 O O   . HOH F 3 .  ? -14.362 -16.805 5.653   1.00 9.83  ? 502 HOH B O   1 
HETATM 1599 O O   . HOH F 3 .  ? -16.725 -11.449 14.123  1.00 18.96 ? 503 HOH B O   1 
HETATM 1600 O O   . HOH F 3 .  ? -22.347 -3.679  -0.691  1.00 11.66 ? 504 HOH B O   1 
HETATM 1601 O O   . HOH F 3 .  ? -11.796 2.087   0.090   1.00 19.58 ? 505 HOH B O   1 
HETATM 1602 O O   . HOH F 3 .  ? -23.020 -9.634  7.916   1.00 16.99 ? 506 HOH B O   1 
HETATM 1603 O O   . HOH F 3 .  ? -11.938 -0.863  12.342  1.00 20.10 ? 507 HOH B O   1 
HETATM 1604 O O   . HOH F 3 .  ? -2.304  -13.487 -17.225 1.00 19.06 ? 508 HOH B O   1 
HETATM 1605 O O   . HOH F 3 .  ? -5.833  -6.223  -9.245  1.00 19.31 ? 509 HOH B O   1 
HETATM 1606 O O   . HOH F 3 .  ? -10.369 -7.723  12.585  1.00 15.78 ? 510 HOH B O   1 
HETATM 1607 O O   . HOH F 3 .  ? -4.322  -9.875  -2.599  1.00 24.11 ? 511 HOH B O   1 
HETATM 1608 O O   . HOH F 3 .  ? -29.635 -12.782 2.511   1.00 23.35 ? 512 HOH B O   1 
HETATM 1609 O O   . HOH F 3 .  ? -26.111 -1.811  1.671   1.00 22.92 ? 513 HOH B O   1 
HETATM 1610 O O   . HOH F 3 .  ? -25.228 -3.657  3.443   1.00 12.44 ? 514 HOH B O   1 
HETATM 1611 O O   . HOH F 3 .  ? -26.204 -1.054  15.793  1.00 16.94 ? 515 HOH B O   1 
HETATM 1612 O O   . HOH F 3 .  ? -18.117 -9.045  14.201  1.00 33.33 ? 516 HOH B O   1 
HETATM 1613 O O   . HOH F 3 .  ? -14.949 3.656   -4.541  1.00 20.26 ? 517 HOH B O   1 
HETATM 1614 O O   . HOH F 3 .  ? -7.303  -3.437  1.837   1.00 21.49 ? 518 HOH B O   1 
HETATM 1615 O O   . HOH F 3 .  ? -8.356  -26.829 2.298   1.00 30.57 ? 519 HOH B O   1 
HETATM 1616 O O   . HOH F 3 .  ? -19.097 -17.583 16.252  1.00 31.36 ? 520 HOH B O   1 
HETATM 1617 O O   . HOH F 3 .  ? -2.524  -11.265 7.895   1.00 26.37 ? 521 HOH B O   1 
HETATM 1618 O O   . HOH F 3 .  ? -29.552 -6.396  -1.046  1.00 15.94 ? 522 HOH B O   1 
HETATM 1619 O O   . HOH F 3 .  ? -5.949  -13.377 -3.517  1.00 21.89 ? 523 HOH B O   1 
HETATM 1620 O O   . HOH F 3 .  ? -22.201 -18.861 1.240   1.00 24.31 ? 524 HOH B O   1 
HETATM 1621 O O   . HOH F 3 .  ? -2.197  -2.588  -3.478  1.00 34.93 ? 525 HOH B O   1 
HETATM 1622 O O   . HOH F 3 .  ? -22.473 -15.873 -11.859 1.00 36.19 ? 526 HOH B O   1 
HETATM 1623 O O   . HOH F 3 .  ? -29.532 -10.105 8.786   1.00 31.07 ? 527 HOH B O   1 
HETATM 1624 O O   . HOH F 3 .  ? -19.184 -6.654  14.977  1.00 28.21 ? 528 HOH B O   1 
HETATM 1625 O O   . HOH F 3 .  ? -2.717  -17.940 -7.415  1.00 29.12 ? 529 HOH B O   1 
HETATM 1626 O O   . HOH F 3 .  ? -25.985 -5.753  21.053  1.00 34.82 ? 530 HOH B O   1 
HETATM 1627 O O   . HOH F 3 .  ? -4.090  -15.009 -9.585  1.00 34.17 ? 531 HOH B O   1 
HETATM 1628 O O   . HOH F 3 .  ? -14.769 4.760   5.929   1.00 28.27 ? 532 HOH B O   1 
HETATM 1629 O O   . HOH F 3 .  ? -24.371 -9.459  -10.520 1.00 30.91 ? 533 HOH B O   1 
HETATM 1630 O O   . HOH F 3 .  ? -29.762 -0.706  9.104   1.00 14.87 ? 534 HOH B O   1 
HETATM 1631 O O   . HOH F 3 .  ? -24.918 -2.292  -0.917  1.00 12.35 ? 535 HOH B O   1 
HETATM 1632 O O   . HOH F 3 .  ? -11.702 5.327   -3.247  1.00 32.39 ? 536 HOH B O   1 
HETATM 1633 O O   . HOH F 3 .  ? -1.400  -11.894 4.986   1.00 31.92 ? 537 HOH B O   1 
HETATM 1634 O O   . HOH F 3 .  ? -33.766 -8.674  27.333  1.00 29.02 ? 538 HOH B O   1 
HETATM 1635 O O   . HOH F 3 .  ? -30.040 -8.124  18.056  1.00 26.62 ? 539 HOH B O   1 
HETATM 1636 O O   . HOH F 3 .  ? -11.678 -27.051 2.136   1.00 32.97 ? 540 HOH B O   1 
HETATM 1637 O O   . HOH F 3 .  ? -12.610 -24.517 2.451   1.00 27.09 ? 541 HOH B O   1 
HETATM 1638 O O   . HOH F 3 .  ? -12.279 -29.187 0.736   1.00 21.07 ? 542 HOH B O   1 
HETATM 1639 O O   . HOH F 3 .  ? -21.920 -14.429 11.801  1.00 27.17 ? 543 HOH B O   1 
HETATM 1640 O O   . HOH F 3 .  ? -7.391  -8.667  -9.413  1.00 31.78 ? 544 HOH B O   1 
HETATM 1641 O O   . HOH F 3 .  ? -24.662 -3.161  21.056  1.00 37.13 ? 545 HOH B O   1 
HETATM 1642 O O   . HOH F 3 .  ? -20.657 2.748   13.208  1.00 39.79 ? 546 HOH B O   1 
HETATM 1643 O O   . HOH F 3 .  ? -14.172 -1.359  15.298  1.00 21.83 ? 547 HOH B O   1 
HETATM 1644 O O   . HOH F 3 .  ? -11.866 3.836   11.123  1.00 38.41 ? 548 HOH B O   1 
HETATM 1645 O O   . HOH F 3 .  ? -19.933 -17.534 0.086   1.00 23.44 ? 549 HOH B O   1 
HETATM 1646 O O   . HOH F 3 .  ? -27.589 -19.633 -0.936  1.00 26.00 ? 550 HOH B O   1 
HETATM 1647 O O   . HOH F 3 .  ? -18.409 4.757   19.287  1.00 37.94 ? 551 HOH B O   1 
HETATM 1648 O O   . HOH F 3 .  ? -21.826 -0.389  18.049  1.00 34.99 ? 552 HOH B O   1 
HETATM 1649 O O   . HOH F 3 .  ? -26.796 -7.722  15.549  1.00 33.05 ? 553 HOH B O   1 
HETATM 1650 O O   . HOH F 3 .  ? -22.822 -4.518  17.447  1.00 35.25 ? 554 HOH B O   1 
HETATM 1651 O O   . HOH F 3 .  ? -22.344 -19.659 3.746   1.00 36.92 ? 555 HOH B O   1 
HETATM 1652 O O   . HOH F 3 .  ? -32.322 -11.638 7.859   1.00 34.52 ? 556 HOH B O   1 
HETATM 1653 O O   . HOH F 3 .  ? -27.969 -11.329 6.895   1.00 27.23 ? 557 HOH B O   1 
HETATM 1654 O O   . HOH F 3 .  ? -21.828 -11.962 10.930  1.00 30.52 ? 558 HOH B O   1 
HETATM 1655 O O   . HOH F 3 .  ? -22.487 2.124   -0.193  1.00 28.76 ? 559 HOH B O   1 
HETATM 1656 O O   . HOH F 3 .  ? -26.464 -3.455  -2.710  1.00 31.21 ? 560 HOH B O   1 
HETATM 1657 O O   . HOH F 3 .  ? -29.139 -4.018  -1.990  1.00 39.14 ? 561 HOH B O   1 
HETATM 1658 O O   . HOH F 3 .  ? -3.453  -1.531  0.292   1.00 31.49 ? 562 HOH B O   1 
HETATM 1659 O O   . HOH F 3 .  ? -2.634  -3.712  3.323   1.00 35.00 ? 563 HOH B O   1 
HETATM 1660 O O   . HOH F 3 .  ? -11.751 -0.743  -10.232 1.00 37.38 ? 564 HOH B O   1 
HETATM 1661 O O   . HOH F 3 .  ? -27.771 -12.949 -3.845  1.00 29.32 ? 565 HOH B O   1 
HETATM 1662 O O   . HOH F 3 .  ? -23.278 -17.597 -8.054  1.00 39.41 ? 566 HOH B O   1 
HETATM 1663 O O   . HOH F 3 .  ? -7.921  -3.273  -15.067 1.00 25.38 ? 567 HOH B O   1 
HETATM 1664 O O   . HOH F 3 .  ? -14.092 0.375   -10.070 1.00 35.99 ? 568 HOH B O   1 
HETATM 1665 O O   . HOH F 3 .  ? -7.842  -14.029 -18.421 1.00 28.10 ? 569 HOH B O   1 
HETATM 1666 O O   . HOH F 3 .  ? -22.188 -11.189 -11.068 1.00 29.96 ? 570 HOH B O   1 
HETATM 1667 O O   . HOH F 3 .  ? -22.586 -13.124 -9.539  1.00 37.45 ? 571 HOH B O   1 
HETATM 1668 O O   . HOH F 3 .  ? -4.955  -5.423  8.664   1.00 35.15 ? 572 HOH B O   1 
HETATM 1669 O O   . HOH F 3 .  ? -33.891 -13.451 18.511  1.00 32.40 ? 573 HOH B O   1 
HETATM 1670 O O   . HOH F 3 .  ? -5.310  -14.115 -16.769 1.00 30.58 ? 574 HOH B O   1 
# 
